data_5CEZ
#
_entry.id   5CEZ
#
_cell.length_a   127.978
_cell.length_b   127.978
_cell.length_c   316.124
_cell.angle_alpha   90.00
_cell.angle_beta   90.00
_cell.angle_gamma   120.00
#
_symmetry.space_group_name_H-M   'P 63'
#
loop_
_entity.id
_entity.type
_entity.pdbx_description
1 polymer 'Envelope glycoprotein gp160'
2 polymer 'Envelope glycoprotein gp160'
3 polymer '3H+109L Fab Light Chain'
4 polymer '3H+109L Fab Heavy Chain'
5 polymer '35022 Fab Heavy Chain'
6 polymer '35022 Fab Light Chain'
7 branched alpha-D-mannopyranose-(1-2)-alpha-D-mannopyranose-(1-2)-alpha-D-mannopyranose-(1-3)-[alpha-D-mannopyranose-(1-6)]beta-D-mannopyranose-(1-4)-2-acetamido-2-deoxy-beta-D-glucopyranose-(1-4)-2-acetamido-2-deoxy-beta-D-glucopyranose
8 branched 2-acetamido-2-deoxy-beta-D-glucopyranose-(1-4)-2-acetamido-2-deoxy-beta-D-glucopyranose
9 branched alpha-D-mannopyranose-(1-3)-[alpha-D-mannopyranose-(1-6)]beta-D-mannopyranose-(1-4)-2-acetamido-2-deoxy-beta-D-glucopyranose-(1-4)-2-acetamido-2-deoxy-beta-D-glucopyranose
10 branched alpha-D-mannopyranose-(1-3)-beta-D-mannopyranose-(1-4)-2-acetamido-2-deoxy-beta-D-glucopyranose-(1-4)-2-acetamido-2-deoxy-beta-D-glucopyranose
11 branched alpha-D-mannopyranose-(1-3)-alpha-D-mannopyranose-(1-6)-[alpha-D-mannopyranose-(1-3)]beta-D-mannopyranose-(1-4)-2-acetamido-2-deoxy-beta-D-glucopyranose-(1-4)-2-acetamido-2-deoxy-beta-D-glucopyranose
12 branched alpha-D-mannopyranose-(1-2)-alpha-D-mannopyranose-(1-2)-alpha-D-mannopyranose-(1-3)-[alpha-D-mannopyranose-(1-2)-alpha-D-mannopyranose-(1-6)-alpha-D-mannopyranose-(1-6)]beta-D-mannopyranose-(1-4)-2-acetamido-2-deoxy-beta-D-glucopyranose-(1-4)-2-acetamido-2-deoxy-beta-D-glucopyranose
13 non-polymer 2-acetamido-2-deoxy-beta-D-glucopyranose
14 non-polymer alpha-D-mannopyranose
#
loop_
_entity_poly.entity_id
_entity_poly.type
_entity_poly.pdbx_seq_one_letter_code
_entity_poly.pdbx_strand_id
1 'polypeptide(L)'
;ENLWVTVYYGVPVWKDAETTLFCASDAKAYETEKHNVWATHACVPTDPNPQEIHLENVTEEFNMWKNNMVEQMHTDIISL
WDQSLKPCVKLTPLCVTLQCTNVTNAITDDMRGELKNCSFNMTTELRDKKQKVYSLFYRLDVVQINENQGNRSNNSNKEY
RLINCNTSAITQACPKVSFEPIPIHYCAPAGFAILKCKDKKFNGTGPCPSVSTVQCTHGIKPVVSTQLLLNGSLAEEEVM
IRSENITNNAKNILVQFNTPVQINCTRPNNNTRKSIRIGPGQAFYATGDIIGDIRQAHCNVSKATWNETLGKVVKQLRKH
FGNNTIIRFANSSGGDLEVTTHSFNCGGEFFYCNTSGLFNSTWISNTSVQGSNSTGSNDSITLPCRIKQIINMWQRIGQA
MYAPPIQGVIRCVSNITGLILTRDGGSTNSTTETFRPGGGDMRDNWRSELYKYKVVKIEPLGVAPTRCKRRVVGRRRRRR
;
G
2 'polypeptide(L)'
;AVGIGAVFLGFLGAAGSTMGAASMTLTVQARNLLSGIVQQQSNLLRAPEAQQHLLKLTVWGIKQLQARVLAVERYLRDQQ
LLGIWGCSGKLICCTNVPWNSSWSNRNLSEIWDNMTWLQWDKEISNYTQIIYGLLEESQNQQEKNEQDLLALD
;
B
3 'polypeptide(L)'
;GSVTSYVRPLSVALGETASISCGRQALGSRAVQWYQHRPGQAPILLIYNNQDRPSGIPERFSGTPDINFGTRATLTISGV
EAGDEADYYCHMWDSRSGFSWSFGGATRLTVLGQPKAAPSVTLFPPSSEELQANKATLVCLISDFYPGAVTVAWKADSSP
VKAGVETTTPSKQSNNKYAASSYLSLTPEQWKSHKSYSCQVTHEGSTVEKTVAPTECS
;
L
4 'polypeptide(L)'
;QVQLQESGPGLVKPSETLSLTCTVSGGSISNYYWSWIRQSPGKGLEWIGYISDSESTNYNPSLKSRVIISVDTSKNQLSL
KLNSVTAADSAIYYCARAQQGKRIYGMVSFGEFFYYYYMDVWGKGTTVTVSSASTKGPSVFPLAPSSKSTSGGTAALGCL
VKDYFPEPVTVSWNSGALTSGVHTFPAVLQSSGLYSLSSVVTVPSSSLGTQTYICNVNHKPSNTKVDKKVEPKSCD
;
H
5 'polypeptide(L)'
;EGQLVQSGAELKKPGASVKISCKTSGYRFNFYHINWIRQTAGRGPEWMGWISPYSGDKNLAPAFQDRVIMTTDTEVPVTS
FTSTGAAYMEIRNLKFDDTGTYFCAKGLLRDGSSTWLPYLWGQGTLLTVSSASTKGPSVFPLAPSSKSTSGGTAALGCLV
KDYFPEPVTVSWNSGALTSGVHTFPAVLQSSGLYSLSSVVTVPSSSLGTQTYICNVNHKPSNTKVDKRVEPKSCDKGLEV
;
D
6 'polypeptide(L)'
;QSVLTQSASVSGSLGQSVTISCTGPNSVCCSHKSISWYQWPPGRAPTLIIYEDNERAPGISPRFSGYKSYWSAYLTISDL
RPEDETTYYCCSYTHNSGCVFGTGTKVSVLGQSKANPSVTLFPPSSEELQANKATLVCLISDFYPGAVTVAWKADSSPVK
AGVETTTPSKQSNNKYAASSYLSLTPEQWKSHRSYSCQVTHEGSTVEKTVAPTECS
;
E
#
# COMPACT_ATOMS: atom_id res chain seq x y z
N GLU A 1 47.91 24.33 -34.48
CA GLU A 1 47.30 23.44 -35.46
C GLU A 1 47.83 22.02 -35.35
N ASN A 2 48.80 21.82 -34.46
CA ASN A 2 49.37 20.50 -34.19
C ASN A 2 48.77 19.96 -32.90
N LEU A 3 48.05 18.84 -33.01
CA LEU A 3 47.37 18.24 -31.87
C LEU A 3 48.11 16.98 -31.41
N TRP A 4 48.21 16.83 -30.09
CA TRP A 4 48.87 15.68 -29.48
C TRP A 4 47.97 15.12 -28.39
N VAL A 5 47.97 13.79 -28.25
CA VAL A 5 47.20 13.16 -27.21
C VAL A 5 47.84 13.45 -25.85
N THR A 6 47.00 13.62 -24.84
CA THR A 6 47.46 13.85 -23.48
C THR A 6 46.61 13.01 -22.53
N VAL A 7 47.26 12.38 -21.56
CA VAL A 7 46.59 11.45 -20.66
C VAL A 7 46.00 12.21 -19.48
N TYR A 8 44.76 11.87 -19.14
CA TYR A 8 44.07 12.44 -17.99
C TYR A 8 43.63 11.30 -17.07
N TYR A 9 44.06 11.36 -15.82
CA TYR A 9 43.74 10.33 -14.84
C TYR A 9 42.73 10.89 -13.84
N GLY A 10 41.61 10.20 -13.69
CA GLY A 10 40.56 10.66 -12.80
C GLY A 10 39.46 11.42 -13.51
N VAL A 11 39.13 11.01 -14.73
CA VAL A 11 38.08 11.66 -15.51
C VAL A 11 36.71 11.10 -15.08
N PRO A 12 35.68 11.94 -15.00
CA PRO A 12 34.35 11.43 -14.63
C PRO A 12 33.74 10.57 -15.72
N VAL A 13 34.17 9.32 -15.81
CA VAL A 13 33.66 8.36 -16.78
C VAL A 13 33.30 7.08 -16.03
N TRP A 14 32.13 6.52 -16.37
CA TRP A 14 31.68 5.28 -15.76
C TRP A 14 31.02 4.40 -16.82
N LYS A 15 30.98 3.10 -16.54
CA LYS A 15 30.30 2.13 -17.38
C LYS A 15 29.47 1.20 -16.51
N ASP A 16 28.40 0.66 -17.08
CA ASP A 16 27.54 -0.27 -16.35
C ASP A 16 28.33 -1.52 -15.98
N ALA A 17 28.27 -1.89 -14.71
CA ALA A 17 29.05 -3.03 -14.22
C ALA A 17 28.30 -3.73 -13.10
N GLU A 18 28.51 -5.04 -13.01
CA GLU A 18 28.02 -5.86 -11.91
C GLU A 18 29.22 -6.31 -11.08
N THR A 19 29.23 -5.95 -9.81
CA THR A 19 30.31 -6.34 -8.90
C THR A 19 29.71 -6.82 -7.59
N THR A 20 30.55 -7.39 -6.74
CA THR A 20 30.11 -7.92 -5.46
C THR A 20 30.06 -6.79 -4.44
N LEU A 21 28.85 -6.43 -4.00
CA LEU A 21 28.65 -5.41 -2.99
C LEU A 21 28.74 -6.03 -1.60
N PHE A 22 28.85 -5.16 -0.59
CA PHE A 22 28.90 -5.61 0.79
C PHE A 22 27.95 -4.78 1.65
N CYS A 23 27.71 -5.29 2.85
CA CYS A 23 26.75 -4.74 3.79
C CYS A 23 27.35 -3.61 4.61
N ALA A 24 26.48 -2.80 5.18
CA ALA A 24 26.88 -1.81 6.18
C ALA A 24 25.66 -1.45 7.03
N SER A 25 25.83 -1.46 8.34
CA SER A 25 24.74 -1.14 9.24
C SER A 25 25.31 -0.53 10.52
N ASP A 26 24.59 0.44 11.06
CA ASP A 26 25.02 1.08 12.30
C ASP A 26 25.04 0.06 13.44
N ALA A 27 26.02 0.19 14.33
CA ALA A 27 26.26 -0.78 15.38
C ALA A 27 25.41 -0.46 16.60
N LYS A 28 24.53 -1.39 16.97
CA LYS A 28 23.83 -1.37 18.24
C LYS A 28 24.38 -2.51 19.09
N ALA A 29 24.90 -2.16 20.27
CA ALA A 29 25.50 -3.17 21.15
C ALA A 29 24.55 -4.33 21.36
N TYR A 30 23.31 -4.04 21.74
CA TYR A 30 22.30 -5.06 22.00
C TYR A 30 22.86 -6.13 22.93
N GLU A 31 23.56 -5.67 23.97
CA GLU A 31 24.22 -6.59 24.89
C GLU A 31 23.23 -7.56 25.52
N THR A 32 21.96 -7.17 25.63
CA THR A 32 20.99 -8.09 26.19
C THR A 32 20.61 -9.14 25.15
N GLU A 33 19.98 -8.73 24.04
CA GLU A 33 19.58 -9.68 23.00
C GLU A 33 20.30 -9.38 21.69
N LYS A 34 20.63 -10.44 20.95
CA LYS A 34 21.70 -10.33 19.98
C LYS A 34 21.39 -11.10 18.70
N HIS A 35 22.33 -10.96 17.75
CA HIS A 35 22.59 -11.95 16.71
C HIS A 35 21.38 -12.16 15.79
N ASN A 36 20.72 -11.08 15.40
CA ASN A 36 19.78 -11.18 14.28
C ASN A 36 20.57 -11.52 13.02
N VAL A 37 19.97 -12.37 12.17
CA VAL A 37 20.74 -13.04 11.13
C VAL A 37 21.43 -12.04 10.21
N TRP A 38 20.79 -10.90 9.95
CA TRP A 38 21.32 -9.98 8.95
C TRP A 38 22.52 -9.20 9.48
N ALA A 39 22.40 -8.63 10.68
CA ALA A 39 23.56 -7.98 11.29
C ALA A 39 24.67 -8.96 11.63
N THR A 40 24.34 -10.25 11.80
CA THR A 40 25.33 -11.28 12.11
C THR A 40 26.12 -10.93 13.37
N HIS A 41 27.25 -11.60 13.58
CA HIS A 41 28.21 -11.10 14.57
C HIS A 41 28.68 -9.71 14.20
N ALA A 42 28.77 -9.43 12.90
CA ALA A 42 29.35 -8.20 12.38
C ALA A 42 28.73 -7.85 11.04
N CYS A 43 28.38 -6.58 10.88
CA CYS A 43 28.24 -5.92 9.58
C CYS A 43 28.87 -4.54 9.70
N VAL A 44 29.66 -4.16 8.69
CA VAL A 44 30.51 -2.98 8.74
C VAL A 44 29.70 -1.78 9.20
N PRO A 45 30.14 -1.01 10.18
CA PRO A 45 29.35 0.14 10.63
C PRO A 45 29.26 1.22 9.57
N THR A 46 28.11 1.89 9.54
CA THR A 46 27.90 2.98 8.60
C THR A 46 28.81 4.16 8.95
N ASP A 47 29.14 4.95 7.94
CA ASP A 47 29.83 6.21 8.19
C ASP A 47 28.94 7.10 9.05
N PRO A 48 29.52 7.90 9.95
CA PRO A 48 28.69 8.79 10.78
C PRO A 48 27.78 9.69 9.97
N ASN A 49 28.28 10.23 8.86
CA ASN A 49 27.48 11.06 7.96
C ASN A 49 27.70 10.55 6.54
N PRO A 50 26.65 10.14 5.83
CA PRO A 50 26.82 9.74 4.44
C PRO A 50 26.86 10.94 3.50
N GLN A 51 27.58 10.76 2.39
CA GLN A 51 27.74 11.80 1.39
C GLN A 51 26.91 11.46 0.16
N GLU A 52 25.90 12.29 -0.13
CA GLU A 52 25.13 12.21 -1.35
C GLU A 52 25.51 13.40 -2.21
N ILE A 53 26.14 13.14 -3.34
CA ILE A 53 26.70 14.19 -4.19
C ILE A 53 25.84 14.30 -5.44
N HIS A 54 25.17 15.44 -5.59
CA HIS A 54 24.34 15.68 -6.75
C HIS A 54 25.20 15.86 -8.00
N LEU A 55 24.72 15.33 -9.12
CA LEU A 55 25.44 15.37 -10.39
C LEU A 55 24.61 16.21 -11.36
N GLU A 56 24.99 17.47 -11.50
CA GLU A 56 24.30 18.37 -12.39
C GLU A 56 24.39 17.88 -13.81
N ASN A 57 23.30 17.99 -14.55
CA ASN A 57 23.32 17.88 -16.00
C ASN A 57 23.35 16.44 -16.42
N VAL A 58 23.32 15.55 -15.45
CA VAL A 58 23.62 14.16 -15.74
C VAL A 58 22.31 13.45 -15.96
N THR A 59 22.22 12.73 -17.06
CA THR A 59 21.02 11.96 -17.35
C THR A 59 21.45 10.54 -17.65
N GLU A 60 21.00 9.60 -16.83
CA GLU A 60 21.42 8.21 -16.94
C GLU A 60 20.21 7.31 -17.05
N GLU A 61 20.32 6.25 -17.85
CA GLU A 61 19.24 5.30 -18.04
C GLU A 61 19.23 4.29 -16.90
N PHE A 62 18.06 4.07 -16.31
CA PHE A 62 17.87 3.07 -15.28
C PHE A 62 16.97 1.95 -15.77
N ASN A 63 17.16 0.75 -15.22
CA ASN A 63 16.28 -0.38 -15.48
C ASN A 63 16.23 -1.21 -14.20
N MET A 64 15.12 -1.09 -13.46
CA MET A 64 14.98 -1.82 -12.21
C MET A 64 14.76 -3.31 -12.41
N TRP A 65 14.36 -3.73 -13.62
CA TRP A 65 14.05 -5.13 -13.88
C TRP A 65 15.27 -5.93 -14.33
N LYS A 66 16.25 -5.28 -14.95
CA LYS A 66 17.51 -5.92 -15.28
C LYS A 66 18.60 -5.63 -14.25
N ASN A 67 18.21 -5.26 -13.03
CA ASN A 67 19.18 -4.90 -12.00
C ASN A 67 19.76 -6.14 -11.34
N ASN A 68 21.08 -6.12 -11.13
CA ASN A 68 21.75 -7.23 -10.47
C ASN A 68 21.80 -7.08 -8.96
N MET A 69 21.67 -5.86 -8.43
CA MET A 69 21.58 -5.67 -6.99
C MET A 69 20.43 -6.49 -6.40
N VAL A 70 19.36 -6.69 -7.18
CA VAL A 70 18.23 -7.50 -6.71
C VAL A 70 18.67 -8.96 -6.55
N GLU A 71 19.29 -9.52 -7.58
CA GLU A 71 19.72 -10.91 -7.52
C GLU A 71 20.76 -11.13 -6.43
N GLN A 72 21.66 -10.17 -6.24
CA GLN A 72 22.64 -10.28 -5.17
C GLN A 72 21.97 -10.28 -3.81
N MET A 73 21.07 -9.33 -3.56
CA MET A 73 20.35 -9.28 -2.29
C MET A 73 19.55 -10.56 -2.08
N HIS A 74 18.94 -11.08 -3.13
CA HIS A 74 18.15 -12.31 -3.02
C HIS A 74 19.00 -13.47 -2.52
N THR A 75 20.16 -13.68 -3.17
CA THR A 75 21.03 -14.76 -2.74
C THR A 75 21.62 -14.51 -1.37
N ASP A 76 21.77 -13.24 -0.99
CA ASP A 76 22.32 -12.91 0.32
C ASP A 76 21.35 -13.27 1.44
N ILE A 77 20.06 -12.96 1.26
CA ILE A 77 19.07 -13.32 2.27
C ILE A 77 18.99 -14.83 2.41
N ILE A 78 18.97 -15.54 1.28
CA ILE A 78 18.90 -17.00 1.31
C ILE A 78 20.10 -17.57 2.05
N SER A 79 21.30 -17.15 1.65
CA SER A 79 22.52 -17.69 2.24
C SER A 79 22.61 -17.33 3.73
N LEU A 80 22.20 -16.11 4.09
CA LEU A 80 22.18 -15.72 5.49
C LEU A 80 21.25 -16.61 6.30
N TRP A 81 20.08 -16.95 5.71
CA TRP A 81 19.13 -17.82 6.39
C TRP A 81 19.76 -19.16 6.72
N ASP A 82 20.49 -19.74 5.76
CA ASP A 82 21.14 -21.02 5.99
C ASP A 82 22.26 -20.91 7.02
N GLN A 83 23.04 -19.83 6.97
CA GLN A 83 24.14 -19.67 7.90
C GLN A 83 23.65 -19.55 9.35
N SER A 84 22.46 -18.98 9.54
CA SER A 84 21.89 -18.87 10.89
C SER A 84 21.21 -20.15 11.34
N LEU A 85 20.82 -21.03 10.41
CA LEU A 85 20.13 -22.27 10.77
C LEU A 85 21.10 -23.41 11.09
N LYS A 86 22.31 -23.39 10.52
CA LYS A 86 23.25 -24.50 10.70
C LYS A 86 23.49 -24.89 12.15
N PRO A 87 23.82 -23.99 13.08
CA PRO A 87 24.18 -24.42 14.43
C PRO A 87 23.00 -24.84 15.30
N CYS A 88 21.77 -24.61 14.86
CA CYS A 88 20.63 -24.82 15.74
C CYS A 88 20.23 -26.30 15.76
N VAL A 89 19.28 -26.61 16.65
CA VAL A 89 18.88 -27.99 16.91
C VAL A 89 18.01 -28.50 15.78
N LYS A 90 18.40 -29.62 15.19
CA LYS A 90 17.62 -30.26 14.14
C LYS A 90 16.67 -31.29 14.77
N LEU A 91 15.39 -31.21 14.40
CA LEU A 91 14.36 -32.05 15.01
C LEU A 91 14.11 -33.31 14.20
N THR A 92 15.18 -34.05 13.91
CA THR A 92 15.03 -35.36 13.27
C THR A 92 14.21 -36.34 14.10
N PRO A 93 14.37 -36.44 15.43
CA PRO A 93 13.56 -37.42 16.17
C PRO A 93 12.11 -37.00 16.36
N LEU A 94 11.75 -35.74 16.05
CA LEU A 94 10.38 -35.29 16.26
C LEU A 94 9.40 -35.80 15.18
N CYS A 95 9.78 -36.69 14.25
CA CYS A 95 8.84 -37.26 13.29
C CYS A 95 8.15 -38.52 13.84
N VAL A 96 8.05 -38.67 15.17
CA VAL A 96 7.29 -39.78 15.73
C VAL A 96 5.80 -39.60 15.41
N THR A 97 5.08 -40.72 15.39
CA THR A 97 3.64 -40.68 15.19
C THR A 97 2.98 -39.94 16.35
N LEU A 98 2.09 -39.01 16.03
CA LEU A 98 1.44 -38.16 17.01
C LEU A 98 -0.01 -38.60 17.19
N GLN A 99 -0.44 -38.70 18.44
CA GLN A 99 -1.85 -38.88 18.76
C GLN A 99 -2.42 -37.56 19.24
N CYS A 100 -3.35 -36.99 18.47
CA CYS A 100 -3.78 -35.61 18.65
C CYS A 100 -5.28 -35.55 18.89
N THR A 101 -5.69 -34.63 19.77
CA THR A 101 -7.07 -34.24 19.93
C THR A 101 -7.17 -32.73 19.85
N ASN A 102 -8.38 -32.24 19.57
CA ASN A 102 -8.59 -30.81 19.46
C ASN A 102 -8.46 -30.14 20.82
N VAL A 103 -8.01 -28.90 20.80
CA VAL A 103 -7.96 -28.09 22.01
C VAL A 103 -9.36 -27.76 22.46
N THR A 104 -9.56 -27.66 23.76
CA THR A 104 -10.91 -27.64 24.29
C THR A 104 -11.62 -26.41 23.77
N ASN A 105 -12.85 -26.61 23.28
CA ASN A 105 -13.82 -25.54 23.15
C ASN A 105 -15.23 -26.12 23.10
N ALA A 106 -16.23 -25.29 23.33
CA ALA A 106 -17.53 -25.57 22.73
C ALA A 106 -17.38 -25.53 21.23
N ILE A 107 -17.93 -26.53 20.55
CA ILE A 107 -17.62 -26.70 19.14
C ILE A 107 -18.54 -25.84 18.29
N THR A 108 -18.43 -24.52 18.48
CA THR A 108 -19.06 -23.58 17.57
C THR A 108 -18.08 -23.01 16.55
N ASP A 109 -16.84 -23.46 16.60
CA ASP A 109 -15.79 -22.84 15.80
C ASP A 109 -15.02 -23.93 15.06
N GLY A 113 -12.11 -25.24 14.94
CA GLY A 113 -11.00 -24.98 15.84
C GLY A 113 -9.71 -25.61 15.38
N GLU A 114 -8.84 -24.82 14.76
CA GLU A 114 -7.69 -25.36 14.05
C GLU A 114 -6.70 -26.08 14.95
N LEU A 115 -6.37 -25.48 16.08
CA LEU A 115 -5.21 -25.92 16.84
C LEU A 115 -5.45 -27.23 17.55
N LYS A 116 -4.42 -28.04 17.67
CA LYS A 116 -4.59 -29.41 18.13
C LYS A 116 -3.65 -29.81 19.25
N ASN A 117 -4.17 -30.53 20.22
CA ASN A 117 -3.41 -31.05 21.35
C ASN A 117 -2.83 -32.40 20.97
N CYS A 118 -1.49 -32.49 20.90
CA CYS A 118 -0.82 -33.67 20.37
C CYS A 118 0.09 -34.29 21.43
N SER A 119 -0.14 -35.56 21.73
CA SER A 119 0.74 -36.34 22.59
C SER A 119 1.59 -37.28 21.74
N PHE A 120 2.85 -37.47 22.15
CA PHE A 120 3.78 -38.28 21.39
C PHE A 120 4.92 -38.71 22.31
N ASN A 121 5.55 -39.82 21.93
CA ASN A 121 6.78 -40.22 22.59
C ASN A 121 7.94 -39.37 22.11
N MET A 122 8.99 -39.31 22.92
CA MET A 122 10.17 -38.54 22.57
C MET A 122 11.38 -39.14 23.28
N THR A 123 12.49 -39.23 22.55
CA THR A 123 13.74 -39.63 23.17
C THR A 123 14.10 -38.64 24.28
N THR A 124 14.57 -39.18 25.40
CA THR A 124 15.06 -38.35 26.50
C THR A 124 16.53 -38.04 26.24
N GLU A 125 17.27 -37.69 27.30
CA GLU A 125 18.70 -37.45 27.15
C GLU A 125 19.47 -38.76 27.16
N LEU A 126 19.18 -39.64 28.11
CA LEU A 126 19.72 -40.99 28.08
C LEU A 126 19.12 -41.75 26.90
N ARG A 127 20.00 -42.41 26.14
CA ARG A 127 19.56 -43.04 24.90
C ARG A 127 18.49 -44.09 25.13
N ASP A 128 18.60 -44.84 26.22
CA ASP A 128 17.68 -45.95 26.46
C ASP A 128 16.31 -45.48 26.93
N LYS A 129 16.25 -44.38 27.69
CA LYS A 129 14.98 -43.93 28.26
C LYS A 129 14.15 -43.17 27.24
N LYS A 130 12.83 -43.25 27.40
CA LYS A 130 11.88 -42.51 26.58
C LYS A 130 10.91 -41.76 27.48
N GLN A 131 10.30 -40.71 26.93
CA GLN A 131 9.33 -39.90 27.63
C GLN A 131 8.13 -39.66 26.73
N LYS A 132 6.94 -39.61 27.32
CA LYS A 132 5.74 -39.21 26.62
C LYS A 132 5.43 -37.77 27.01
N VAL A 133 5.54 -36.86 26.05
CA VAL A 133 5.27 -35.45 26.25
C VAL A 133 4.16 -35.04 25.29
N TYR A 134 3.60 -33.85 25.53
CA TYR A 134 2.57 -33.30 24.67
C TYR A 134 2.94 -31.88 24.28
N SER A 135 2.58 -31.51 23.05
CA SER A 135 2.79 -30.17 22.55
C SER A 135 1.57 -29.74 21.75
N LEU A 136 1.42 -28.43 21.61
CA LEU A 136 0.34 -27.85 20.83
C LEU A 136 0.84 -27.54 19.42
N PHE A 137 0.11 -28.01 18.42
CA PHE A 137 0.47 -27.81 17.03
C PHE A 137 -0.71 -27.23 16.27
N TYR A 138 -0.45 -26.19 15.48
CA TYR A 138 -1.46 -25.67 14.59
C TYR A 138 -1.79 -26.71 13.52
N ARG A 139 -3.02 -26.66 13.00
CA ARG A 139 -3.49 -27.71 12.10
C ARG A 139 -2.62 -27.82 10.86
N LEU A 140 -2.08 -26.69 10.38
CA LEU A 140 -1.33 -26.69 9.13
C LEU A 140 -0.03 -27.48 9.23
N ASP A 141 0.54 -27.58 10.43
CA ASP A 141 1.81 -28.27 10.62
C ASP A 141 1.69 -29.78 10.59
N VAL A 142 0.49 -30.34 10.76
CA VAL A 142 0.31 -31.77 10.94
C VAL A 142 -0.70 -32.29 9.92
N VAL A 143 -0.51 -33.55 9.53
CA VAL A 143 -1.43 -34.27 8.67
C VAL A 143 -1.67 -35.66 9.23
N GLN A 144 -2.86 -36.19 9.00
CA GLN A 144 -3.24 -37.50 9.50
C GLN A 144 -2.91 -38.59 8.48
N ILE A 145 -2.70 -39.81 8.98
CA ILE A 145 -2.35 -40.94 8.13
C ILE A 145 -3.46 -41.98 8.18
N ASN A 146 -3.73 -42.50 9.38
CA ASN A 146 -4.79 -43.49 9.59
C ASN A 146 -5.89 -42.98 10.51
N SER A 156 -6.56 -43.14 14.04
CA SER A 156 -7.18 -44.08 14.97
C SER A 156 -7.59 -43.43 16.29
N ASN A 157 -6.80 -42.46 16.75
CA ASN A 157 -7.06 -41.82 18.04
C ASN A 157 -7.21 -40.27 18.15
N LYS A 158 -6.84 -39.44 17.17
CA LYS A 158 -6.33 -39.78 15.84
C LYS A 158 -4.80 -39.80 15.78
N GLU A 159 -4.25 -40.38 14.72
CA GLU A 159 -2.81 -40.44 14.51
C GLU A 159 -2.39 -39.37 13.51
N TYR A 160 -1.28 -38.70 13.80
CA TYR A 160 -0.83 -37.57 13.01
C TYR A 160 0.69 -37.62 12.83
N ARG A 161 1.17 -36.81 11.88
CA ARG A 161 2.58 -36.60 11.65
C ARG A 161 2.77 -35.15 11.22
N LEU A 162 4.00 -34.65 11.34
CA LEU A 162 4.30 -33.31 10.86
C LEU A 162 4.29 -33.29 9.33
N ILE A 163 3.82 -32.18 8.76
CA ILE A 163 3.63 -32.10 7.31
C ILE A 163 4.95 -32.26 6.57
N ASN A 164 6.06 -31.84 7.19
CA ASN A 164 7.36 -31.84 6.52
C ASN A 164 8.00 -33.22 6.44
N CYS A 165 7.57 -34.19 7.25
CA CYS A 165 8.39 -35.39 7.43
C CYS A 165 8.52 -36.20 6.14
N ASN A 166 7.58 -36.09 5.21
CA ASN A 166 7.74 -36.86 3.97
C ASN A 166 8.42 -36.08 2.86
N THR A 167 8.54 -34.76 2.99
CA THR A 167 9.26 -33.99 1.97
C THR A 167 10.72 -33.77 2.34
N SER A 168 11.00 -33.44 3.59
CA SER A 168 12.34 -32.97 3.94
C SER A 168 12.58 -33.11 5.44
N ALA A 169 13.84 -32.91 5.82
CA ALA A 169 14.21 -32.81 7.23
C ALA A 169 13.80 -31.46 7.79
N ILE A 170 13.98 -31.28 9.09
CA ILE A 170 13.55 -30.08 9.78
C ILE A 170 14.59 -29.68 10.82
N THR A 171 14.73 -28.38 11.02
CA THR A 171 15.62 -27.84 12.04
C THR A 171 14.92 -26.68 12.74
N GLN A 172 15.18 -26.55 14.04
CA GLN A 172 14.47 -25.60 14.89
C GLN A 172 15.27 -24.31 14.98
N ALA A 173 14.62 -23.19 14.66
CA ALA A 173 15.27 -21.90 14.77
C ALA A 173 15.72 -21.64 16.20
N CYS A 174 16.98 -21.23 16.35
CA CYS A 174 17.50 -20.91 17.68
C CYS A 174 16.64 -19.83 18.33
N PRO A 175 16.37 -19.92 19.63
CA PRO A 175 15.45 -18.95 20.25
C PRO A 175 16.02 -17.55 20.34
N LYS A 176 17.35 -17.41 20.43
CA LYS A 176 17.94 -16.09 20.65
C LYS A 176 17.81 -15.20 19.43
N VAL A 177 18.05 -15.75 18.23
CA VAL A 177 18.06 -14.94 17.02
C VAL A 177 16.67 -14.37 16.77
N SER A 178 16.63 -13.15 16.24
CA SER A 178 15.39 -12.42 16.02
C SER A 178 15.16 -12.23 14.52
N PHE A 179 13.90 -12.33 14.11
CA PHE A 179 13.51 -12.15 12.73
C PHE A 179 13.15 -10.71 12.40
N GLU A 180 13.40 -9.79 13.32
CA GLU A 180 13.08 -8.38 13.09
C GLU A 180 13.98 -7.81 12.01
N PRO A 181 13.42 -7.26 10.93
CA PRO A 181 14.28 -6.66 9.89
C PRO A 181 14.88 -5.35 10.37
N ILE A 182 16.19 -5.22 10.22
CA ILE A 182 16.88 -3.98 10.55
C ILE A 182 17.42 -3.38 9.27
N PRO A 183 17.60 -2.05 9.19
CA PRO A 183 18.06 -1.44 7.94
C PRO A 183 19.47 -1.91 7.57
N ILE A 184 19.62 -2.32 6.31
CA ILE A 184 20.90 -2.78 5.77
C ILE A 184 21.27 -1.92 4.57
N HIS A 185 22.45 -1.29 4.64
CA HIS A 185 22.95 -0.45 3.57
C HIS A 185 23.88 -1.27 2.67
N TYR A 186 23.54 -1.34 1.39
CA TYR A 186 24.38 -2.01 0.40
C TYR A 186 25.41 -1.01 -0.13
N CYS A 187 26.69 -1.35 0.00
CA CYS A 187 27.79 -0.49 -0.38
C CYS A 187 28.58 -1.11 -1.52
N ALA A 188 29.12 -0.25 -2.39
CA ALA A 188 29.99 -0.63 -3.49
C ALA A 188 31.45 -0.46 -3.12
N PRO A 189 32.34 -1.29 -3.63
CA PRO A 189 33.76 -1.15 -3.32
C PRO A 189 34.36 0.07 -4.01
N ALA A 190 35.58 0.39 -3.60
CA ALA A 190 36.31 1.50 -4.22
C ALA A 190 36.53 1.22 -5.70
N GLY A 191 36.50 2.28 -6.51
CA GLY A 191 36.53 2.15 -7.94
C GLY A 191 35.17 1.96 -8.58
N PHE A 192 34.14 1.67 -7.79
CA PHE A 192 32.76 1.60 -8.25
C PHE A 192 31.94 2.68 -7.55
N ALA A 193 30.71 2.86 -8.01
CA ALA A 193 29.83 3.87 -7.43
C ALA A 193 28.39 3.44 -7.64
N ILE A 194 27.50 4.00 -6.81
CA ILE A 194 26.07 3.79 -6.89
C ILE A 194 25.41 5.07 -7.37
N LEU A 195 24.61 4.99 -8.42
CA LEU A 195 23.85 6.12 -8.93
C LEU A 195 22.41 6.01 -8.46
N LYS A 196 21.86 7.14 -7.99
CA LYS A 196 20.55 7.19 -7.37
C LYS A 196 19.67 8.17 -8.12
N CYS A 197 18.52 7.68 -8.60
CA CYS A 197 17.57 8.52 -9.30
C CYS A 197 16.71 9.27 -8.29
N LYS A 198 16.68 10.60 -8.40
CA LYS A 198 15.91 11.46 -7.50
C LYS A 198 14.68 12.04 -8.17
N ASP A 199 14.26 11.46 -9.29
CA ASP A 199 13.05 11.91 -9.98
C ASP A 199 11.82 11.43 -9.23
N LYS A 200 10.97 12.37 -8.82
CA LYS A 200 9.78 12.02 -8.05
C LYS A 200 8.81 11.21 -8.90
N LYS A 201 8.51 11.69 -10.10
CA LYS A 201 7.62 11.03 -11.05
C LYS A 201 8.30 9.92 -11.84
N PHE A 202 9.43 9.41 -11.36
CA PHE A 202 10.26 8.49 -12.13
C PHE A 202 9.51 7.19 -12.45
N ASN A 203 9.36 6.91 -13.75
CA ASN A 203 8.91 5.59 -14.18
C ASN A 203 9.91 4.54 -13.73
N GLY A 204 9.49 3.27 -13.76
CA GLY A 204 10.40 2.21 -13.38
C GLY A 204 11.71 2.25 -14.15
N THR A 205 11.61 2.31 -15.48
CA THR A 205 12.77 2.34 -16.35
C THR A 205 12.73 3.57 -17.23
N GLY A 206 13.92 4.05 -17.62
CA GLY A 206 14.03 5.17 -18.51
C GLY A 206 15.11 6.15 -18.08
N PRO A 207 15.24 7.26 -18.81
CA PRO A 207 16.25 8.27 -18.46
C PRO A 207 15.80 9.11 -17.27
N CYS A 208 16.68 9.21 -16.26
CA CYS A 208 16.39 9.96 -15.05
C CYS A 208 17.06 11.32 -15.12
N PRO A 209 16.31 12.42 -15.16
CA PRO A 209 16.95 13.73 -15.33
C PRO A 209 17.73 14.21 -14.12
N SER A 210 17.37 13.77 -12.91
CA SER A 210 18.01 14.21 -11.68
C SER A 210 18.68 13.01 -11.02
N VAL A 211 20.02 12.99 -11.03
CA VAL A 211 20.79 11.86 -10.55
C VAL A 211 21.84 12.36 -9.57
N SER A 212 21.97 11.68 -8.43
CA SER A 212 23.05 11.89 -7.48
C SER A 212 23.77 10.56 -7.24
N THR A 213 25.00 10.65 -6.73
CA THR A 213 25.84 9.48 -6.52
C THR A 213 26.08 9.28 -5.03
N VAL A 214 26.12 8.02 -4.61
CA VAL A 214 26.31 7.67 -3.20
C VAL A 214 27.21 6.45 -3.12
N GLN A 215 27.90 6.32 -1.99
CA GLN A 215 28.72 5.13 -1.77
C GLN A 215 27.89 3.97 -1.23
N CYS A 216 26.81 4.26 -0.52
CA CYS A 216 25.94 3.24 0.04
C CYS A 216 24.49 3.67 -0.09
N THR A 217 23.61 2.69 -0.26
CA THR A 217 22.19 2.96 -0.38
C THR A 217 21.60 3.37 0.97
N HIS A 218 20.32 3.71 0.98
CA HIS A 218 19.63 4.02 2.22
C HIS A 218 19.39 2.73 3.01
N GLY A 219 18.95 2.90 4.26
CA GLY A 219 18.64 1.76 5.10
C GLY A 219 17.47 0.97 4.58
N ILE A 220 17.74 -0.21 4.03
CA ILE A 220 16.71 -1.06 3.46
C ILE A 220 16.41 -2.19 4.44
N LYS A 221 15.17 -2.22 4.93
CA LYS A 221 14.75 -3.32 5.81
C LYS A 221 14.36 -4.52 4.96
N PRO A 222 14.98 -5.71 5.18
CA PRO A 222 14.61 -6.91 4.40
C PRO A 222 13.33 -7.55 4.92
N VAL A 223 12.21 -6.88 4.69
CA VAL A 223 10.91 -7.36 5.14
C VAL A 223 10.44 -8.47 4.21
N VAL A 224 10.35 -9.69 4.72
CA VAL A 224 9.82 -10.81 3.96
C VAL A 224 8.30 -10.74 4.01
N SER A 225 7.67 -10.62 2.84
CA SER A 225 6.25 -10.36 2.77
C SER A 225 5.69 -10.94 1.47
N THR A 226 4.36 -11.07 1.45
CA THR A 226 3.61 -11.49 0.27
C THR A 226 2.42 -10.57 0.12
N GLN A 227 1.97 -10.39 -1.13
CA GLN A 227 0.91 -9.43 -1.46
C GLN A 227 1.37 -8.01 -1.13
N LEU A 228 0.82 -7.41 -0.09
CA LEU A 228 1.12 -6.02 0.23
C LEU A 228 2.53 -5.88 0.80
N LEU A 229 3.22 -4.82 0.39
CA LEU A 229 4.56 -4.54 0.87
C LEU A 229 4.50 -3.76 2.19
N LEU A 230 5.40 -4.09 3.11
CA LEU A 230 5.37 -3.59 4.47
C LEU A 230 6.64 -2.83 4.80
N ASN A 231 6.49 -1.73 5.54
CA ASN A 231 7.61 -0.97 6.11
C ASN A 231 8.60 -0.49 5.05
N GLY A 232 8.14 -0.31 3.82
CA GLY A 232 8.98 0.20 2.76
C GLY A 232 9.08 1.71 2.80
N SER A 233 9.57 2.27 1.70
CA SER A 233 9.64 3.71 1.51
C SER A 233 8.51 4.16 0.59
N LEU A 234 7.98 5.35 0.86
CA LEU A 234 6.83 5.89 0.14
C LEU A 234 7.30 6.85 -0.95
N ALA A 235 6.67 6.74 -2.12
CA ALA A 235 6.96 7.66 -3.20
C ALA A 235 6.40 9.05 -2.87
N GLU A 236 7.17 10.08 -3.20
CA GLU A 236 6.69 11.44 -3.00
C GLU A 236 5.74 11.83 -4.13
N GLU A 237 4.92 12.86 -3.88
CA GLU A 237 3.86 13.30 -4.78
C GLU A 237 2.88 12.18 -5.07
N GLU A 238 2.77 11.82 -6.34
CA GLU A 238 1.77 10.83 -6.68
C GLU A 238 2.27 9.41 -6.38
N VAL A 239 1.33 8.49 -6.16
CA VAL A 239 1.70 7.09 -6.03
C VAL A 239 2.22 6.60 -7.39
N MET A 240 3.08 5.58 -7.34
CA MET A 240 3.80 5.14 -8.51
C MET A 240 3.39 3.72 -8.90
N ILE A 241 3.12 3.53 -10.18
CA ILE A 241 2.83 2.22 -10.76
C ILE A 241 4.03 1.83 -11.62
N ARG A 242 4.66 0.70 -11.28
CA ARG A 242 5.87 0.26 -11.96
C ARG A 242 5.70 -1.20 -12.38
N SER A 243 5.86 -1.45 -13.68
CA SER A 243 5.85 -2.80 -14.23
C SER A 243 7.09 -2.97 -15.11
N GLU A 244 7.34 -4.21 -15.54
CA GLU A 244 8.33 -4.43 -16.58
C GLU A 244 7.73 -4.20 -17.95
N ASN A 245 6.45 -4.51 -18.11
CA ASN A 245 5.68 -4.23 -19.31
C ASN A 245 4.22 -4.29 -18.90
N ILE A 246 3.53 -3.15 -19.02
CA ILE A 246 2.17 -3.05 -18.49
C ILE A 246 1.22 -3.96 -19.23
N THR A 247 1.32 -4.00 -20.57
CA THR A 247 0.36 -4.73 -21.38
C THR A 247 0.49 -6.25 -21.26
N ASN A 248 1.58 -6.75 -20.68
CA ASN A 248 1.76 -8.19 -20.50
C ASN A 248 1.22 -8.60 -19.13
N ASN A 249 0.24 -9.49 -19.12
CA ASN A 249 -0.37 -9.94 -17.88
C ASN A 249 0.60 -10.75 -17.03
N ALA A 250 1.51 -11.51 -17.67
CA ALA A 250 2.38 -12.41 -16.93
C ALA A 250 3.32 -11.66 -16.00
N LYS A 251 3.72 -10.44 -16.38
CA LYS A 251 4.63 -9.65 -15.56
C LYS A 251 3.85 -8.93 -14.47
N ASN A 252 4.33 -9.06 -13.22
CA ASN A 252 3.63 -8.51 -12.08
C ASN A 252 3.65 -6.97 -12.12
N ILE A 253 2.91 -6.38 -11.19
CA ILE A 253 2.77 -4.92 -11.11
C ILE A 253 3.17 -4.46 -9.72
N LEU A 254 4.09 -3.51 -9.67
CA LEU A 254 4.56 -2.94 -8.41
C LEU A 254 3.84 -1.62 -8.16
N VAL A 255 3.29 -1.47 -6.95
CA VAL A 255 2.57 -0.26 -6.56
C VAL A 255 3.23 0.30 -5.30
N GLN A 256 3.51 1.60 -5.32
CA GLN A 256 4.11 2.29 -4.18
C GLN A 256 3.19 3.43 -3.77
N PHE A 257 2.81 3.45 -2.50
CA PHE A 257 1.91 4.48 -2.00
C PHE A 257 2.65 5.79 -1.75
N ASN A 258 1.90 6.89 -1.83
CA ASN A 258 2.40 8.16 -1.32
C ASN A 258 2.02 8.38 0.14
N THR A 259 0.89 7.83 0.56
CA THR A 259 0.42 7.87 1.94
C THR A 259 0.39 6.46 2.49
N PRO A 260 0.96 6.22 3.67
CA PRO A 260 0.95 4.87 4.23
C PRO A 260 -0.38 4.56 4.91
N VAL A 261 -0.83 3.33 4.74
CA VAL A 261 -1.95 2.81 5.48
C VAL A 261 -1.39 2.09 6.70
N GLN A 262 -2.19 2.00 7.75
CA GLN A 262 -1.77 1.33 8.98
C GLN A 262 -2.50 -0.01 9.09
N ILE A 263 -1.76 -1.05 9.47
CA ILE A 263 -2.32 -2.39 9.63
C ILE A 263 -1.82 -2.97 10.94
N ASN A 264 -2.75 -3.39 11.80
CA ASN A 264 -2.44 -3.97 13.10
C ASN A 264 -2.73 -5.46 13.07
N CYS A 265 -1.72 -6.27 13.38
CA CYS A 265 -1.86 -7.71 13.43
C CYS A 265 -1.59 -8.22 14.84
N THR A 266 -2.53 -8.97 15.40
CA THR A 266 -2.40 -9.50 16.75
C THR A 266 -2.74 -10.98 16.76
N ARG A 267 -1.99 -11.74 17.56
CA ARG A 267 -2.38 -13.10 17.92
C ARG A 267 -2.80 -13.08 19.38
N PRO A 268 -4.11 -13.07 19.67
CA PRO A 268 -4.57 -12.81 21.05
C PRO A 268 -4.27 -13.93 22.03
N ASN A 269 -4.04 -15.16 21.56
CA ASN A 269 -3.78 -16.27 22.46
C ASN A 269 -2.52 -16.04 23.27
N ASN A 270 -2.62 -16.31 24.57
CA ASN A 270 -1.55 -16.05 25.53
C ASN A 270 -0.77 -17.36 25.70
N ASN A 271 0.10 -17.64 24.72
CA ASN A 271 0.78 -18.92 24.64
C ASN A 271 1.86 -19.06 25.71
N THR A 272 2.31 -20.31 25.89
CA THR A 272 3.38 -20.63 26.82
C THR A 272 4.37 -21.56 26.15
N ARG A 273 5.64 -21.43 26.52
CA ARG A 273 6.73 -22.21 25.94
C ARG A 273 7.18 -23.28 26.93
N LYS A 274 7.22 -24.53 26.46
CA LYS A 274 7.63 -25.67 27.27
C LYS A 274 8.91 -26.24 26.69
N SER A 275 10.01 -26.09 27.42
CA SER A 275 11.30 -26.62 27.01
C SER A 275 11.42 -28.06 27.48
N ILE A 276 11.34 -29.00 26.54
CA ILE A 276 11.50 -30.43 26.83
C ILE A 276 12.81 -30.90 26.23
N ARG A 277 13.63 -31.55 27.05
CA ARG A 277 14.96 -31.97 26.63
C ARG A 277 14.88 -33.29 25.88
N ILE A 278 15.45 -33.31 24.67
CA ILE A 278 15.35 -34.44 23.77
C ILE A 278 16.71 -35.06 23.46
N GLY A 279 17.74 -34.70 24.21
CA GLY A 279 19.06 -35.24 24.02
C GLY A 279 20.11 -34.46 24.78
N PRO A 280 21.37 -34.90 24.71
CA PRO A 280 22.45 -34.14 25.33
C PRO A 280 22.64 -32.79 24.65
N GLY A 281 22.28 -31.72 25.34
CA GLY A 281 22.40 -30.40 24.77
C GLY A 281 21.16 -30.00 24.00
N GLN A 282 20.62 -30.93 23.23
CA GLN A 282 19.44 -30.66 22.42
C GLN A 282 18.25 -30.34 23.32
N ALA A 283 17.42 -29.39 22.86
CA ALA A 283 16.25 -28.97 23.63
C ALA A 283 15.18 -28.50 22.66
N PHE A 284 14.04 -29.19 22.66
CA PHE A 284 12.91 -28.81 21.82
C PHE A 284 11.98 -27.90 22.61
N TYR A 285 11.50 -26.85 21.95
CA TYR A 285 10.61 -25.86 22.56
C TYR A 285 9.19 -26.18 22.12
N ALA A 286 8.48 -26.95 22.95
CA ALA A 286 7.10 -27.30 22.69
C ALA A 286 6.19 -26.15 23.09
N THR A 287 4.98 -26.15 22.54
CA THR A 287 3.96 -25.18 22.90
C THR A 287 3.14 -25.74 24.05
N GLY A 288 3.21 -25.08 25.21
CA GLY A 288 2.38 -25.46 26.34
C GLY A 288 0.93 -25.08 26.12
N ASP A 289 0.12 -25.37 27.14
CA ASP A 289 -1.30 -25.10 27.05
C ASP A 289 -1.58 -23.60 27.04
N ILE A 290 -2.60 -23.19 26.30
CA ILE A 290 -2.96 -21.78 26.23
C ILE A 290 -3.55 -21.33 27.56
N ILE A 291 -3.24 -20.10 27.94
CA ILE A 291 -3.81 -19.49 29.15
C ILE A 291 -4.79 -18.42 28.70
N GLY A 292 -6.05 -18.58 29.11
CA GLY A 292 -7.09 -17.67 28.71
C GLY A 292 -7.91 -18.17 27.54
N ASP A 293 -8.54 -17.21 26.86
CA ASP A 293 -9.47 -17.52 25.79
C ASP A 293 -8.75 -18.05 24.55
N ILE A 294 -9.52 -18.69 23.68
CA ILE A 294 -9.03 -19.17 22.39
C ILE A 294 -9.56 -18.19 21.34
N ARG A 295 -8.67 -17.32 20.88
CA ARG A 295 -8.99 -16.35 19.84
C ARG A 295 -8.04 -16.54 18.67
N GLN A 296 -8.54 -16.35 17.45
CA GLN A 296 -7.70 -16.52 16.29
C GLN A 296 -7.08 -15.19 15.87
N ALA A 297 -5.91 -15.27 15.25
CA ALA A 297 -5.17 -14.07 14.87
C ALA A 297 -5.90 -13.32 13.76
N HIS A 298 -5.68 -12.01 13.72
CA HIS A 298 -6.40 -11.15 12.78
C HIS A 298 -5.60 -9.89 12.55
N CYS A 299 -6.04 -9.10 11.57
CA CYS A 299 -5.48 -7.79 11.28
C CYS A 299 -6.59 -6.85 10.85
N ASN A 300 -6.67 -5.67 11.46
CA ASN A 300 -7.58 -4.64 10.99
C ASN A 300 -6.83 -3.61 10.14
N VAL A 301 -7.57 -3.03 9.20
CA VAL A 301 -7.09 -1.93 8.35
C VAL A 301 -8.24 -0.94 8.24
N SER A 302 -7.97 0.32 8.58
CA SER A 302 -9.00 1.36 8.53
C SER A 302 -9.63 1.42 7.15
N LYS A 303 -10.96 1.23 7.10
CA LYS A 303 -11.65 1.14 5.81
C LYS A 303 -11.59 2.48 5.07
N ALA A 304 -11.64 3.59 5.81
CA ALA A 304 -11.58 4.90 5.16
C ALA A 304 -10.26 5.10 4.44
N THR A 305 -9.15 4.95 5.18
CA THR A 305 -7.83 5.17 4.59
C THR A 305 -7.56 4.18 3.46
N TRP A 306 -7.97 2.92 3.62
CA TRP A 306 -7.76 1.94 2.57
C TRP A 306 -8.64 2.23 1.35
N ASN A 307 -9.79 2.88 1.56
CA ASN A 307 -10.61 3.27 0.41
C ASN A 307 -10.00 4.46 -0.32
N GLU A 308 -9.42 5.41 0.43
CA GLU A 308 -8.71 6.51 -0.19
C GLU A 308 -7.51 6.02 -0.99
N THR A 309 -6.69 5.16 -0.36
CA THR A 309 -5.51 4.63 -1.02
C THR A 309 -5.87 3.84 -2.27
N LEU A 310 -6.91 3.01 -2.17
CA LEU A 310 -7.38 2.26 -3.34
C LEU A 310 -7.87 3.20 -4.43
N GLY A 311 -8.51 4.31 -4.04
CA GLY A 311 -8.94 5.30 -5.02
C GLY A 311 -7.77 5.91 -5.77
N LYS A 312 -6.73 6.32 -5.03
CA LYS A 312 -5.56 6.91 -5.67
C LYS A 312 -4.85 5.91 -6.56
N VAL A 313 -4.91 4.62 -6.23
CA VAL A 313 -4.30 3.59 -7.08
C VAL A 313 -5.01 3.54 -8.43
N VAL A 314 -6.34 3.49 -8.42
CA VAL A 314 -7.09 3.37 -9.67
C VAL A 314 -6.99 4.64 -10.50
N LYS A 315 -6.72 5.79 -9.89
CA LYS A 315 -6.50 7.00 -10.68
C LYS A 315 -5.23 6.85 -11.52
N GLN A 316 -4.16 6.36 -10.90
CA GLN A 316 -2.92 6.11 -11.63
C GLN A 316 -3.02 4.86 -12.49
N LEU A 317 -3.94 3.95 -12.18
CA LEU A 317 -4.11 2.76 -13.00
C LEU A 317 -4.70 3.10 -14.36
N ARG A 318 -5.70 3.99 -14.40
CA ARG A 318 -6.38 4.30 -15.65
C ARG A 318 -5.48 5.08 -16.62
N LYS A 319 -4.37 5.66 -16.14
CA LYS A 319 -3.43 6.33 -17.04
C LYS A 319 -2.81 5.39 -18.05
N HIS A 320 -2.94 4.08 -17.85
CA HIS A 320 -2.45 3.08 -18.78
C HIS A 320 -3.57 2.19 -19.32
N PHE A 321 -4.83 2.48 -18.97
CA PHE A 321 -5.94 1.64 -19.45
C PHE A 321 -7.12 2.42 -20.01
N GLY A 322 -6.94 3.69 -20.36
CA GLY A 322 -8.04 4.49 -20.86
C GLY A 322 -8.67 5.35 -19.79
N ASN A 323 -9.05 6.58 -20.16
CA ASN A 323 -9.60 7.51 -19.17
C ASN A 323 -10.88 6.98 -18.53
N ASN A 324 -11.62 6.13 -19.24
CA ASN A 324 -12.80 5.50 -18.67
C ASN A 324 -12.82 4.03 -19.05
N THR A 325 -12.90 3.17 -18.04
CA THR A 325 -12.94 1.72 -18.22
C THR A 325 -13.29 1.10 -16.88
N ILE A 326 -13.77 -0.14 -16.93
CA ILE A 326 -14.18 -0.85 -15.72
C ILE A 326 -12.95 -1.46 -15.08
N ILE A 327 -12.60 -0.97 -13.89
CA ILE A 327 -11.43 -1.44 -13.14
C ILE A 327 -11.95 -2.04 -11.84
N ARG A 328 -11.90 -3.37 -11.74
CA ARG A 328 -12.35 -4.07 -10.54
C ARG A 328 -11.19 -4.79 -9.88
N PHE A 329 -11.41 -5.19 -8.64
CA PHE A 329 -10.41 -5.88 -7.82
C PHE A 329 -10.99 -7.18 -7.30
N ALA A 330 -10.23 -8.26 -7.42
CA ALA A 330 -10.67 -9.59 -7.00
C ALA A 330 -9.59 -10.24 -6.16
N ASN A 331 -9.96 -11.31 -5.46
CA ASN A 331 -9.02 -12.00 -4.59
C ASN A 331 -8.11 -12.92 -5.41
N SER A 332 -7.03 -13.36 -4.77
CA SER A 332 -6.09 -14.27 -5.41
C SER A 332 -6.76 -15.61 -5.71
N SER A 333 -6.43 -16.17 -6.87
CA SER A 333 -7.04 -17.42 -7.32
C SER A 333 -6.03 -18.44 -7.84
N GLY A 334 -4.75 -18.25 -7.57
CA GLY A 334 -3.71 -19.12 -8.11
C GLY A 334 -2.75 -19.61 -7.05
N GLY A 335 -2.36 -20.87 -7.18
CA GLY A 335 -1.27 -21.41 -6.39
C GLY A 335 -1.71 -22.09 -5.11
N ASP A 336 -0.69 -22.42 -4.31
CA ASP A 336 -0.88 -23.09 -3.04
C ASP A 336 -1.21 -22.07 -1.95
N LEU A 337 -1.37 -22.56 -0.72
CA LEU A 337 -1.77 -21.69 0.39
C LEU A 337 -0.75 -20.61 0.68
N GLU A 338 0.54 -20.93 0.53
CA GLU A 338 1.58 -19.98 0.94
C GLU A 338 1.71 -18.80 -0.02
N VAL A 339 1.13 -18.89 -1.22
CA VAL A 339 1.13 -17.78 -2.15
C VAL A 339 -0.21 -17.06 -2.21
N THR A 340 -1.29 -17.68 -1.71
CA THR A 340 -2.60 -17.07 -1.77
C THR A 340 -2.86 -16.07 -0.65
N THR A 341 -2.09 -16.13 0.44
CA THR A 341 -2.33 -15.30 1.61
C THR A 341 -1.18 -14.33 1.85
N HIS A 342 -1.51 -13.18 2.44
CA HIS A 342 -0.52 -12.21 2.85
C HIS A 342 0.35 -12.79 3.96
N SER A 343 1.43 -13.47 3.58
CA SER A 343 2.33 -14.09 4.54
C SER A 343 3.36 -13.08 5.01
N PHE A 344 3.68 -13.13 6.30
CA PHE A 344 4.67 -12.25 6.90
C PHE A 344 5.05 -12.81 8.27
N ASN A 345 5.94 -12.11 8.96
CA ASN A 345 6.42 -12.49 10.28
C ASN A 345 6.24 -11.32 11.24
N CYS A 346 5.78 -11.62 12.46
CA CYS A 346 5.50 -10.60 13.47
C CYS A 346 5.88 -11.18 14.83
N GLY A 347 6.96 -10.67 15.42
CA GLY A 347 7.40 -11.14 16.72
C GLY A 347 7.97 -12.53 16.75
N GLY A 348 8.13 -13.17 15.60
CA GLY A 348 8.63 -14.52 15.53
C GLY A 348 7.60 -15.56 15.13
N GLU A 349 6.34 -15.17 14.95
CA GLU A 349 5.31 -16.06 14.45
C GLU A 349 4.95 -15.67 13.04
N PHE A 350 4.61 -16.66 12.23
CA PHE A 350 4.41 -16.49 10.79
C PHE A 350 2.92 -16.51 10.48
N PHE A 351 2.40 -15.39 10.00
CA PHE A 351 0.99 -15.15 9.80
C PHE A 351 0.62 -15.31 8.32
N TYR A 352 -0.60 -15.78 8.07
CA TYR A 352 -1.10 -16.03 6.72
C TYR A 352 -2.55 -15.57 6.68
N CYS A 353 -2.84 -14.52 5.90
CA CYS A 353 -4.08 -13.77 6.04
C CYS A 353 -4.92 -13.81 4.76
N ASN A 354 -6.21 -14.12 4.91
CA ASN A 354 -7.20 -13.99 3.86
C ASN A 354 -7.36 -12.51 3.50
N THR A 355 -6.95 -12.11 2.30
CA THR A 355 -7.02 -10.72 1.88
C THR A 355 -8.24 -10.40 1.03
N SER A 356 -9.20 -11.33 0.93
CA SER A 356 -10.33 -11.14 0.03
C SER A 356 -11.14 -9.89 0.37
N GLY A 357 -11.16 -9.51 1.66
CA GLY A 357 -11.89 -8.32 2.07
C GLY A 357 -11.29 -7.03 1.56
N LEU A 358 -9.98 -7.01 1.29
CA LEU A 358 -9.35 -5.78 0.80
C LEU A 358 -9.48 -5.63 -0.71
N PHE A 359 -9.65 -6.74 -1.44
CA PHE A 359 -9.66 -6.68 -2.89
C PHE A 359 -10.99 -7.20 -3.44
N ASN A 360 -12.10 -6.60 -3.00
CA ASN A 360 -13.44 -6.95 -3.48
C ASN A 360 -14.11 -5.63 -3.85
N SER A 361 -13.80 -5.11 -5.03
CA SER A 361 -14.24 -3.79 -5.43
C SER A 361 -14.46 -3.75 -6.94
N THR A 362 -15.13 -2.69 -7.38
CA THR A 362 -15.36 -2.43 -8.79
C THR A 362 -15.47 -0.93 -8.99
N TRP A 363 -14.72 -0.38 -9.95
CA TRP A 363 -14.62 1.05 -10.13
C TRP A 363 -14.98 1.41 -11.58
N ILE A 364 -15.91 2.36 -11.74
CA ILE A 364 -16.37 2.79 -13.04
C ILE A 364 -16.61 4.29 -13.04
N SER A 365 -16.70 4.86 -14.25
CA SER A 365 -17.01 6.27 -14.45
C SER A 365 -16.10 7.18 -13.63
N ASN A 366 -14.83 6.80 -13.49
CA ASN A 366 -13.86 7.57 -12.72
C ASN A 366 -14.32 7.83 -11.29
N SER A 377 -18.85 5.02 11.37
CA SER A 377 -17.99 4.68 12.50
C SER A 377 -16.55 4.46 12.03
N ASN A 378 -15.75 3.84 12.90
CA ASN A 378 -14.39 3.49 12.51
C ASN A 378 -14.40 2.48 11.37
N ASP A 379 -15.18 1.41 11.52
CA ASP A 379 -15.45 0.45 10.44
C ASP A 379 -14.18 -0.16 9.86
N SER A 380 -13.19 -0.40 10.73
CA SER A 380 -11.94 -0.98 10.27
C SER A 380 -12.15 -2.38 9.71
N ILE A 381 -11.65 -2.60 8.49
CA ILE A 381 -11.72 -3.91 7.87
C ILE A 381 -10.93 -4.91 8.70
N THR A 382 -11.45 -6.13 8.83
CA THR A 382 -10.80 -7.18 9.61
C THR A 382 -10.45 -8.36 8.71
N LEU A 383 -9.25 -8.91 8.87
CA LEU A 383 -8.77 -9.99 8.04
C LEU A 383 -8.45 -11.22 8.90
N PRO A 384 -8.96 -12.39 8.58
CA PRO A 384 -8.59 -13.59 9.33
C PRO A 384 -7.20 -14.07 8.94
N CYS A 385 -6.42 -14.47 9.93
CA CYS A 385 -5.04 -14.91 9.70
C CYS A 385 -4.82 -16.24 10.41
N ARG A 386 -4.31 -17.22 9.67
CA ARG A 386 -3.90 -18.48 10.26
C ARG A 386 -2.40 -18.46 10.53
N ILE A 387 -1.94 -19.39 11.36
CA ILE A 387 -0.55 -19.41 11.80
C ILE A 387 0.06 -20.78 11.51
N LYS A 388 1.28 -20.77 10.99
CA LYS A 388 2.06 -21.97 10.75
C LYS A 388 3.39 -21.85 11.50
N GLN A 389 3.87 -22.98 12.01
CA GLN A 389 5.17 -23.04 12.66
C GLN A 389 6.22 -23.79 11.84
N ILE A 390 5.81 -24.48 10.79
CA ILE A 390 6.74 -25.12 9.84
C ILE A 390 6.63 -24.36 8.53
N ILE A 391 7.76 -23.87 8.03
CA ILE A 391 7.75 -22.94 6.90
C ILE A 391 8.89 -23.27 5.94
N ASN A 392 8.63 -23.03 4.65
CA ASN A 392 9.63 -23.12 3.58
C ASN A 392 9.51 -21.86 2.74
N MET A 393 10.23 -20.81 3.11
CA MET A 393 10.13 -19.57 2.36
C MET A 393 11.09 -19.58 1.17
N TRP A 394 10.81 -18.69 0.21
CA TRP A 394 11.57 -18.59 -1.05
C TRP A 394 11.51 -19.88 -1.85
N GLN A 395 10.38 -20.58 -1.79
CA GLN A 395 10.16 -21.80 -2.57
C GLN A 395 11.22 -22.85 -2.26
N ARG A 396 11.70 -22.88 -1.02
CA ARG A 396 12.76 -23.79 -0.63
C ARG A 396 12.21 -25.19 -0.46
N ILE A 397 12.72 -26.14 -1.24
CA ILE A 397 12.46 -27.56 -1.06
C ILE A 397 13.70 -28.18 -0.45
N GLY A 398 13.52 -28.87 0.68
CA GLY A 398 14.62 -29.31 1.51
C GLY A 398 14.47 -28.81 2.93
N GLN A 399 15.60 -28.59 3.60
CA GLN A 399 15.65 -28.22 5.01
C GLN A 399 14.59 -27.19 5.38
N ALA A 400 13.62 -27.60 6.19
CA ALA A 400 12.55 -26.73 6.67
C ALA A 400 12.88 -26.23 8.07
N MET A 401 12.18 -25.19 8.49
CA MET A 401 12.43 -24.55 9.78
C MET A 401 11.16 -24.57 10.64
N TYR A 402 11.35 -24.92 11.91
CA TYR A 402 10.30 -24.88 12.91
C TYR A 402 10.50 -23.63 13.76
N ALA A 403 9.59 -22.68 13.63
CA ALA A 403 9.67 -21.46 14.41
C ALA A 403 9.28 -21.75 15.86
N PRO A 404 10.14 -21.48 16.84
CA PRO A 404 9.78 -21.78 18.21
C PRO A 404 8.60 -20.92 18.65
N PRO A 405 7.76 -21.46 19.54
CA PRO A 405 6.60 -20.69 20.00
C PRO A 405 7.03 -19.43 20.75
N ILE A 406 6.18 -18.40 20.64
CA ILE A 406 6.46 -17.10 21.24
C ILE A 406 5.55 -16.93 22.46
N GLN A 407 6.16 -16.63 23.61
CA GLN A 407 5.41 -16.52 24.85
C GLN A 407 4.65 -15.21 24.90
N GLY A 408 3.40 -15.27 25.39
CA GLY A 408 2.58 -14.09 25.54
C GLY A 408 1.78 -13.75 24.30
N VAL A 409 1.04 -12.65 24.41
CA VAL A 409 0.21 -12.17 23.32
C VAL A 409 1.07 -11.37 22.36
N ILE A 410 0.74 -11.44 21.07
CA ILE A 410 1.51 -10.80 20.00
C ILE A 410 0.69 -9.65 19.43
N ARG A 411 1.35 -8.53 19.19
CA ARG A 411 0.71 -7.37 18.58
C ARG A 411 1.78 -6.47 18.00
N CYS A 412 1.74 -6.26 16.68
CA CYS A 412 2.68 -5.41 15.98
C CYS A 412 1.92 -4.48 15.06
N VAL A 413 2.39 -3.23 14.97
CA VAL A 413 1.82 -2.23 14.08
C VAL A 413 2.77 -2.02 12.92
N SER A 414 2.27 -2.14 11.70
CA SER A 414 3.12 -2.05 10.52
C SER A 414 2.58 -1.04 9.52
N ASN A 415 3.49 -0.29 8.93
CA ASN A 415 3.16 0.51 7.75
C ASN A 415 3.08 -0.40 6.53
N ILE A 416 1.95 -0.36 5.83
CA ILE A 416 1.80 -1.03 4.54
C ILE A 416 2.02 0.02 3.46
N THR A 417 3.20 -0.02 2.83
CA THR A 417 3.64 1.01 1.90
C THR A 417 3.37 0.67 0.44
N GLY A 418 3.28 -0.61 0.07
CA GLY A 418 3.17 -0.97 -1.32
C GLY A 418 2.22 -2.14 -1.54
N LEU A 419 2.08 -2.50 -2.82
CA LEU A 419 1.23 -3.61 -3.23
C LEU A 419 1.89 -4.33 -4.41
N ILE A 420 1.47 -5.57 -4.63
CA ILE A 420 1.89 -6.35 -5.79
C ILE A 420 0.63 -6.93 -6.42
N LEU A 421 0.38 -6.59 -7.69
CA LEU A 421 -0.84 -6.95 -8.37
C LEU A 421 -0.54 -7.80 -9.60
N THR A 422 -1.60 -8.31 -10.21
CA THR A 422 -1.51 -9.11 -11.42
C THR A 422 -2.85 -9.07 -12.15
N ARG A 423 -2.80 -8.97 -13.47
CA ARG A 423 -4.02 -9.01 -14.28
C ARG A 423 -4.50 -10.45 -14.46
N ASP A 424 -5.74 -10.57 -14.91
CA ASP A 424 -6.27 -11.88 -15.29
C ASP A 424 -5.89 -12.27 -16.70
N GLY A 425 -5.54 -11.30 -17.54
CA GLY A 425 -4.95 -11.60 -18.84
C GLY A 425 -5.99 -11.72 -19.94
N GLY A 426 -6.00 -12.87 -20.61
CA GLY A 426 -6.84 -13.11 -21.78
C GLY A 426 -8.31 -12.81 -21.59
N SER A 427 -8.81 -11.81 -22.31
CA SER A 427 -10.21 -11.41 -22.27
C SER A 427 -10.44 -10.44 -23.42
N THR A 428 -11.71 -10.13 -23.66
CA THR A 428 -12.06 -9.12 -24.65
C THR A 428 -11.54 -7.76 -24.20
N ASN A 429 -10.76 -7.12 -25.07
CA ASN A 429 -9.93 -6.01 -24.63
C ASN A 429 -10.77 -4.77 -24.30
N SER A 430 -10.31 -4.04 -23.27
CA SER A 430 -10.81 -2.72 -22.93
C SER A 430 -12.27 -2.72 -22.45
N THR A 431 -12.90 -3.90 -22.40
CA THR A 431 -14.24 -4.00 -21.84
C THR A 431 -14.22 -3.75 -20.34
N THR A 432 -13.53 -4.61 -19.60
CA THR A 432 -13.36 -4.46 -18.16
C THR A 432 -12.00 -5.00 -17.78
N GLU A 433 -11.40 -4.40 -16.76
CA GLU A 433 -10.06 -4.79 -16.31
C GLU A 433 -10.11 -5.22 -14.86
N THR A 434 -9.51 -6.36 -14.56
CA THR A 434 -9.60 -7.00 -13.26
C THR A 434 -8.18 -7.17 -12.70
N PHE A 435 -8.01 -6.86 -11.42
CA PHE A 435 -6.71 -6.88 -10.78
C PHE A 435 -6.74 -7.77 -9.54
N ARG A 436 -5.92 -8.82 -9.55
CA ARG A 436 -5.80 -9.74 -8.43
C ARG A 436 -4.39 -9.67 -7.85
N PRO A 437 -4.25 -9.82 -6.53
CA PRO A 437 -2.92 -9.75 -5.93
C PRO A 437 -2.14 -11.05 -6.16
N GLY A 438 -0.86 -10.90 -6.47
CA GLY A 438 0.01 -12.04 -6.66
C GLY A 438 1.33 -11.83 -5.94
N GLY A 439 2.07 -12.93 -5.80
CA GLY A 439 3.39 -12.89 -5.18
C GLY A 439 4.35 -13.89 -5.77
N GLY A 440 4.34 -14.01 -7.11
CA GLY A 440 5.09 -15.02 -7.83
C GLY A 440 6.54 -15.22 -7.39
N ASP A 441 7.22 -14.12 -7.08
CA ASP A 441 8.61 -14.19 -6.64
C ASP A 441 8.81 -13.29 -5.44
N MET A 442 9.85 -13.60 -4.66
CA MET A 442 10.23 -12.78 -3.52
C MET A 442 11.09 -11.58 -3.92
N ARG A 443 11.73 -11.64 -5.10
CA ARG A 443 12.64 -10.57 -5.51
C ARG A 443 11.91 -9.25 -5.72
N ASP A 444 10.64 -9.31 -6.13
CA ASP A 444 9.87 -8.09 -6.39
C ASP A 444 9.83 -7.20 -5.16
N ASN A 445 9.92 -7.81 -3.98
CA ASN A 445 10.03 -7.02 -2.75
C ASN A 445 11.34 -6.25 -2.70
N TRP A 446 12.44 -6.86 -3.18
CA TRP A 446 13.71 -6.15 -3.22
C TRP A 446 13.71 -5.07 -4.30
N ARG A 447 13.10 -5.35 -5.45
CA ARG A 447 12.99 -4.35 -6.50
C ARG A 447 12.22 -3.12 -6.03
N SER A 448 11.27 -3.31 -5.12
CA SER A 448 10.45 -2.20 -4.64
C SER A 448 11.26 -1.15 -3.89
N GLU A 449 12.42 -1.53 -3.33
CA GLU A 449 13.29 -0.58 -2.66
C GLU A 449 14.62 -0.36 -3.37
N LEU A 450 14.94 -1.18 -4.38
CA LEU A 450 16.15 -1.02 -5.16
C LEU A 450 15.90 -0.38 -6.52
N TYR A 451 14.68 0.13 -6.76
CA TYR A 451 14.34 0.67 -8.07
C TYR A 451 15.17 1.90 -8.41
N LYS A 452 15.62 2.65 -7.40
CA LYS A 452 16.29 3.92 -7.63
C LYS A 452 17.81 3.81 -7.75
N TYR A 453 18.39 2.69 -7.36
CA TYR A 453 19.85 2.56 -7.33
C TYR A 453 20.36 1.75 -8.51
N LYS A 454 21.65 1.94 -8.81
CA LYS A 454 22.30 1.30 -9.94
C LYS A 454 23.80 1.33 -9.70
N VAL A 455 24.49 0.30 -10.18
CA VAL A 455 25.92 0.10 -9.94
C VAL A 455 26.68 0.39 -11.23
N VAL A 456 27.74 1.19 -11.11
CA VAL A 456 28.62 1.51 -12.23
C VAL A 456 30.06 1.44 -11.75
N LYS A 457 30.98 1.19 -12.69
CA LYS A 457 32.41 1.19 -12.40
C LYS A 457 33.06 2.43 -13.00
N ILE A 458 33.98 3.03 -12.26
CA ILE A 458 34.65 4.24 -12.70
C ILE A 458 35.80 3.87 -13.63
N GLU A 459 35.83 4.45 -14.82
CA GLU A 459 36.94 4.31 -15.76
C GLU A 459 37.70 5.63 -15.79
N PRO A 460 38.69 5.82 -14.91
CA PRO A 460 39.32 7.13 -14.73
C PRO A 460 40.35 7.49 -15.79
N LEU A 461 40.52 6.69 -16.84
CA LEU A 461 41.56 6.92 -17.84
C LEU A 461 40.92 7.52 -19.09
N GLY A 462 41.21 8.78 -19.32
CA GLY A 462 40.75 9.48 -20.53
C GLY A 462 41.92 10.05 -21.28
N VAL A 463 41.91 9.88 -22.61
CA VAL A 463 42.92 10.45 -23.49
C VAL A 463 42.22 11.41 -24.44
N ALA A 464 42.78 12.61 -24.57
CA ALA A 464 42.15 13.68 -25.35
C ALA A 464 43.25 14.50 -26.02
N PRO A 465 42.94 15.14 -27.15
CA PRO A 465 43.96 15.92 -27.86
C PRO A 465 44.03 17.37 -27.39
N THR A 466 45.22 17.82 -27.03
CA THR A 466 45.52 19.21 -26.78
C THR A 466 46.73 19.64 -27.59
N ARG A 467 46.97 20.94 -27.65
CA ARG A 467 48.15 21.47 -28.31
C ARG A 467 49.31 21.53 -27.31
N CYS A 468 49.62 20.36 -26.74
CA CYS A 468 50.69 20.20 -25.77
C CYS A 468 51.56 19.02 -26.18
N LYS A 469 52.87 19.22 -26.17
CA LYS A 469 53.82 18.16 -26.48
C LYS A 469 54.79 18.00 -25.33
N ARG A 470 55.21 16.76 -25.09
CA ARG A 470 56.22 16.49 -24.08
C ARG A 470 57.58 17.02 -24.56
N ARG A 471 58.45 17.30 -23.60
CA ARG A 471 59.82 17.71 -23.91
C ARG A 471 60.48 16.68 -24.83
N VAL A 472 61.02 17.18 -25.95
CA VAL A 472 61.58 16.30 -26.96
C VAL A 472 62.81 15.57 -26.42
N VAL A 473 62.94 14.29 -26.78
CA VAL A 473 64.09 13.52 -26.33
C VAL A 473 65.37 14.05 -26.96
N GLY A 474 65.31 14.45 -28.22
CA GLY A 474 66.47 14.99 -28.91
C GLY A 474 66.87 16.36 -28.41
N VAL B 7 34.81 26.69 -7.01
CA VAL B 7 33.94 26.00 -6.07
C VAL B 7 33.97 24.50 -6.33
N PHE B 8 33.85 23.71 -5.27
CA PHE B 8 34.20 22.31 -5.34
C PHE B 8 33.00 21.42 -5.05
N LEU B 9 32.74 20.47 -5.94
CA LEU B 9 31.40 19.93 -6.10
C LEU B 9 31.33 18.52 -5.54
N GLY B 10 32.48 17.85 -5.50
CA GLY B 10 32.57 16.54 -4.91
C GLY B 10 32.86 15.47 -5.95
N PHE B 11 32.93 14.24 -5.44
CA PHE B 11 33.21 13.07 -6.28
C PHE B 11 32.24 12.99 -7.44
N LEU B 12 32.79 12.92 -8.66
CA LEU B 12 32.04 12.86 -9.91
C LEU B 12 31.14 14.07 -10.11
N GLY B 13 31.44 15.19 -9.45
CA GLY B 13 30.59 16.36 -9.55
C GLY B 13 30.50 16.91 -10.96
N ALA B 14 31.62 16.91 -11.68
CA ALA B 14 31.69 17.45 -13.03
C ALA B 14 31.42 16.41 -14.11
N ALA B 15 30.68 15.35 -13.78
CA ALA B 15 30.41 14.30 -14.75
C ALA B 15 29.56 14.80 -15.90
N GLY B 16 28.72 15.79 -15.65
CA GLY B 16 27.96 16.44 -16.69
C GLY B 16 28.53 17.75 -17.19
N SER B 17 29.71 18.15 -16.72
CA SER B 17 30.33 19.40 -17.16
C SER B 17 31.19 19.16 -18.40
N THR B 18 31.63 20.25 -19.01
CA THR B 18 32.53 20.17 -20.15
C THR B 18 33.86 19.56 -19.72
N MET B 19 34.54 18.94 -20.69
CA MET B 19 35.80 18.26 -20.39
C MET B 19 36.83 19.21 -19.80
N GLY B 20 36.83 20.48 -20.25
CA GLY B 20 37.76 21.44 -19.71
C GLY B 20 37.50 21.77 -18.24
N ALA B 21 36.22 21.93 -17.88
CA ALA B 21 35.89 22.21 -16.49
C ALA B 21 36.18 21.00 -15.61
N ALA B 22 35.86 19.80 -16.09
CA ALA B 22 36.10 18.60 -15.30
C ALA B 22 37.59 18.34 -15.10
N SER B 23 38.41 18.68 -16.09
CA SER B 23 39.85 18.42 -16.03
C SER B 23 40.53 19.18 -14.91
N MET B 24 39.88 20.19 -14.32
CA MET B 24 40.49 20.95 -13.24
C MET B 24 40.39 20.24 -11.90
N THR B 25 39.33 19.45 -11.70
CA THR B 25 39.15 18.73 -10.43
C THR B 25 39.29 17.23 -10.62
N LEU B 26 40.39 16.80 -11.24
CA LEU B 26 40.66 15.37 -11.36
C LEU B 26 41.19 14.78 -10.05
N THR B 27 41.74 15.61 -9.17
CA THR B 27 42.16 15.14 -7.85
C THR B 27 40.99 14.56 -7.07
N VAL B 28 39.78 15.09 -7.28
CA VAL B 28 38.62 14.63 -6.53
C VAL B 28 38.31 13.17 -6.84
N GLN B 29 38.32 12.82 -8.12
CA GLN B 29 38.11 11.42 -8.49
C GLN B 29 39.31 10.56 -8.12
N ALA B 30 40.50 11.16 -8.03
CA ALA B 30 41.71 10.39 -7.74
C ALA B 30 41.76 9.96 -6.29
N ARG B 31 41.29 10.81 -5.37
CA ARG B 31 41.33 10.47 -3.95
C ARG B 31 40.44 9.27 -3.64
N ASN B 32 39.15 9.38 -3.98
CA ASN B 32 38.17 8.35 -3.66
C ASN B 32 38.28 7.11 -4.55
N LEU B 33 39.34 7.00 -5.35
CA LEU B 33 39.46 5.87 -6.26
C LEU B 33 40.06 4.65 -5.57
N LEU B 34 40.85 4.85 -4.51
CA LEU B 34 41.55 3.77 -3.84
C LEU B 34 41.06 3.51 -2.43
N SER B 35 40.77 4.55 -1.65
CA SER B 35 40.37 4.39 -0.26
C SER B 35 38.86 4.27 -0.09
N GLY B 36 38.40 3.09 0.33
CA GLY B 36 39.29 1.97 0.56
C GLY B 36 39.55 1.63 2.01
N ILE B 37 40.71 2.07 2.52
CA ILE B 37 41.13 1.66 3.86
C ILE B 37 40.71 2.65 4.94
N VAL B 38 40.37 3.89 4.57
CA VAL B 38 39.63 4.72 5.50
C VAL B 38 38.22 4.16 5.69
N GLN B 39 37.61 3.69 4.59
CA GLN B 39 36.26 3.15 4.63
C GLN B 39 36.18 1.79 5.31
N GLN B 40 37.23 0.97 5.20
CA GLN B 40 37.23 -0.35 5.81
C GLN B 40 38.63 -0.93 5.96
N GLN B 41 39.39 -0.48 6.97
CA GLN B 41 40.61 -1.18 7.31
C GLN B 41 40.30 -2.62 7.73
N SER B 42 39.14 -2.83 8.33
CA SER B 42 38.60 -4.15 8.61
C SER B 42 37.07 -4.24 8.41
N ASN B 43 36.25 -3.31 8.92
CA ASN B 43 36.66 -2.14 9.71
C ASN B 43 36.58 -2.43 11.20
N LEU B 44 37.58 -1.97 11.95
CA LEU B 44 37.65 -2.17 13.39
C LEU B 44 37.10 -0.95 14.13
N LEU B 45 35.83 -0.63 13.89
CA LEU B 45 35.21 0.44 14.66
C LEU B 45 34.67 -0.06 16.00
N ARG B 46 34.62 -1.36 16.21
CA ARG B 46 34.26 -1.95 17.49
C ARG B 46 35.53 -2.48 18.17
N ALA B 47 35.49 -2.50 19.50
CA ALA B 47 36.63 -2.93 20.30
C ALA B 47 37.18 -4.31 19.89
N PRO B 48 36.31 -5.33 19.73
CA PRO B 48 34.87 -5.47 19.99
C PRO B 48 34.58 -6.09 21.36
N GLU B 49 33.83 -5.38 22.19
CA GLU B 49 33.56 -5.83 23.54
C GLU B 49 32.71 -7.09 23.57
N ALA B 50 31.92 -7.33 22.52
CA ALA B 50 30.90 -8.37 22.55
C ALA B 50 31.53 -9.77 22.66
N GLN B 51 32.47 -10.09 21.76
CA GLN B 51 33.10 -11.40 21.71
C GLN B 51 32.05 -12.51 21.59
N GLN B 52 31.23 -12.40 20.54
CA GLN B 52 30.07 -13.26 20.40
C GLN B 52 30.34 -14.52 19.56
N HIS B 53 31.12 -14.41 18.49
CA HIS B 53 31.36 -15.55 17.61
C HIS B 53 32.84 -15.63 17.26
N LEU B 54 33.31 -16.85 17.00
CA LEU B 54 34.71 -17.12 16.81
C LEU B 54 35.16 -17.15 15.36
N LEU B 55 34.26 -17.49 14.43
CA LEU B 55 34.60 -17.67 13.04
C LEU B 55 34.14 -16.47 12.22
N LYS B 56 35.08 -15.82 11.53
CA LYS B 56 34.77 -14.71 10.65
C LYS B 56 34.54 -15.17 9.21
N LEU B 57 34.00 -16.37 9.01
CA LEU B 57 33.74 -16.91 7.69
C LEU B 57 32.38 -16.48 7.14
N THR B 58 31.79 -15.45 7.74
CA THR B 58 30.48 -14.94 7.31
C THR B 58 30.53 -14.52 5.85
N VAL B 59 29.36 -14.55 5.21
CA VAL B 59 29.23 -14.10 3.83
C VAL B 59 29.79 -12.69 3.65
N TRP B 60 29.59 -11.83 4.66
CA TRP B 60 30.07 -10.45 4.54
C TRP B 60 31.59 -10.37 4.56
N GLY B 61 32.25 -11.26 5.30
CA GLY B 61 33.70 -11.24 5.35
C GLY B 61 34.33 -11.59 4.02
N ILE B 62 33.83 -12.65 3.37
CA ILE B 62 34.36 -13.05 2.07
C ILE B 62 34.01 -12.01 1.01
N LYS B 63 32.78 -11.50 1.03
CA LYS B 63 32.39 -10.47 0.08
C LYS B 63 33.28 -9.24 0.20
N GLN B 64 33.50 -8.78 1.44
CA GLN B 64 34.37 -7.63 1.67
C GLN B 64 35.78 -7.90 1.15
N LEU B 65 36.36 -9.03 1.54
CA LEU B 65 37.75 -9.33 1.17
C LEU B 65 37.92 -9.40 -0.34
N GLN B 66 36.99 -10.06 -1.03
CA GLN B 66 37.06 -10.14 -2.49
C GLN B 66 36.91 -8.76 -3.12
N ALA B 67 36.11 -7.89 -2.49
CA ALA B 67 35.95 -6.54 -3.00
C ALA B 67 37.23 -5.72 -2.82
N ARG B 68 37.87 -5.84 -1.66
CA ARG B 68 39.10 -5.10 -1.41
C ARG B 68 40.20 -5.51 -2.38
N VAL B 69 40.31 -6.81 -2.66
CA VAL B 69 41.29 -7.29 -3.62
C VAL B 69 41.00 -6.72 -5.00
N LEU B 70 39.73 -6.71 -5.41
CA LEU B 70 39.36 -6.22 -6.73
C LEU B 70 39.69 -4.74 -6.88
N ALA B 71 39.57 -3.97 -5.80
CA ALA B 71 39.80 -2.53 -5.87
C ALA B 71 41.28 -2.22 -6.09
N VAL B 72 42.15 -2.83 -5.29
CA VAL B 72 43.59 -2.61 -5.48
C VAL B 72 44.05 -3.22 -6.79
N GLU B 73 43.34 -4.23 -7.30
CA GLU B 73 43.72 -4.84 -8.56
C GLU B 73 43.41 -3.92 -9.74
N ARG B 74 42.26 -3.25 -9.71
CA ARG B 74 41.93 -2.29 -10.77
C ARG B 74 42.82 -1.06 -10.69
N TYR B 75 43.08 -0.57 -9.48
CA TYR B 75 43.92 0.61 -9.31
C TYR B 75 45.32 0.35 -9.84
N LEU B 76 45.89 -0.82 -9.53
CA LEU B 76 47.27 -1.10 -9.94
C LEU B 76 47.38 -1.28 -11.44
N ARG B 77 46.29 -1.70 -12.12
CA ARG B 77 46.34 -1.82 -13.57
C ARG B 77 46.40 -0.44 -14.24
N ASP B 78 45.59 0.50 -13.77
CA ASP B 78 45.63 1.85 -14.33
C ASP B 78 46.96 2.53 -14.03
N GLN B 79 47.46 2.38 -12.80
CA GLN B 79 48.79 2.89 -12.48
C GLN B 79 49.86 2.19 -13.30
N GLN B 80 49.62 0.92 -13.66
CA GLN B 80 50.53 0.22 -14.55
C GLN B 80 50.55 0.87 -15.94
N LEU B 81 49.37 1.23 -16.46
CA LEU B 81 49.31 1.88 -17.77
C LEU B 81 49.97 3.24 -17.73
N LEU B 82 49.73 4.02 -16.66
CA LEU B 82 50.40 5.31 -16.52
C LEU B 82 51.91 5.14 -16.43
N GLY B 83 52.37 4.02 -15.86
CA GLY B 83 53.80 3.80 -15.75
C GLY B 83 54.46 3.57 -17.10
N ILE B 84 53.90 2.68 -17.91
CA ILE B 84 54.48 2.39 -19.22
C ILE B 84 54.27 3.52 -20.21
N TRP B 85 53.48 4.54 -19.86
CA TRP B 85 53.36 5.74 -20.66
C TRP B 85 54.19 6.89 -20.10
N GLY B 86 55.02 6.62 -19.09
CA GLY B 86 55.85 7.63 -18.48
C GLY B 86 55.11 8.76 -17.81
N CYS B 87 53.94 8.47 -17.22
CA CYS B 87 53.09 9.48 -16.60
C CYS B 87 52.73 9.11 -15.16
N SER B 88 53.64 8.41 -14.48
CA SER B 88 53.31 7.79 -13.19
C SER B 88 52.91 8.83 -12.16
N GLY B 89 53.73 9.88 -12.01
CA GLY B 89 53.52 10.82 -10.93
C GLY B 89 52.41 11.83 -11.14
N LYS B 90 51.93 11.99 -12.37
CA LYS B 90 51.06 13.10 -12.71
C LYS B 90 49.66 12.63 -13.10
N LEU B 91 48.67 13.50 -12.86
CA LEU B 91 47.31 13.32 -13.34
C LEU B 91 47.12 13.87 -14.74
N ILE B 92 47.91 14.87 -15.12
CA ILE B 92 47.92 15.45 -16.46
C ILE B 92 49.32 15.31 -17.01
N CYS B 93 49.49 14.57 -18.09
CA CYS B 93 50.78 14.46 -18.76
C CYS B 93 50.61 14.65 -20.24
N CYS B 94 51.57 15.31 -20.86
CA CYS B 94 51.60 15.50 -22.30
C CYS B 94 52.56 14.47 -22.92
N THR B 95 52.27 14.08 -24.16
CA THR B 95 53.00 12.99 -24.80
C THR B 95 53.61 13.43 -26.13
N ASN B 96 54.18 12.47 -26.86
CA ASN B 96 54.72 12.72 -28.19
C ASN B 96 53.83 12.23 -29.31
N VAL B 97 52.76 11.49 -29.00
CA VAL B 97 51.89 10.91 -30.02
C VAL B 97 51.06 11.99 -30.69
N PRO B 98 51.15 12.15 -32.01
CA PRO B 98 50.29 13.10 -32.71
C PRO B 98 48.88 12.57 -32.86
N TRP B 99 47.93 13.50 -32.95
CA TRP B 99 46.52 13.14 -33.00
C TRP B 99 46.13 12.82 -34.44
N ASN B 100 45.97 11.52 -34.71
CA ASN B 100 45.51 11.08 -36.02
C ASN B 100 44.03 11.44 -36.18
N SER B 101 43.70 12.09 -37.29
CA SER B 101 42.37 12.67 -37.46
C SER B 101 41.27 11.62 -37.61
N SER B 102 41.63 10.40 -37.98
CA SER B 102 40.63 9.34 -38.13
C SER B 102 39.94 9.01 -36.82
N TRP B 103 40.60 9.27 -35.69
CA TRP B 103 40.00 8.98 -34.39
C TRP B 103 38.82 9.89 -34.11
N SER B 104 39.04 11.20 -34.17
CA SER B 104 37.98 12.20 -34.06
C SER B 104 38.37 13.39 -34.92
N ASN B 105 37.37 13.97 -35.59
CA ASN B 105 37.59 15.12 -36.46
C ASN B 105 37.31 16.44 -35.77
N ARG B 106 36.98 16.41 -34.48
CA ARG B 106 36.53 17.61 -33.79
C ARG B 106 37.70 18.53 -33.48
N ASN B 107 37.43 19.83 -33.57
CA ASN B 107 38.41 20.86 -33.28
C ASN B 107 38.58 21.00 -31.77
N LEU B 108 39.57 21.80 -31.37
CA LEU B 108 39.93 21.90 -29.95
C LEU B 108 38.79 22.53 -29.14
N SER B 109 38.19 23.59 -29.66
CA SER B 109 37.12 24.28 -28.93
C SER B 109 35.90 23.37 -28.78
N GLU B 110 35.60 22.56 -29.79
CA GLU B 110 34.43 21.69 -29.73
C GLU B 110 34.63 20.55 -28.74
N ILE B 111 35.88 20.10 -28.54
CA ILE B 111 36.13 18.99 -27.64
C ILE B 111 36.05 19.44 -26.19
N TRP B 112 36.77 20.50 -25.86
CA TRP B 112 36.95 20.90 -24.46
C TRP B 112 35.86 21.84 -23.95
N ASP B 113 35.05 22.42 -24.83
CA ASP B 113 34.02 23.38 -24.41
C ASP B 113 32.64 23.01 -24.94
N ASN B 114 32.43 21.76 -25.36
CA ASN B 114 31.14 21.40 -25.91
C ASN B 114 30.78 19.95 -25.62
N MET B 115 31.73 19.16 -25.14
CA MET B 115 31.52 17.75 -24.88
C MET B 115 31.89 17.42 -23.44
N THR B 116 31.22 16.40 -22.89
CA THR B 116 31.55 15.83 -21.59
C THR B 116 32.42 14.60 -21.78
N TRP B 117 33.19 14.25 -20.74
CA TRP B 117 34.07 13.10 -20.81
C TRP B 117 33.30 11.81 -21.11
N LEU B 118 32.02 11.74 -20.71
CA LEU B 118 31.21 10.56 -20.97
C LEU B 118 31.00 10.37 -22.48
N GLN B 119 30.36 11.34 -23.13
CA GLN B 119 30.14 11.25 -24.57
C GLN B 119 31.45 11.27 -25.36
N TRP B 120 32.52 11.81 -24.77
CA TRP B 120 33.83 11.70 -25.41
C TRP B 120 34.33 10.26 -25.37
N ASP B 121 34.27 9.63 -24.19
CA ASP B 121 34.71 8.24 -24.06
C ASP B 121 33.92 7.32 -24.98
N LYS B 122 32.65 7.66 -25.25
CA LYS B 122 31.86 6.86 -26.18
C LYS B 122 32.32 7.08 -27.62
N GLU B 123 32.70 8.31 -27.95
CA GLU B 123 33.16 8.61 -29.30
C GLU B 123 34.54 8.04 -29.58
N ILE B 124 35.37 7.90 -28.54
CA ILE B 124 36.75 7.45 -28.70
C ILE B 124 36.98 6.04 -28.19
N SER B 125 35.97 5.40 -27.59
CA SER B 125 36.08 4.00 -27.16
C SER B 125 36.55 3.09 -28.29
N ASN B 126 36.40 3.53 -29.53
CA ASN B 126 36.78 2.73 -30.69
C ASN B 126 38.27 2.58 -30.86
N TYR B 127 39.02 3.64 -30.58
CA TYR B 127 40.46 3.67 -30.86
C TYR B 127 41.28 3.68 -29.58
N THR B 128 40.66 3.48 -28.42
CA THR B 128 41.38 3.48 -27.15
C THR B 128 42.50 2.44 -27.15
N GLN B 129 42.19 1.22 -27.60
CA GLN B 129 43.20 0.17 -27.64
C GLN B 129 44.33 0.54 -28.60
N ILE B 130 43.98 1.09 -29.76
CA ILE B 130 45.01 1.53 -30.70
C ILE B 130 45.83 2.66 -30.11
N ILE B 131 45.15 3.64 -29.50
CA ILE B 131 45.85 4.77 -28.90
C ILE B 131 46.76 4.30 -27.77
N TYR B 132 46.28 3.36 -26.96
CA TYR B 132 47.09 2.83 -25.86
C TYR B 132 48.33 2.12 -26.39
N GLY B 133 48.19 1.40 -27.51
CA GLY B 133 49.34 0.72 -28.09
C GLY B 133 50.39 1.71 -28.60
N LEU B 134 49.93 2.73 -29.35
CA LEU B 134 50.83 3.80 -29.76
C LEU B 134 51.39 4.54 -28.55
N LEU B 135 50.66 4.56 -27.44
CA LEU B 135 51.08 5.36 -26.29
C LEU B 135 52.25 4.70 -25.56
N GLU B 136 52.30 3.36 -25.54
CA GLU B 136 53.42 2.72 -24.86
C GLU B 136 54.63 2.57 -25.77
N GLU B 137 54.40 2.43 -27.09
CA GLU B 137 55.48 2.19 -28.04
C GLU B 137 56.06 3.49 -28.59
N SER B 138 55.21 4.36 -29.14
CA SER B 138 55.70 5.47 -29.95
C SER B 138 56.63 6.39 -29.16
N GLN B 139 56.26 6.73 -27.92
CA GLN B 139 57.15 7.63 -27.17
C GLN B 139 58.00 6.87 -26.15
N ASN B 140 57.41 6.31 -25.09
CA ASN B 140 58.19 5.92 -23.93
C ASN B 140 59.10 4.72 -24.20
N GLN B 141 58.77 3.88 -25.18
CA GLN B 141 59.72 2.84 -25.54
C GLN B 141 60.82 3.39 -26.44
N GLN B 142 60.51 4.46 -27.19
CA GLN B 142 61.54 5.16 -27.93
C GLN B 142 62.29 6.15 -27.03
N GLU B 143 61.56 6.83 -26.15
CA GLU B 143 62.17 7.84 -25.28
C GLU B 143 63.25 7.23 -24.39
N LYS B 144 63.03 6.01 -23.90
CA LYS B 144 63.99 5.41 -22.98
C LYS B 144 65.24 4.90 -23.71
N ASN B 145 65.07 4.32 -24.90
CA ASN B 145 66.24 3.92 -25.69
C ASN B 145 67.03 5.14 -26.13
N GLU B 146 66.35 6.18 -26.59
CA GLU B 146 67.03 7.43 -26.93
C GLU B 146 67.66 8.07 -25.69
N GLN B 147 67.07 7.84 -24.51
CA GLN B 147 67.66 8.37 -23.28
C GLN B 147 68.96 7.67 -22.96
N ASP B 148 69.05 6.37 -23.25
CA ASP B 148 70.31 5.64 -23.04
C ASP B 148 71.36 6.05 -24.06
N LEU B 149 70.94 6.21 -25.32
CA LEU B 149 71.88 6.63 -26.36
C LEU B 149 72.31 8.08 -26.21
N LEU B 150 71.55 8.89 -25.47
CA LEU B 150 71.91 10.29 -25.29
C LEU B 150 72.91 10.47 -24.16
N ALA B 151 72.64 9.89 -22.99
CA ALA B 151 73.59 9.85 -21.89
C ALA B 151 74.71 8.84 -22.12
N LEU B 152 74.81 8.31 -23.34
CA LEU B 152 75.89 7.38 -23.69
C LEU B 152 77.22 8.07 -23.79
N ASP B 153 77.23 9.40 -23.90
CA ASP B 153 78.47 10.16 -24.08
C ASP B 153 78.63 11.25 -23.02
N SER C 5 -20.24 -33.27 44.76
CA SER C 5 -20.83 -34.33 45.54
C SER C 5 -21.60 -33.80 46.74
N TYR C 6 -20.87 -33.47 47.80
CA TYR C 6 -21.45 -32.99 49.04
C TYR C 6 -20.90 -31.59 49.37
N VAL C 7 -21.42 -31.02 50.46
CA VAL C 7 -21.19 -29.62 50.78
C VAL C 7 -19.82 -29.42 51.40
N ARG C 8 -19.25 -28.22 51.19
CA ARG C 8 -18.02 -27.78 51.81
C ARG C 8 -18.33 -26.77 52.90
N PRO C 9 -17.72 -26.89 54.09
CA PRO C 9 -18.11 -26.00 55.21
C PRO C 9 -17.25 -24.76 55.33
N LEU C 10 -17.88 -23.65 55.74
CA LEU C 10 -17.20 -22.39 55.98
C LEU C 10 -17.71 -21.78 57.28
N SER C 11 -16.80 -21.23 58.08
CA SER C 11 -17.14 -20.68 59.39
C SER C 11 -16.59 -19.26 59.49
N VAL C 12 -17.42 -18.35 60.00
CA VAL C 12 -17.08 -16.93 60.09
C VAL C 12 -17.51 -16.39 61.44
N ALA C 13 -16.67 -15.52 62.01
CA ALA C 13 -17.07 -14.79 63.19
C ALA C 13 -18.18 -13.79 62.84
N LEU C 14 -19.09 -13.58 63.80
CA LEU C 14 -20.21 -12.67 63.59
C LEU C 14 -19.70 -11.24 63.40
N GLY C 15 -20.22 -10.56 62.38
CA GLY C 15 -19.85 -9.19 62.11
C GLY C 15 -18.55 -9.00 61.35
N GLU C 16 -17.86 -10.07 61.01
CA GLU C 16 -16.60 -10.00 60.26
C GLU C 16 -16.81 -10.51 58.86
N THR C 17 -16.18 -9.85 57.89
CA THR C 17 -16.39 -10.18 56.48
C THR C 17 -15.82 -11.57 56.17
N ALA C 18 -16.30 -12.14 55.07
CA ALA C 18 -15.92 -13.49 54.68
C ALA C 18 -15.86 -13.61 53.17
N SER C 19 -14.93 -14.43 52.70
CA SER C 19 -14.77 -14.70 51.27
C SER C 19 -15.08 -16.17 51.01
N ILE C 20 -15.87 -16.42 49.97
CA ILE C 20 -16.27 -17.77 49.59
C ILE C 20 -15.62 -18.10 48.26
N SER C 21 -14.65 -19.00 48.28
CA SER C 21 -14.00 -19.44 47.06
C SER C 21 -14.97 -20.26 46.21
N CYS C 22 -14.70 -20.29 44.90
CA CYS C 22 -15.54 -21.00 43.94
C CYS C 22 -14.77 -22.18 43.39
N GLY C 23 -15.33 -23.38 43.55
CA GLY C 23 -14.75 -24.56 42.95
C GLY C 23 -14.79 -24.48 41.43
N ARG C 24 -14.21 -25.48 40.77
CA ARG C 24 -14.05 -25.54 39.31
C ARG C 24 -13.76 -24.16 38.73
N GLN C 25 -12.57 -23.63 39.00
CA GLN C 25 -12.21 -22.30 38.53
C GLN C 25 -12.16 -22.27 37.00
N ALA C 26 -12.37 -21.08 36.45
CA ALA C 26 -12.56 -20.92 35.01
C ALA C 26 -11.25 -21.06 34.26
N LEU C 27 -11.35 -21.47 33.00
CA LEU C 27 -10.20 -21.57 32.11
C LEU C 27 -9.99 -20.34 31.26
N GLY C 28 -11.08 -19.65 30.87
CA GLY C 28 -11.00 -18.43 30.10
C GLY C 28 -11.81 -17.33 30.76
N SER C 29 -12.29 -16.39 29.93
CA SER C 29 -13.17 -15.36 30.43
C SER C 29 -14.49 -15.97 30.87
N ARG C 30 -15.02 -15.51 32.00
CA ARG C 30 -16.13 -16.20 32.64
C ARG C 30 -17.17 -15.21 33.13
N ALA C 31 -18.42 -15.69 33.18
CA ALA C 31 -19.53 -15.01 33.84
C ALA C 31 -20.09 -15.97 34.88
N VAL C 32 -20.01 -15.58 36.14
CA VAL C 32 -20.41 -16.44 37.25
C VAL C 32 -21.68 -15.90 37.89
N GLN C 33 -22.52 -16.80 38.35
CA GLN C 33 -23.72 -16.47 39.11
C GLN C 33 -23.59 -17.03 40.51
N TRP C 34 -23.90 -16.21 41.52
CA TRP C 34 -23.84 -16.62 42.91
C TRP C 34 -25.24 -16.69 43.47
N TYR C 35 -25.68 -17.89 43.83
CA TYR C 35 -27.02 -18.13 44.36
C TYR C 35 -26.97 -18.37 45.86
N GLN C 36 -27.92 -17.78 46.58
CA GLN C 36 -28.11 -18.04 48.00
C GLN C 36 -29.32 -18.95 48.16
N HIS C 37 -29.12 -20.12 48.77
CA HIS C 37 -30.17 -21.11 48.91
C HIS C 37 -30.28 -21.54 50.36
N ARG C 38 -31.50 -21.47 50.91
CA ARG C 38 -31.82 -21.98 52.22
C ARG C 38 -32.62 -23.27 52.09
N PRO C 39 -32.34 -24.28 52.90
CA PRO C 39 -33.06 -25.56 52.77
C PRO C 39 -34.56 -25.38 52.91
N GLY C 40 -35.29 -25.87 51.91
CA GLY C 40 -36.74 -25.79 51.90
C GLY C 40 -37.32 -24.52 51.32
N GLN C 41 -36.50 -23.49 51.11
CA GLN C 41 -36.96 -22.22 50.59
C GLN C 41 -36.47 -22.03 49.15
N ALA C 42 -36.97 -20.96 48.52
CA ALA C 42 -36.61 -20.68 47.13
C ALA C 42 -35.22 -20.06 47.06
N PRO C 43 -34.38 -20.50 46.12
CA PRO C 43 -33.07 -19.89 45.97
C PRO C 43 -33.16 -18.45 45.50
N ILE C 44 -32.31 -17.60 46.05
CA ILE C 44 -32.21 -16.21 45.68
C ILE C 44 -30.81 -15.99 45.12
N LEU C 45 -30.73 -15.51 43.87
CA LEU C 45 -29.43 -15.20 43.30
C LEU C 45 -28.98 -13.84 43.80
N LEU C 46 -27.74 -13.77 44.25
CA LEU C 46 -27.16 -12.52 44.74
C LEU C 46 -26.45 -11.76 43.64
N ILE C 47 -25.79 -12.46 42.73
CA ILE C 47 -24.95 -11.86 41.70
C ILE C 47 -25.16 -12.62 40.40
N TYR C 48 -25.77 -11.98 39.41
CA TYR C 48 -26.01 -12.61 38.13
C TYR C 48 -24.83 -12.44 37.17
N ASN C 49 -24.21 -11.27 37.22
CA ASN C 49 -22.96 -11.07 36.51
C ASN C 49 -21.97 -10.38 37.40
N ASN C 50 -20.70 -10.70 37.24
CA ASN C 50 -19.85 -11.05 38.37
C ASN C 50 -19.82 -9.84 39.28
N GLN C 51 -19.84 -8.67 38.67
CA GLN C 51 -20.06 -7.42 39.36
C GLN C 51 -21.44 -7.34 40.02
N ASP C 52 -22.47 -7.87 39.35
CA ASP C 52 -23.75 -7.19 39.23
C ASP C 52 -24.83 -7.85 40.10
N ARG C 53 -25.55 -7.04 40.86
CA ARG C 53 -26.55 -7.54 41.79
C ARG C 53 -27.94 -7.05 41.40
N PRO C 54 -28.94 -7.93 41.45
CA PRO C 54 -30.31 -7.52 41.16
C PRO C 54 -30.85 -6.57 42.23
N SER C 55 -31.98 -5.96 41.92
CA SER C 55 -32.60 -5.00 42.82
C SER C 55 -33.09 -5.69 44.10
N GLY C 56 -32.98 -4.98 45.22
CA GLY C 56 -33.36 -5.51 46.51
C GLY C 56 -32.23 -6.16 47.29
N ILE C 57 -31.20 -6.65 46.62
CA ILE C 57 -30.07 -7.29 47.32
C ILE C 57 -29.27 -6.21 48.03
N PRO C 58 -28.85 -6.43 49.29
CA PRO C 58 -28.01 -5.44 49.95
C PRO C 58 -26.64 -5.34 49.29
N GLU C 59 -26.01 -4.18 49.44
CA GLU C 59 -24.71 -3.91 48.83
C GLU C 59 -23.58 -4.69 49.48
N ARG C 60 -23.85 -5.44 50.56
CA ARG C 60 -22.79 -6.11 51.30
C ARG C 60 -22.18 -7.27 50.51
N PHE C 61 -22.99 -7.96 49.72
CA PHE C 61 -22.46 -9.04 48.90
C PHE C 61 -21.79 -8.48 47.65
N SER C 62 -20.68 -9.09 47.25
CA SER C 62 -19.95 -8.62 46.07
C SER C 62 -19.15 -9.76 45.48
N GLY C 63 -18.85 -9.62 44.18
CA GLY C 63 -18.07 -10.61 43.48
C GLY C 63 -17.00 -9.95 42.63
N THR C 64 -16.04 -10.76 42.21
CA THR C 64 -14.86 -10.22 41.54
C THR C 64 -15.11 -10.08 40.04
N PRO C 65 -14.87 -8.91 39.45
CA PRO C 65 -14.80 -8.82 37.99
C PRO C 65 -13.52 -9.43 37.48
N ASP C 66 -13.60 -10.05 36.30
CA ASP C 66 -12.41 -10.58 35.64
C ASP C 66 -11.86 -9.55 34.65
N ILE C 67 -11.50 -8.38 35.20
CA ILE C 67 -10.92 -7.32 34.38
C ILE C 67 -9.61 -7.80 33.77
N ASN C 68 -8.78 -8.48 34.56
CA ASN C 68 -7.54 -9.09 34.10
C ASN C 68 -7.56 -10.55 34.50
N PHE C 69 -7.28 -11.42 33.54
CA PHE C 69 -7.33 -12.86 33.80
C PHE C 69 -6.31 -13.24 34.88
N GLY C 70 -6.60 -14.33 35.57
CA GLY C 70 -5.84 -14.76 36.71
C GLY C 70 -6.53 -14.51 38.04
N THR C 71 -7.57 -13.69 38.06
CA THR C 71 -8.33 -13.45 39.27
C THR C 71 -9.27 -14.62 39.55
N ARG C 72 -9.55 -14.84 40.84
CA ARG C 72 -10.34 -15.96 41.30
C ARG C 72 -11.70 -15.45 41.76
N ALA C 73 -12.76 -16.02 41.19
CA ALA C 73 -14.12 -15.61 41.53
C ALA C 73 -14.43 -15.96 42.98
N THR C 74 -14.60 -14.94 43.83
CA THR C 74 -14.93 -15.14 45.23
C THR C 74 -16.17 -14.33 45.57
N LEU C 75 -16.85 -14.75 46.63
CA LEU C 75 -18.04 -14.08 47.14
C LEU C 75 -17.69 -13.44 48.48
N THR C 76 -17.80 -12.12 48.56
CA THR C 76 -17.47 -11.38 49.76
C THR C 76 -18.76 -10.93 50.44
N ILE C 77 -18.89 -11.25 51.72
CA ILE C 77 -20.05 -10.89 52.52
C ILE C 77 -19.57 -10.03 53.68
N SER C 78 -20.01 -8.78 53.73
CA SER C 78 -19.64 -7.87 54.81
C SER C 78 -20.74 -7.80 55.85
N GLY C 79 -20.34 -7.59 57.11
CA GLY C 79 -21.28 -7.58 58.22
C GLY C 79 -22.03 -8.88 58.33
N VAL C 80 -21.28 -9.99 58.47
CA VAL C 80 -21.89 -11.31 58.48
C VAL C 80 -22.82 -11.44 59.68
N GLU C 81 -24.05 -11.89 59.42
CA GLU C 81 -25.08 -12.00 60.44
C GLU C 81 -25.72 -13.38 60.38
N ALA C 82 -26.73 -13.59 61.22
CA ALA C 82 -27.41 -14.88 61.26
C ALA C 82 -28.07 -15.20 59.93
N GLY C 83 -28.76 -14.22 59.33
CA GLY C 83 -29.48 -14.46 58.11
C GLY C 83 -28.60 -14.84 56.94
N ASP C 84 -27.31 -14.46 56.98
CA ASP C 84 -26.40 -14.82 55.91
C ASP C 84 -26.12 -16.32 55.90
N GLU C 85 -26.25 -16.97 57.05
CA GLU C 85 -25.95 -18.39 57.13
C GLU C 85 -26.88 -19.18 56.24
N ALA C 86 -26.34 -20.14 55.49
CA ALA C 86 -27.03 -20.67 54.33
C ALA C 86 -26.17 -21.58 53.47
N ASP C 87 -26.66 -21.93 52.30
CA ASP C 87 -25.85 -22.61 51.29
C ASP C 87 -25.69 -21.76 50.03
N TYR C 88 -24.45 -21.62 49.58
CA TYR C 88 -24.11 -20.76 48.46
C TYR C 88 -23.56 -21.60 47.32
N TYR C 89 -24.13 -21.40 46.13
CA TYR C 89 -23.75 -22.14 44.94
C TYR C 89 -23.07 -21.20 43.94
N CYS C 90 -22.05 -21.70 43.25
CA CYS C 90 -21.28 -20.92 42.30
C CYS C 90 -21.50 -21.51 40.91
N HIS C 91 -22.34 -20.86 40.11
CA HIS C 91 -22.61 -21.29 38.75
C HIS C 91 -21.56 -20.68 37.82
N MET C 92 -20.79 -21.53 37.16
CA MET C 92 -19.65 -21.11 36.37
C MET C 92 -19.94 -21.21 34.88
N TRP C 93 -19.55 -20.19 34.13
CA TRP C 93 -19.67 -20.18 32.67
C TRP C 93 -18.38 -19.58 32.11
N ASP C 94 -17.47 -20.43 31.64
CA ASP C 94 -16.25 -19.95 31.01
C ASP C 94 -16.30 -20.21 29.51
N SER C 95 -15.39 -19.55 28.79
CA SER C 95 -15.36 -19.63 27.34
C SER C 95 -14.79 -20.95 26.84
N ARG C 96 -13.87 -21.55 27.60
CA ARG C 96 -13.24 -22.79 27.16
C ARG C 96 -14.16 -23.99 27.35
N SER C 97 -14.73 -24.15 28.54
CA SER C 97 -15.64 -25.25 28.79
C SER C 97 -16.95 -25.05 28.03
N GLY C 98 -17.65 -26.16 27.83
CA GLY C 98 -18.90 -26.12 27.09
C GLY C 98 -20.05 -25.60 27.92
N PHE C 99 -21.26 -26.07 27.62
CA PHE C 99 -22.44 -25.69 28.39
C PHE C 99 -22.32 -26.24 29.81
N SER C 100 -22.43 -25.35 30.79
CA SER C 100 -22.30 -25.72 32.20
C SER C 100 -23.70 -25.93 32.78
N TRP C 101 -24.11 -27.20 32.87
CA TRP C 101 -25.45 -27.51 33.36
C TRP C 101 -25.51 -27.49 34.89
N SER C 102 -24.50 -28.03 35.56
CA SER C 102 -24.55 -28.15 37.01
C SER C 102 -24.09 -26.86 37.67
N PHE C 103 -24.70 -26.56 38.82
CA PHE C 103 -24.22 -25.52 39.70
C PHE C 103 -23.00 -26.04 40.46
N GLY C 104 -22.31 -25.14 41.15
CA GLY C 104 -21.17 -25.53 41.93
C GLY C 104 -21.55 -26.43 43.09
N GLY C 105 -20.53 -27.05 43.68
CA GLY C 105 -20.75 -27.74 44.94
C GLY C 105 -21.17 -26.77 46.03
N ALA C 106 -22.14 -27.19 46.83
CA ALA C 106 -22.70 -26.29 47.83
C ALA C 106 -21.64 -25.88 48.84
N THR C 107 -21.83 -24.69 49.42
CA THR C 107 -20.95 -24.15 50.45
C THR C 107 -21.80 -23.77 51.64
N ARG C 108 -21.68 -24.53 52.73
CA ARG C 108 -22.48 -24.32 53.93
C ARG C 108 -21.81 -23.26 54.79
N LEU C 109 -22.41 -22.07 54.82
CA LEU C 109 -21.90 -20.96 55.63
C LEU C 109 -22.47 -21.05 57.03
N THR C 110 -21.61 -21.10 58.04
CA THR C 110 -22.00 -21.07 59.43
C THR C 110 -21.40 -19.84 60.10
N VAL C 111 -22.18 -19.20 60.97
CA VAL C 111 -21.77 -17.99 61.66
C VAL C 111 -21.39 -18.35 63.09
N LEU C 112 -20.14 -18.13 63.45
CA LEU C 112 -19.66 -18.46 64.78
C LEU C 112 -19.93 -17.31 65.74
N GLY C 113 -19.84 -17.61 67.04
CA GLY C 113 -20.03 -16.61 68.05
C GLY C 113 -21.46 -16.14 68.24
N GLN C 114 -22.43 -16.81 67.62
CA GLN C 114 -23.83 -16.44 67.82
C GLN C 114 -24.21 -16.66 69.28
N PRO C 115 -25.05 -15.79 69.85
CA PRO C 115 -25.46 -15.97 71.25
C PRO C 115 -26.39 -17.17 71.40
N LYS C 116 -26.07 -18.04 72.35
CA LYS C 116 -26.91 -19.22 72.56
C LYS C 116 -28.24 -18.82 73.19
N ALA C 117 -29.29 -19.54 72.82
CA ALA C 117 -30.65 -19.28 73.30
C ALA C 117 -31.20 -20.54 73.93
N ALA C 118 -31.71 -20.40 75.16
CA ALA C 118 -32.24 -21.54 75.88
C ALA C 118 -33.50 -22.07 75.17
N PRO C 119 -33.69 -23.38 75.14
CA PRO C 119 -34.85 -23.94 74.45
C PRO C 119 -36.13 -23.72 75.24
N SER C 120 -37.21 -23.45 74.51
CA SER C 120 -38.55 -23.31 75.10
C SER C 120 -39.31 -24.60 74.86
N VAL C 121 -39.50 -25.39 75.92
CA VAL C 121 -40.12 -26.70 75.81
C VAL C 121 -41.55 -26.61 76.30
N THR C 122 -42.44 -27.33 75.61
CA THR C 122 -43.86 -27.39 75.97
C THR C 122 -44.34 -28.82 75.73
N LEU C 123 -44.66 -29.54 76.80
CA LEU C 123 -45.13 -30.91 76.71
C LEU C 123 -46.64 -30.94 76.76
N PHE C 124 -47.24 -31.72 75.85
CA PHE C 124 -48.68 -31.79 75.72
C PHE C 124 -49.15 -33.24 75.92
N PRO C 125 -50.08 -33.46 76.85
CA PRO C 125 -50.62 -34.81 77.07
C PRO C 125 -51.55 -35.19 75.92
N PRO C 126 -51.85 -36.49 75.77
CA PRO C 126 -52.74 -36.91 74.70
C PRO C 126 -54.15 -36.37 74.89
N SER C 127 -54.80 -36.03 73.77
CA SER C 127 -56.16 -35.53 73.82
C SER C 127 -57.13 -36.65 74.21
N SER C 128 -58.24 -36.25 74.83
CA SER C 128 -59.26 -37.21 75.20
C SER C 128 -59.84 -37.89 73.97
N GLU C 129 -59.95 -37.16 72.87
CA GLU C 129 -60.46 -37.74 71.63
C GLU C 129 -59.48 -38.77 71.05
N GLU C 130 -58.18 -38.58 71.27
CA GLU C 130 -57.22 -39.59 70.89
C GLU C 130 -57.36 -40.84 71.75
N LEU C 131 -57.70 -40.67 73.04
CA LEU C 131 -57.90 -41.82 73.91
C LEU C 131 -59.13 -42.62 73.50
N GLN C 132 -60.17 -41.95 73.02
CA GLN C 132 -61.32 -42.67 72.48
C GLN C 132 -60.94 -43.47 71.25
N ALA C 133 -59.97 -42.99 70.47
CA ALA C 133 -59.47 -43.69 69.30
C ALA C 133 -58.51 -44.82 69.64
N ASN C 134 -58.32 -45.11 70.94
CA ASN C 134 -57.49 -46.21 71.41
C ASN C 134 -56.01 -46.01 71.06
N LYS C 135 -55.56 -44.76 71.03
CA LYS C 135 -54.16 -44.44 70.80
C LYS C 135 -53.77 -43.25 71.68
N ALA C 136 -52.48 -43.12 71.95
CA ALA C 136 -51.98 -42.06 72.81
C ALA C 136 -50.60 -41.63 72.37
N THR C 137 -50.38 -40.32 72.31
CA THR C 137 -49.10 -39.76 71.91
C THR C 137 -48.77 -38.56 72.80
N LEU C 138 -47.60 -38.61 73.44
CA LEU C 138 -47.06 -37.47 74.15
C LEU C 138 -46.22 -36.64 73.18
N VAL C 139 -46.42 -35.33 73.20
CA VAL C 139 -45.86 -34.43 72.21
C VAL C 139 -45.00 -33.41 72.92
N CYS C 140 -43.69 -33.47 72.70
CA CYS C 140 -42.72 -32.58 73.31
C CYS C 140 -42.20 -31.62 72.24
N LEU C 141 -42.43 -30.33 72.43
CA LEU C 141 -42.11 -29.32 71.42
C LEU C 141 -41.02 -28.39 71.94
N ILE C 142 -39.99 -28.18 71.12
CA ILE C 142 -38.80 -27.40 71.49
C ILE C 142 -38.63 -26.29 70.46
N SER C 143 -38.60 -25.04 70.92
CA SER C 143 -38.53 -23.90 70.02
C SER C 143 -37.48 -22.91 70.50
N ASP C 144 -36.94 -22.15 69.55
CA ASP C 144 -36.07 -21.01 69.82
C ASP C 144 -34.82 -21.41 70.61
N PHE C 145 -34.03 -22.32 70.04
CA PHE C 145 -32.80 -22.76 70.69
C PHE C 145 -31.65 -22.73 69.69
N TYR C 146 -30.53 -22.16 70.12
CA TYR C 146 -29.27 -22.20 69.38
C TYR C 146 -28.14 -22.48 70.36
N PRO C 147 -27.15 -23.28 69.95
CA PRO C 147 -27.02 -24.00 68.68
C PRO C 147 -27.99 -25.18 68.55
N GLY C 148 -28.40 -25.46 67.32
CA GLY C 148 -29.39 -26.49 67.06
C GLY C 148 -28.90 -27.90 67.30
N ALA C 149 -28.62 -28.24 68.57
CA ALA C 149 -28.20 -29.58 68.94
C ALA C 149 -28.82 -29.90 70.28
N VAL C 150 -29.79 -30.83 70.29
CA VAL C 150 -30.47 -31.23 71.52
C VAL C 150 -30.58 -32.75 71.54
N THR C 151 -30.68 -33.29 72.75
CA THR C 151 -30.96 -34.71 72.97
C THR C 151 -32.21 -34.83 73.81
N VAL C 152 -33.10 -35.75 73.43
CA VAL C 152 -34.39 -35.92 74.08
C VAL C 152 -34.44 -37.30 74.72
N ALA C 153 -34.64 -37.33 76.02
CA ALA C 153 -34.79 -38.58 76.77
C ALA C 153 -36.13 -38.55 77.49
N TRP C 154 -36.92 -39.62 77.31
CA TRP C 154 -38.24 -39.72 77.91
C TRP C 154 -38.16 -40.52 79.20
N LYS C 155 -38.88 -40.05 80.21
CA LYS C 155 -39.03 -40.77 81.46
C LYS C 155 -40.50 -41.05 81.72
N ALA C 156 -40.81 -42.27 82.12
CA ALA C 156 -41.94 -42.52 83.00
C ALA C 156 -41.44 -42.68 84.42
N ASP C 157 -41.94 -41.85 85.31
CA ASP C 157 -41.49 -41.87 86.69
C ASP C 157 -39.98 -41.67 86.72
N SER C 158 -39.26 -42.52 87.46
CA SER C 158 -37.83 -42.70 87.26
C SER C 158 -37.49 -43.26 85.89
N SER C 159 -38.26 -44.24 85.44
CA SER C 159 -37.81 -45.12 84.38
C SER C 159 -37.73 -44.38 83.05
N PRO C 160 -36.76 -44.73 82.22
CA PRO C 160 -36.79 -44.27 80.82
C PRO C 160 -37.61 -45.18 79.93
N VAL C 161 -38.20 -44.57 78.90
CA VAL C 161 -39.11 -45.29 78.01
C VAL C 161 -38.34 -46.08 76.95
N LYS C 162 -37.51 -45.40 76.16
CA LYS C 162 -36.60 -45.99 75.18
C LYS C 162 -37.31 -46.70 74.03
N ALA C 163 -38.64 -46.73 74.02
CA ALA C 163 -39.38 -47.43 72.97
C ALA C 163 -40.52 -46.54 72.47
N GLY C 164 -40.75 -46.56 71.16
CA GLY C 164 -41.79 -45.74 70.59
C GLY C 164 -41.45 -44.26 70.57
N VAL C 165 -40.16 -43.93 70.49
CA VAL C 165 -39.68 -42.55 70.53
C VAL C 165 -39.20 -42.17 69.14
N GLU C 166 -39.76 -41.09 68.61
CA GLU C 166 -39.40 -40.59 67.29
C GLU C 166 -39.19 -39.09 67.39
N THR C 167 -38.00 -38.62 66.99
CA THR C 167 -37.62 -37.23 67.15
C THR C 167 -37.15 -36.65 65.82
N THR C 168 -37.58 -35.42 65.54
CA THR C 168 -37.13 -34.72 64.35
C THR C 168 -35.74 -34.14 64.57
N THR C 169 -34.93 -34.14 63.53
CA THR C 169 -33.69 -33.37 63.56
C THR C 169 -34.04 -31.88 63.59
N PRO C 170 -33.28 -31.07 64.32
CA PRO C 170 -33.63 -29.65 64.45
C PRO C 170 -33.64 -28.95 63.09
N SER C 171 -34.60 -28.03 62.93
CA SER C 171 -34.74 -27.26 61.71
C SER C 171 -34.82 -25.78 62.06
N LYS C 172 -34.17 -24.95 61.25
CA LYS C 172 -34.13 -23.51 61.49
C LYS C 172 -35.45 -22.87 61.10
N GLN C 173 -35.94 -21.96 61.95
CA GLN C 173 -37.15 -21.20 61.69
C GLN C 173 -36.77 -19.77 61.32
N SER C 174 -37.79 -18.94 61.08
CA SER C 174 -37.57 -17.56 60.68
C SER C 174 -36.86 -16.75 61.77
N ASN C 175 -36.96 -17.18 63.02
CA ASN C 175 -36.26 -16.53 64.13
C ASN C 175 -34.75 -16.75 64.08
N ASN C 176 -34.24 -17.46 63.07
CA ASN C 176 -32.85 -17.91 62.97
C ASN C 176 -32.44 -18.82 64.13
N LYS C 177 -33.39 -19.21 64.96
CA LYS C 177 -33.20 -20.25 65.96
C LYS C 177 -33.79 -21.55 65.42
N TYR C 178 -33.38 -22.66 66.02
CA TYR C 178 -33.83 -23.96 65.57
C TYR C 178 -35.11 -24.38 66.28
N ALA C 179 -35.76 -25.41 65.74
CA ALA C 179 -37.00 -25.93 66.29
C ALA C 179 -37.08 -27.42 66.05
N ALA C 180 -37.33 -28.18 67.11
CA ALA C 180 -37.42 -29.64 67.03
C ALA C 180 -38.61 -30.11 67.84
N SER C 181 -39.12 -31.29 67.50
CA SER C 181 -40.26 -31.88 68.18
C SER C 181 -40.03 -33.37 68.35
N SER C 182 -40.51 -33.91 69.47
CA SER C 182 -40.38 -35.33 69.77
C SER C 182 -41.76 -35.91 70.08
N TYR C 183 -41.99 -37.13 69.60
CA TYR C 183 -43.27 -37.81 69.77
C TYR C 183 -43.04 -39.15 70.46
N LEU C 184 -43.75 -39.39 71.55
CA LEU C 184 -43.71 -40.67 72.26
C LEU C 184 -45.05 -41.37 72.06
N SER C 185 -45.03 -42.47 71.31
CA SER C 185 -46.23 -43.24 71.06
C SER C 185 -46.47 -44.20 72.21
N LEU C 186 -47.70 -44.20 72.72
CA LEU C 186 -48.06 -45.04 73.86
C LEU C 186 -49.47 -45.61 73.66
N THR C 187 -49.73 -46.71 74.35
CA THR C 187 -51.08 -47.24 74.42
C THR C 187 -51.84 -46.53 75.54
N PRO C 188 -53.15 -46.32 75.37
CA PRO C 188 -53.91 -45.60 76.40
C PRO C 188 -53.84 -46.25 77.77
N GLU C 189 -53.75 -47.57 77.83
CA GLU C 189 -53.63 -48.27 79.11
C GLU C 189 -52.30 -47.96 79.77
N GLN C 190 -51.23 -47.89 78.99
CA GLN C 190 -49.92 -47.52 79.55
C GLN C 190 -49.90 -46.08 80.02
N TRP C 191 -50.68 -45.21 79.36
CA TRP C 191 -50.77 -43.82 79.80
C TRP C 191 -51.50 -43.69 81.13
N LYS C 192 -52.49 -44.53 81.37
CA LYS C 192 -53.26 -44.47 82.60
C LYS C 192 -52.55 -45.14 83.77
N SER C 193 -51.67 -46.11 83.49
CA SER C 193 -51.04 -46.87 84.55
C SER C 193 -50.05 -46.02 85.34
N HIS C 194 -49.21 -45.26 84.65
CA HIS C 194 -48.14 -44.53 85.32
C HIS C 194 -48.67 -43.23 85.94
N LYS C 195 -47.95 -42.76 86.96
CA LYS C 195 -48.35 -41.55 87.67
C LYS C 195 -48.16 -40.31 86.81
N SER C 196 -46.98 -40.15 86.23
CA SER C 196 -46.69 -38.99 85.40
C SER C 196 -45.64 -39.36 84.37
N TYR C 197 -45.57 -38.55 83.32
CA TYR C 197 -44.57 -38.71 82.26
C TYR C 197 -43.77 -37.43 82.11
N SER C 198 -42.48 -37.59 81.81
CA SER C 198 -41.54 -36.48 81.78
C SER C 198 -40.76 -36.47 80.48
N CYS C 199 -40.58 -35.27 79.92
CA CYS C 199 -39.75 -35.06 78.74
C CYS C 199 -38.51 -34.30 79.16
N GLN C 200 -37.34 -34.91 78.98
CA GLN C 200 -36.06 -34.30 79.34
C GLN C 200 -35.34 -33.88 78.06
N VAL C 201 -35.01 -32.59 77.98
CA VAL C 201 -34.32 -32.02 76.83
C VAL C 201 -32.99 -31.45 77.31
N THR C 202 -31.90 -31.93 76.72
CA THR C 202 -30.55 -31.49 77.07
C THR C 202 -30.00 -30.65 75.93
N HIS C 203 -29.62 -29.41 76.24
CA HIS C 203 -29.06 -28.48 75.27
C HIS C 203 -27.75 -27.93 75.82
N GLU C 204 -26.65 -28.23 75.14
CA GLU C 204 -25.29 -27.91 75.60
C GLU C 204 -25.10 -28.59 76.95
N GLY C 205 -24.69 -27.88 78.00
CA GLY C 205 -24.60 -28.47 79.31
C GLY C 205 -25.87 -28.43 80.12
N SER C 206 -26.85 -27.63 79.71
CA SER C 206 -28.07 -27.47 80.47
C SER C 206 -29.07 -28.58 80.14
N THR C 207 -30.03 -28.76 81.03
CA THR C 207 -31.07 -29.77 80.87
C THR C 207 -32.37 -29.24 81.46
N VAL C 208 -33.45 -29.31 80.69
CA VAL C 208 -34.77 -28.87 81.12
C VAL C 208 -35.72 -30.06 81.06
N GLU C 209 -36.55 -30.20 82.10
CA GLU C 209 -37.48 -31.30 82.22
C GLU C 209 -38.90 -30.76 82.43
N LYS C 210 -39.85 -31.30 81.67
CA LYS C 210 -41.26 -30.97 81.80
C LYS C 210 -42.04 -32.23 82.14
N THR C 211 -43.10 -32.06 82.93
CA THR C 211 -43.87 -33.20 83.43
C THR C 211 -45.35 -32.98 83.16
N VAL C 212 -46.05 -34.06 82.79
CA VAL C 212 -47.49 -34.06 82.64
C VAL C 212 -48.03 -35.36 83.20
N ALA C 213 -49.28 -35.32 83.67
CA ALA C 213 -49.89 -36.45 84.34
C ALA C 213 -51.33 -36.63 83.87
N PRO C 214 -51.86 -37.85 83.95
CA PRO C 214 -53.27 -38.06 83.59
C PRO C 214 -54.20 -37.37 84.57
N THR C 215 -55.37 -36.98 84.05
CA THR C 215 -56.38 -36.32 84.86
C THR C 215 -57.00 -37.28 85.88
N GLN D 1 -42.49 -7.95 39.96
CA GLN D 1 -43.82 -7.74 39.40
C GLN D 1 -44.30 -9.01 38.71
N VAL D 2 -43.53 -10.09 38.86
CA VAL D 2 -43.82 -11.37 38.23
C VAL D 2 -43.97 -12.41 39.33
N GLN D 3 -45.03 -13.21 39.24
CA GLN D 3 -45.32 -14.25 40.23
C GLN D 3 -45.44 -15.61 39.55
N LEU D 4 -44.80 -16.61 40.14
CA LEU D 4 -44.79 -17.97 39.61
C LEU D 4 -45.47 -18.89 40.61
N GLN D 5 -46.36 -19.75 40.11
CA GLN D 5 -47.14 -20.64 40.96
C GLN D 5 -47.00 -22.07 40.46
N GLU D 6 -46.40 -22.93 41.28
CA GLU D 6 -46.24 -24.34 40.95
C GLU D 6 -47.41 -25.14 41.50
N SER D 7 -48.05 -25.91 40.63
CA SER D 7 -49.14 -26.80 41.03
C SER D 7 -48.93 -28.17 40.40
N GLY D 8 -49.21 -29.21 41.18
CA GLY D 8 -49.03 -30.57 40.73
C GLY D 8 -49.58 -31.58 41.72
N PRO D 9 -49.42 -32.86 41.41
CA PRO D 9 -49.97 -33.90 42.31
C PRO D 9 -49.30 -33.94 43.67
N GLY D 10 -47.96 -33.95 43.70
CA GLY D 10 -47.23 -34.12 44.94
C GLY D 10 -46.94 -35.57 45.28
N LEU D 11 -47.58 -36.52 44.60
CA LEU D 11 -47.33 -37.94 44.80
C LEU D 11 -47.58 -38.66 43.48
N VAL D 12 -46.58 -39.40 43.02
CA VAL D 12 -46.66 -40.14 41.77
C VAL D 12 -46.14 -41.55 42.00
N LYS D 13 -46.81 -42.52 41.39
CA LYS D 13 -46.35 -43.90 41.47
C LYS D 13 -45.02 -44.06 40.73
N PRO D 14 -44.17 -44.99 41.17
CA PRO D 14 -42.92 -45.26 40.45
C PRO D 14 -43.20 -45.74 39.04
N SER D 15 -42.28 -45.41 38.13
CA SER D 15 -42.38 -45.78 36.72
C SER D 15 -43.67 -45.24 36.10
N GLU D 16 -44.00 -44.00 36.40
CA GLU D 16 -45.15 -43.33 35.81
C GLU D 16 -44.75 -41.90 35.45
N THR D 17 -45.59 -41.26 34.63
CA THR D 17 -45.30 -39.93 34.11
C THR D 17 -45.71 -38.87 35.13
N LEU D 18 -44.75 -38.05 35.55
CA LEU D 18 -45.01 -36.94 36.45
C LEU D 18 -45.27 -35.67 35.64
N SER D 19 -46.32 -34.94 36.00
CA SER D 19 -46.67 -33.70 35.35
C SER D 19 -46.69 -32.56 36.36
N LEU D 20 -46.33 -31.37 35.90
CA LEU D 20 -46.32 -30.18 36.75
C LEU D 20 -46.68 -28.97 35.90
N THR D 21 -47.17 -27.92 36.57
CA THR D 21 -47.64 -26.73 35.88
C THR D 21 -47.21 -25.50 36.66
N CYS D 22 -46.67 -24.50 35.94
CA CYS D 22 -46.10 -23.30 36.54
C CYS D 22 -46.77 -22.08 35.92
N THR D 23 -47.73 -21.50 36.62
CA THR D 23 -48.51 -20.38 36.09
C THR D 23 -47.81 -19.06 36.40
N VAL D 24 -47.71 -18.20 35.38
CA VAL D 24 -47.09 -16.88 35.50
C VAL D 24 -48.18 -15.82 35.41
N SER D 25 -48.14 -14.86 36.33
CA SER D 25 -49.09 -13.76 36.34
C SER D 25 -48.49 -12.42 35.98
N GLY D 26 -47.17 -12.26 36.12
CA GLY D 26 -46.52 -10.98 35.89
C GLY D 26 -46.42 -10.55 34.44
N GLY D 27 -46.04 -11.47 33.55
CA GLY D 27 -45.84 -11.10 32.16
C GLY D 27 -46.09 -12.27 31.22
N SER D 28 -46.01 -11.97 29.92
CA SER D 28 -46.21 -12.98 28.90
C SER D 28 -45.08 -13.99 28.89
N ILE D 29 -45.41 -15.24 28.59
CA ILE D 29 -44.40 -16.29 28.57
C ILE D 29 -43.45 -16.12 27.39
N SER D 30 -43.92 -15.48 26.31
CA SER D 30 -43.19 -15.43 25.05
C SER D 30 -42.17 -14.30 24.98
N ASN D 31 -41.87 -13.64 26.10
CA ASN D 31 -40.85 -12.61 26.13
C ASN D 31 -39.58 -13.03 26.85
N TYR D 32 -39.68 -13.93 27.82
CA TYR D 32 -38.53 -14.37 28.62
C TYR D 32 -38.45 -15.89 28.59
N TYR D 33 -37.33 -16.41 29.07
CA TYR D 33 -37.11 -17.85 29.13
C TYR D 33 -37.59 -18.40 30.47
N TRP D 34 -37.74 -19.72 30.54
CA TRP D 34 -38.22 -20.39 31.73
C TRP D 34 -37.43 -21.68 31.94
N SER D 35 -37.24 -22.05 33.20
CA SER D 35 -36.38 -23.19 33.51
C SER D 35 -36.92 -23.92 34.74
N TRP D 36 -36.58 -25.21 34.83
CA TRP D 36 -36.99 -26.07 35.93
C TRP D 36 -35.77 -26.51 36.73
N ILE D 37 -35.85 -26.38 38.05
CA ILE D 37 -34.79 -26.81 38.96
C ILE D 37 -35.44 -27.64 40.07
N ARG D 38 -34.77 -28.73 40.46
CA ARG D 38 -35.27 -29.60 41.51
C ARG D 38 -34.23 -29.74 42.62
N GLN D 39 -34.70 -29.90 43.85
CA GLN D 39 -33.85 -29.95 45.04
C GLN D 39 -34.22 -31.19 45.85
N SER D 40 -33.37 -32.25 45.76
CA SER D 40 -33.60 -33.49 46.49
C SER D 40 -32.82 -33.51 47.79
N PRO D 41 -33.39 -34.05 48.86
CA PRO D 41 -32.73 -34.00 50.18
C PRO D 41 -31.40 -34.74 50.16
N GLY D 42 -30.39 -34.13 50.78
CA GLY D 42 -29.07 -34.71 50.81
C GLY D 42 -28.23 -34.44 49.59
N LYS D 43 -28.73 -33.65 48.63
CA LYS D 43 -28.02 -33.36 47.40
C LYS D 43 -28.22 -31.89 47.04
N GLY D 44 -27.29 -31.37 46.26
CA GLY D 44 -27.45 -30.03 45.73
C GLY D 44 -28.58 -29.95 44.73
N LEU D 45 -28.95 -28.71 44.40
CA LEU D 45 -30.02 -28.51 43.44
C LEU D 45 -29.52 -28.78 42.03
N GLU D 46 -30.44 -29.21 41.16
CA GLU D 46 -30.09 -29.70 39.82
C GLU D 46 -30.89 -28.95 38.77
N TRP D 47 -30.20 -28.36 37.81
CA TRP D 47 -30.81 -27.76 36.64
C TRP D 47 -31.15 -28.84 35.62
N ILE D 48 -32.44 -28.98 35.29
CA ILE D 48 -32.88 -30.09 34.44
C ILE D 48 -33.17 -29.63 33.01
N GLY D 49 -33.58 -28.39 32.81
CA GLY D 49 -33.87 -27.93 31.47
C GLY D 49 -34.46 -26.53 31.47
N TYR D 50 -34.49 -25.94 30.28
CA TYR D 50 -35.07 -24.62 30.10
C TYR D 50 -35.79 -24.54 28.76
N ILE D 51 -36.67 -23.55 28.65
CA ILE D 51 -37.45 -23.32 27.44
C ILE D 51 -37.34 -21.86 27.06
N SER D 52 -37.20 -21.59 25.76
CA SER D 52 -37.00 -20.23 25.29
C SER D 52 -38.35 -19.55 25.01
N ASP D 53 -38.27 -18.24 24.73
CA ASP D 53 -39.47 -17.49 24.38
C ASP D 53 -40.05 -17.95 23.04
N SER D 54 -39.18 -18.35 22.10
CA SER D 54 -39.60 -18.86 20.81
C SER D 54 -39.91 -20.35 20.84
N GLU D 55 -40.07 -20.93 22.03
CA GLU D 55 -40.42 -22.34 22.21
C GLU D 55 -39.37 -23.26 21.60
N SER D 56 -38.19 -23.23 22.22
CA SER D 56 -37.09 -24.13 21.87
C SER D 56 -36.53 -24.71 23.16
N THR D 57 -36.64 -26.03 23.31
CA THR D 57 -36.26 -26.71 24.54
C THR D 57 -34.78 -27.11 24.50
N ASN D 58 -34.22 -27.30 25.70
CA ASN D 58 -32.86 -27.80 25.85
C ASN D 58 -32.75 -28.42 27.23
N TYR D 59 -32.26 -29.65 27.30
CA TYR D 59 -32.33 -30.47 28.50
C TYR D 59 -30.94 -30.83 29.01
N ASN D 60 -30.88 -31.12 30.30
CA ASN D 60 -29.66 -31.64 30.91
C ASN D 60 -29.34 -33.02 30.33
N PRO D 61 -28.09 -33.27 29.95
CA PRO D 61 -27.76 -34.57 29.33
C PRO D 61 -28.04 -35.77 30.22
N SER D 62 -27.98 -35.62 31.54
CA SER D 62 -28.18 -36.76 32.42
C SER D 62 -29.64 -37.22 32.42
N LEU D 63 -30.58 -36.28 32.33
CA LEU D 63 -32.00 -36.59 32.32
C LEU D 63 -32.65 -36.32 30.97
N LYS D 64 -31.83 -36.10 29.92
CA LYS D 64 -32.35 -35.67 28.63
C LYS D 64 -33.37 -36.63 28.04
N SER D 65 -33.21 -37.92 28.29
CA SER D 65 -34.07 -38.93 27.66
C SER D 65 -35.49 -38.93 28.22
N ARG D 66 -35.70 -38.43 29.43
CA ARG D 66 -36.96 -38.65 30.14
C ARG D 66 -37.78 -37.39 30.37
N VAL D 67 -37.28 -36.22 29.97
CA VAL D 67 -37.90 -34.94 30.33
C VAL D 67 -38.43 -34.27 29.07
N ILE D 68 -39.65 -33.72 29.18
CA ILE D 68 -40.26 -32.92 28.12
C ILE D 68 -40.80 -31.65 28.77
N ILE D 69 -40.42 -30.49 28.23
CA ILE D 69 -40.89 -29.20 28.71
C ILE D 69 -41.78 -28.57 27.65
N SER D 70 -42.89 -27.98 28.09
CA SER D 70 -43.82 -27.32 27.18
C SER D 70 -44.27 -26.00 27.81
N VAL D 71 -44.76 -25.10 26.96
CA VAL D 71 -45.32 -23.83 27.39
C VAL D 71 -46.63 -23.61 26.64
N ASP D 72 -47.64 -23.13 27.36
CA ASP D 72 -48.95 -22.85 26.77
C ASP D 72 -49.03 -21.39 26.33
N THR D 73 -49.67 -21.16 25.18
CA THR D 73 -49.85 -19.81 24.69
C THR D 73 -51.13 -19.17 25.22
N SER D 74 -52.20 -19.96 25.32
CA SER D 74 -53.46 -19.44 25.84
C SER D 74 -53.35 -19.10 27.33
N LYS D 75 -52.66 -19.95 28.09
CA LYS D 75 -52.44 -19.73 29.51
C LYS D 75 -50.96 -19.48 29.75
N ASN D 76 -50.65 -18.46 30.56
CA ASN D 76 -49.25 -18.19 30.90
C ASN D 76 -48.73 -19.24 31.87
N GLN D 77 -48.69 -20.50 31.44
CA GLN D 77 -48.20 -21.59 32.26
C GLN D 77 -47.27 -22.47 31.44
N LEU D 78 -46.24 -23.01 32.10
CA LEU D 78 -45.29 -23.92 31.47
C LEU D 78 -45.37 -25.26 32.18
N SER D 79 -45.37 -26.34 31.40
CA SER D 79 -45.57 -27.68 31.93
C SER D 79 -44.27 -28.47 31.88
N LEU D 80 -44.10 -29.35 32.87
CA LEU D 80 -42.96 -30.24 32.97
C LEU D 80 -43.47 -31.68 33.04
N LYS D 81 -42.88 -32.56 32.23
CA LYS D 81 -43.28 -33.95 32.18
C LYS D 81 -42.07 -34.85 32.25
N LEU D 82 -42.08 -35.78 33.20
CA LEU D 82 -40.96 -36.68 33.45
C LEU D 82 -41.46 -38.11 33.38
N ASN D 83 -40.79 -38.95 32.60
CA ASN D 83 -41.19 -40.33 32.37
C ASN D 83 -40.30 -41.28 33.15
N SER D 84 -40.88 -42.41 33.56
CA SER D 84 -40.16 -43.48 34.26
C SER D 84 -39.48 -42.96 35.53
N VAL D 85 -40.28 -42.32 36.39
CA VAL D 85 -39.75 -41.75 37.61
C VAL D 85 -39.43 -42.85 38.62
N THR D 86 -38.52 -42.53 39.54
CA THR D 86 -38.17 -43.43 40.63
C THR D 86 -38.20 -42.67 41.95
N ALA D 87 -37.75 -43.31 43.03
CA ALA D 87 -37.71 -42.66 44.33
C ALA D 87 -36.71 -41.51 44.38
N ALA D 88 -35.72 -41.51 43.49
CA ALA D 88 -34.74 -40.42 43.45
C ALA D 88 -35.31 -39.17 42.82
N ASP D 89 -36.25 -39.31 41.87
CA ASP D 89 -36.84 -38.15 41.21
C ASP D 89 -37.71 -37.32 42.14
N SER D 90 -38.04 -37.83 43.32
CA SER D 90 -38.85 -37.06 44.27
C SER D 90 -38.01 -35.97 44.90
N ALA D 91 -38.51 -34.73 44.84
CA ALA D 91 -37.76 -33.57 45.31
C ALA D 91 -38.69 -32.37 45.32
N ILE D 92 -38.18 -31.25 45.83
CA ILE D 92 -38.85 -29.97 45.69
C ILE D 92 -38.59 -29.45 44.29
N TYR D 93 -39.65 -29.03 43.60
CA TYR D 93 -39.56 -28.60 42.20
C TYR D 93 -39.82 -27.11 42.11
N TYR D 94 -38.86 -26.37 41.56
CA TYR D 94 -38.98 -24.94 41.34
C TYR D 94 -39.00 -24.66 39.84
N CYS D 95 -39.85 -23.72 39.43
CA CYS D 95 -39.79 -23.12 38.11
C CYS D 95 -39.34 -21.68 38.27
N ALA D 96 -38.52 -21.21 37.33
CA ALA D 96 -37.89 -19.91 37.45
C ALA D 96 -37.81 -19.23 36.10
N ARG D 97 -37.91 -17.90 36.11
CA ARG D 97 -37.77 -17.10 34.91
C ARG D 97 -36.30 -16.87 34.62
N ALA D 98 -35.83 -17.36 33.48
CA ALA D 98 -34.43 -17.25 33.10
C ALA D 98 -34.27 -16.12 32.08
N GLN D 99 -33.29 -15.24 32.33
CA GLN D 99 -32.90 -14.23 31.36
C GLN D 99 -31.61 -14.65 30.68
N GLN D 100 -31.49 -14.32 29.40
CA GLN D 100 -30.33 -14.66 28.61
C GLN D 100 -29.34 -13.50 28.60
N GLY D 101 -28.07 -13.81 28.77
CA GLY D 101 -27.00 -12.83 28.67
C GLY D 101 -25.98 -13.25 27.63
N LYS D 102 -25.33 -12.26 27.02
CA LYS D 102 -24.29 -12.50 26.03
C LYS D 102 -22.97 -11.97 26.57
N ARG D 103 -21.98 -12.87 26.67
CA ARG D 103 -20.65 -12.53 27.16
C ARG D 103 -19.66 -12.58 26.00
N ILE D 104 -19.01 -11.46 25.72
CA ILE D 104 -18.11 -11.34 24.59
C ILE D 104 -16.71 -11.10 25.13
N TYR D 105 -15.78 -12.01 24.78
CA TYR D 105 -14.38 -11.86 25.14
C TYR D 105 -13.49 -11.54 23.95
N GLY D 106 -14.01 -11.66 22.74
CA GLY D 106 -13.30 -11.27 21.54
C GLY D 106 -14.22 -10.53 20.59
N MET D 107 -13.96 -10.62 19.29
CA MET D 107 -14.82 -9.99 18.31
C MET D 107 -15.94 -10.94 17.88
N VAL D 108 -17.12 -10.37 17.65
CA VAL D 108 -18.34 -11.17 17.52
C VAL D 108 -18.32 -12.00 16.24
N SER D 109 -17.80 -11.43 15.14
CA SER D 109 -17.96 -12.05 13.83
C SER D 109 -17.29 -13.42 13.76
N PHE D 110 -16.13 -13.58 14.41
CA PHE D 110 -15.44 -14.86 14.42
C PHE D 110 -16.03 -15.84 15.43
N GLY D 111 -16.94 -15.39 16.27
CA GLY D 111 -17.41 -16.16 17.41
C GLY D 111 -17.03 -15.45 18.69
N GLU D 112 -16.29 -16.13 19.55
CA GLU D 112 -15.69 -15.53 20.75
C GLU D 112 -16.72 -14.87 21.65
N PHE D 113 -17.95 -15.35 21.61
CA PHE D 113 -18.99 -14.99 22.57
C PHE D 113 -19.73 -16.26 22.97
N PHE D 114 -20.05 -16.37 24.25
CA PHE D 114 -20.85 -17.51 24.72
C PHE D 114 -22.05 -16.99 25.48
N TYR D 115 -23.17 -17.69 25.33
CA TYR D 115 -24.39 -17.32 26.02
C TYR D 115 -24.43 -17.95 27.41
N TYR D 116 -24.88 -17.17 28.39
CA TYR D 116 -25.09 -17.66 29.74
C TYR D 116 -26.49 -17.30 30.18
N TYR D 117 -27.04 -18.11 31.08
CA TYR D 117 -28.38 -17.92 31.59
C TYR D 117 -28.37 -17.77 33.10
N TYR D 118 -29.42 -17.12 33.61
CA TYR D 118 -29.56 -16.88 35.04
C TYR D 118 -31.04 -16.64 35.34
N MET D 119 -31.51 -17.22 36.45
CA MET D 119 -32.92 -17.19 36.81
C MET D 119 -33.13 -16.16 37.93
N ASP D 120 -33.69 -15.01 37.58
CA ASP D 120 -33.84 -13.93 38.55
C ASP D 120 -35.05 -14.11 39.45
N VAL D 121 -36.14 -14.65 38.92
CA VAL D 121 -37.39 -14.80 39.67
C VAL D 121 -37.68 -16.29 39.84
N TRP D 122 -38.05 -16.69 41.05
CA TRP D 122 -38.36 -18.07 41.37
C TRP D 122 -39.79 -18.20 41.88
N GLY D 123 -40.37 -19.38 41.70
CA GLY D 123 -41.60 -19.71 42.37
C GLY D 123 -41.35 -20.25 43.77
N LYS D 124 -42.44 -20.37 44.54
CA LYS D 124 -42.31 -20.84 45.91
C LYS D 124 -41.81 -22.27 45.97
N GLY D 125 -42.19 -23.10 45.01
CA GLY D 125 -41.73 -24.48 44.96
C GLY D 125 -42.77 -25.47 45.43
N THR D 126 -42.99 -26.53 44.65
CA THR D 126 -43.91 -27.59 45.01
C THR D 126 -43.12 -28.88 45.27
N THR D 127 -43.55 -29.62 46.29
CA THR D 127 -42.90 -30.86 46.66
C THR D 127 -43.58 -32.04 45.97
N VAL D 128 -42.79 -33.02 45.58
CA VAL D 128 -43.30 -34.22 44.92
C VAL D 128 -42.61 -35.43 45.53
N THR D 129 -43.40 -36.39 45.99
CA THR D 129 -42.91 -37.67 46.49
C THR D 129 -43.22 -38.76 45.49
N VAL D 130 -42.33 -39.75 45.40
CA VAL D 130 -42.53 -40.91 44.54
C VAL D 130 -42.50 -42.15 45.43
N SER D 131 -43.64 -42.83 45.52
CA SER D 131 -43.75 -44.02 46.36
C SER D 131 -44.97 -44.82 45.92
N SER D 132 -44.85 -46.15 46.04
CA SER D 132 -45.98 -47.02 45.77
C SER D 132 -47.07 -46.87 46.83
N ALA D 133 -46.70 -46.42 48.03
CA ALA D 133 -47.63 -46.33 49.14
C ALA D 133 -48.79 -45.39 48.80
N SER D 134 -49.95 -45.68 49.39
CA SER D 134 -51.17 -44.96 49.07
C SER D 134 -51.25 -43.66 49.87
N THR D 135 -52.23 -42.83 49.52
CA THR D 135 -52.49 -41.61 50.25
C THR D 135 -53.18 -41.93 51.57
N LYS D 136 -52.91 -41.11 52.59
CA LYS D 136 -53.50 -41.32 53.91
C LYS D 136 -53.88 -39.96 54.48
N GLY D 137 -55.18 -39.73 54.67
CA GLY D 137 -55.66 -38.49 55.22
C GLY D 137 -55.32 -38.33 56.69
N PRO D 138 -55.11 -37.09 57.13
CA PRO D 138 -54.66 -36.88 58.51
C PRO D 138 -55.80 -36.96 59.52
N SER D 139 -55.42 -37.26 60.75
CA SER D 139 -56.33 -37.28 61.89
C SER D 139 -55.95 -36.14 62.82
N VAL D 140 -56.92 -35.28 63.12
CA VAL D 140 -56.66 -34.03 63.84
C VAL D 140 -57.19 -34.16 65.27
N PHE D 141 -56.29 -34.02 66.24
CA PHE D 141 -56.64 -34.05 67.65
C PHE D 141 -56.20 -32.75 68.31
N PRO D 142 -57.08 -32.05 69.02
CA PRO D 142 -56.69 -30.79 69.63
C PRO D 142 -55.79 -30.98 70.85
N LEU D 143 -54.97 -29.98 71.12
CA LEU D 143 -54.07 -29.97 72.27
C LEU D 143 -54.57 -28.91 73.25
N ALA D 144 -55.16 -29.35 74.36
CA ALA D 144 -55.78 -28.45 75.30
C ALA D 144 -54.74 -27.61 76.04
N PRO D 145 -55.08 -26.38 76.38
CA PRO D 145 -54.16 -25.55 77.18
C PRO D 145 -53.91 -26.16 78.55
N SER D 146 -52.65 -26.09 78.99
CA SER D 146 -52.27 -26.68 80.26
C SER D 146 -52.77 -25.88 81.45
N SER D 147 -53.23 -24.66 81.22
CA SER D 147 -53.69 -23.75 82.26
C SER D 147 -52.54 -23.29 83.16
N SER D 149 -49.74 -22.38 82.14
CA SER D 149 -48.43 -22.83 81.69
C SER D 149 -47.32 -21.99 82.32
N THR D 150 -47.41 -20.68 82.12
CA THR D 150 -46.56 -19.71 82.80
C THR D 150 -47.46 -18.73 83.54
N SER D 151 -46.99 -18.16 84.64
CA SER D 151 -47.83 -17.18 85.29
C SER D 151 -48.07 -16.06 84.28
N GLY D 152 -49.31 -15.61 84.18
CA GLY D 152 -49.81 -15.04 82.94
C GLY D 152 -49.16 -13.70 82.68
N GLY D 153 -49.08 -13.29 81.41
CA GLY D 153 -50.15 -13.47 80.46
C GLY D 153 -50.46 -14.92 80.16
N THR D 154 -49.40 -15.70 80.03
CA THR D 154 -49.11 -16.45 78.81
C THR D 154 -49.46 -17.93 79.00
N ALA D 155 -50.08 -18.50 77.96
CA ALA D 155 -50.43 -19.91 77.95
C ALA D 155 -50.40 -20.40 76.51
N ALA D 156 -50.45 -21.71 76.33
CA ALA D 156 -50.25 -22.30 75.01
C ALA D 156 -51.26 -23.42 74.75
N LEU D 157 -51.79 -23.44 73.53
CA LEU D 157 -52.64 -24.50 73.03
C LEU D 157 -52.11 -24.92 71.66
N GLY D 158 -52.74 -25.91 71.04
CA GLY D 158 -52.28 -26.33 69.74
C GLY D 158 -53.19 -27.38 69.11
N CYS D 159 -52.73 -27.88 67.96
CA CYS D 159 -53.41 -28.92 67.21
C CYS D 159 -52.40 -29.98 66.79
N LEU D 160 -52.80 -31.25 66.86
CA LEU D 160 -51.97 -32.38 66.46
C LEU D 160 -52.51 -32.97 65.18
N VAL D 161 -51.62 -33.21 64.22
CA VAL D 161 -51.96 -33.84 62.95
C VAL D 161 -51.34 -35.23 62.97
N LYS D 162 -52.18 -36.25 63.18
CA LYS D 162 -51.69 -37.61 63.28
C LYS D 162 -51.20 -38.10 61.92
N ASP D 163 -50.74 -39.35 61.88
CA ASP D 163 -49.95 -39.84 60.76
C ASP D 163 -50.70 -39.74 59.44
N TYR D 164 -50.00 -39.24 58.42
CA TYR D 164 -50.58 -38.96 57.11
C TYR D 164 -49.52 -39.17 56.03
N PHE D 165 -49.95 -39.08 54.78
CA PHE D 165 -49.03 -39.23 53.64
C PHE D 165 -49.64 -38.67 52.36
N PRO D 166 -48.84 -37.93 51.57
CA PRO D 166 -47.48 -37.51 51.91
C PRO D 166 -47.42 -36.02 52.28
N GLU D 167 -46.20 -35.50 52.46
CA GLU D 167 -46.01 -34.07 52.67
C GLU D 167 -46.46 -33.28 51.44
N PRO D 168 -46.92 -32.03 51.64
CA PRO D 168 -47.04 -31.33 52.91
C PRO D 168 -48.46 -31.19 53.44
N VAL D 169 -48.58 -30.72 54.68
CA VAL D 169 -49.87 -30.35 55.27
C VAL D 169 -49.82 -28.86 55.58
N THR D 170 -50.86 -28.13 55.16
CA THR D 170 -50.97 -26.71 55.41
C THR D 170 -51.92 -26.47 56.58
N VAL D 171 -51.51 -25.60 57.50
CA VAL D 171 -52.26 -25.34 58.71
C VAL D 171 -52.49 -23.83 58.84
N SER D 172 -53.74 -23.44 59.00
CA SER D 172 -54.11 -22.06 59.28
C SER D 172 -54.97 -22.04 60.54
N TRP D 173 -55.18 -20.84 61.08
CA TRP D 173 -55.92 -20.66 62.32
C TRP D 173 -56.98 -19.59 62.12
N ASN D 174 -58.23 -19.94 62.39
CA ASN D 174 -59.37 -19.03 62.18
C ASN D 174 -59.43 -18.53 60.75
N SER D 175 -59.09 -19.41 59.80
CA SER D 175 -59.03 -19.08 58.38
C SER D 175 -58.06 -17.93 58.13
N GLY D 176 -56.92 -17.95 58.81
CA GLY D 176 -55.91 -16.92 58.64
C GLY D 176 -56.14 -15.66 59.43
N ALA D 177 -57.05 -15.68 60.41
CA ALA D 177 -57.33 -14.47 61.19
C ALA D 177 -56.27 -14.22 62.25
N LEU D 178 -55.67 -15.28 62.80
CA LEU D 178 -54.65 -15.15 63.83
C LEU D 178 -53.30 -15.56 63.26
N THR D 179 -52.34 -14.64 63.33
CA THR D 179 -50.98 -14.88 62.86
C THR D 179 -49.92 -14.77 63.95
N SER D 180 -50.24 -14.15 65.08
CA SER D 180 -49.27 -13.93 66.14
C SER D 180 -49.19 -15.15 67.06
N GLY D 181 -47.96 -15.52 67.40
CA GLY D 181 -47.72 -16.65 68.28
C GLY D 181 -47.79 -18.01 67.63
N VAL D 182 -48.09 -18.08 66.33
CA VAL D 182 -48.21 -19.35 65.64
C VAL D 182 -46.82 -19.93 65.39
N HIS D 183 -46.71 -21.25 65.52
CA HIS D 183 -45.46 -21.95 65.24
C HIS D 183 -45.80 -23.38 64.83
N THR D 184 -45.65 -23.68 63.54
CA THR D 184 -45.95 -25.00 63.01
C THR D 184 -44.63 -25.75 62.82
N PHE D 185 -44.41 -26.77 63.66
CA PHE D 185 -43.17 -27.53 63.64
C PHE D 185 -43.12 -28.43 62.41
N PRO D 186 -41.91 -28.78 61.95
CA PRO D 186 -41.80 -29.73 60.84
C PRO D 186 -42.24 -31.12 61.27
N ALA D 187 -42.82 -31.85 60.32
CA ALA D 187 -43.37 -33.16 60.62
C ALA D 187 -42.25 -34.18 60.88
N VAL D 188 -42.64 -35.28 61.54
CA VAL D 188 -41.74 -36.39 61.82
C VAL D 188 -42.16 -37.58 60.97
N LEU D 189 -41.19 -38.24 60.37
CA LEU D 189 -41.44 -39.48 59.63
C LEU D 189 -41.31 -40.64 60.61
N GLN D 190 -42.44 -41.21 61.01
CA GLN D 190 -42.45 -42.33 61.93
C GLN D 190 -42.01 -43.60 61.22
N SER D 191 -41.73 -44.64 62.01
CA SER D 191 -41.47 -45.96 61.46
C SER D 191 -42.69 -46.53 60.75
N SER D 192 -43.88 -45.96 60.98
CA SER D 192 -45.09 -46.40 60.29
C SER D 192 -45.04 -46.08 58.80
N GLY D 193 -44.28 -45.07 58.41
CA GLY D 193 -44.28 -44.60 57.05
C GLY D 193 -45.17 -43.41 56.79
N LEU D 194 -45.62 -42.72 57.83
CA LEU D 194 -46.53 -41.59 57.71
C LEU D 194 -46.03 -40.44 58.57
N TYR D 195 -46.15 -39.22 58.05
CA TYR D 195 -45.65 -38.04 58.74
C TYR D 195 -46.64 -37.59 59.82
N SER D 196 -46.13 -36.87 60.80
CA SER D 196 -46.95 -36.35 61.89
C SER D 196 -46.39 -35.01 62.33
N LEU D 197 -47.22 -33.97 62.35
CA LEU D 197 -46.77 -32.62 62.72
C LEU D 197 -47.64 -32.07 63.83
N SER D 198 -47.20 -30.93 64.36
CA SER D 198 -47.93 -30.21 65.39
C SER D 198 -47.88 -28.72 65.10
N SER D 199 -48.92 -28.00 65.55
CA SER D 199 -48.99 -26.55 65.39
C SER D 199 -49.49 -25.94 66.68
N VAL D 200 -48.75 -24.99 67.23
CA VAL D 200 -49.06 -24.40 68.52
C VAL D 200 -49.29 -22.90 68.36
N VAL D 201 -50.12 -22.35 69.25
CA VAL D 201 -50.38 -20.92 69.33
C VAL D 201 -50.19 -20.49 70.78
N THR D 202 -49.43 -19.43 70.98
CA THR D 202 -49.22 -18.85 72.30
C THR D 202 -50.14 -17.65 72.46
N VAL D 203 -51.03 -17.72 73.44
CA VAL D 203 -52.02 -16.68 73.66
C VAL D 203 -52.07 -16.34 75.15
N PRO D 204 -52.51 -15.13 75.50
CA PRO D 204 -52.65 -14.79 76.93
C PRO D 204 -53.79 -15.57 77.56
N SER D 205 -53.61 -15.93 78.83
CA SER D 205 -54.67 -16.57 79.59
C SER D 205 -55.85 -15.63 79.81
N SER D 206 -55.64 -14.32 79.71
CA SER D 206 -56.75 -13.38 79.75
C SER D 206 -57.60 -13.49 78.50
N SER D 207 -57.03 -13.92 77.38
CA SER D 207 -57.82 -14.14 76.17
C SER D 207 -58.87 -15.22 76.40
N LEU D 208 -58.54 -16.23 77.19
CA LEU D 208 -59.50 -17.24 77.62
C LEU D 208 -60.29 -16.69 78.81
N GLY D 209 -61.60 -16.58 78.67
CA GLY D 209 -62.29 -16.95 77.44
C GLY D 209 -63.66 -16.31 77.33
N THR D 210 -64.39 -16.64 76.26
CA THR D 210 -63.90 -17.57 75.26
C THR D 210 -63.62 -16.87 73.94
N GLN D 211 -62.43 -17.07 73.38
CA GLN D 211 -62.06 -16.50 72.11
C GLN D 211 -62.31 -17.45 70.94
N THR D 212 -62.75 -18.68 71.22
CA THR D 212 -63.20 -19.63 70.20
C THR D 212 -62.12 -19.87 69.13
N TYR D 213 -61.05 -20.51 69.58
CA TYR D 213 -59.91 -20.79 68.71
C TYR D 213 -60.14 -22.10 67.95
N ILE D 214 -60.16 -22.01 66.63
CA ILE D 214 -60.31 -23.16 65.75
C ILE D 214 -59.12 -23.20 64.79
N CYS D 215 -58.57 -24.39 64.57
CA CYS D 215 -57.48 -24.59 63.64
C CYS D 215 -57.98 -25.33 62.41
N ASN D 216 -57.53 -24.89 61.23
CA ASN D 216 -57.95 -25.46 59.96
C ASN D 216 -56.78 -26.20 59.32
N VAL D 217 -57.00 -27.44 58.92
CA VAL D 217 -55.97 -28.30 58.36
C VAL D 217 -56.39 -28.74 56.97
N ASN D 218 -55.44 -28.70 56.03
CA ASN D 218 -55.70 -29.09 54.64
C ASN D 218 -54.59 -30.04 54.18
N HIS D 219 -55.00 -31.13 53.53
CA HIS D 219 -54.09 -32.08 52.91
C HIS D 219 -54.49 -32.21 51.45
N LYS D 220 -53.70 -31.61 50.55
CA LYS D 220 -54.04 -31.63 49.14
C LYS D 220 -54.11 -33.05 48.55
N PRO D 221 -53.20 -33.97 48.84
CA PRO D 221 -53.37 -35.33 48.28
C PRO D 221 -54.59 -36.05 48.82
N SER D 222 -54.96 -35.82 50.08
CA SER D 222 -56.09 -36.53 50.65
C SER D 222 -57.43 -35.96 50.20
N ASN D 223 -57.42 -34.77 49.60
CA ASN D 223 -58.63 -34.07 49.18
C ASN D 223 -59.56 -33.76 50.34
N THR D 224 -59.03 -33.71 51.56
CA THR D 224 -59.82 -33.48 52.76
C THR D 224 -59.36 -32.21 53.46
N LYS D 225 -60.33 -31.38 53.84
CA LYS D 225 -60.10 -30.20 54.65
C LYS D 225 -60.82 -30.40 55.98
N VAL D 226 -60.08 -30.34 57.08
CA VAL D 226 -60.59 -30.65 58.41
C VAL D 226 -60.42 -29.45 59.31
N ASP D 227 -61.51 -29.05 59.97
CA ASP D 227 -61.50 -27.98 60.97
C ASP D 227 -61.84 -28.59 62.32
N LYS D 228 -61.09 -28.20 63.35
CA LYS D 228 -61.27 -28.74 64.69
C LYS D 228 -61.29 -27.61 65.71
N LYS D 229 -62.28 -27.64 66.59
CA LYS D 229 -62.35 -26.68 67.68
C LYS D 229 -61.46 -27.14 68.83
N VAL D 230 -60.84 -26.17 69.50
CA VAL D 230 -59.93 -26.44 70.62
C VAL D 230 -60.44 -25.70 71.84
N GLU D 231 -60.56 -26.42 72.96
CA GLU D 231 -61.08 -25.87 74.20
C GLU D 231 -60.55 -26.67 75.37
N PRO D 232 -60.38 -26.06 76.54
CA PRO D 232 -59.85 -26.75 77.73
C PRO D 232 -60.66 -27.97 78.14
N GLU E 1 23.55 17.97 -34.97
CA GLU E 1 22.81 16.89 -35.65
C GLU E 1 21.37 16.85 -35.15
N GLY E 2 20.87 18.01 -34.74
CA GLY E 2 19.50 18.15 -34.28
C GLY E 2 18.70 19.10 -35.14
N GLN E 3 17.38 19.02 -35.09
CA GLN E 3 16.51 19.85 -35.92
C GLN E 3 15.66 20.76 -35.04
N LEU E 4 15.55 22.02 -35.45
CA LEU E 4 14.68 23.00 -34.79
C LEU E 4 13.49 23.26 -35.69
N VAL E 5 12.29 23.03 -35.17
CA VAL E 5 11.05 23.18 -35.92
C VAL E 5 10.21 24.25 -35.24
N GLN E 6 9.93 25.32 -35.97
CA GLN E 6 9.17 26.45 -35.46
C GLN E 6 7.70 26.35 -35.85
N SER E 7 6.87 27.12 -35.15
CA SER E 7 5.44 27.12 -35.43
C SER E 7 5.17 27.77 -36.79
N GLY E 8 3.97 27.52 -37.30
CA GLY E 8 3.60 28.01 -38.61
C GLY E 8 3.42 29.51 -38.67
N ALA E 9 3.31 30.02 -39.89
CA ALA E 9 3.12 31.44 -40.12
C ALA E 9 1.76 31.89 -39.58
N GLU E 10 1.69 33.15 -39.17
CA GLU E 10 0.49 33.71 -38.59
C GLU E 10 0.24 35.12 -39.12
N LEU E 11 -1.03 35.47 -39.24
CA LEU E 11 -1.46 36.82 -39.57
C LEU E 11 -2.15 37.42 -38.35
N LYS E 12 -1.67 38.59 -37.91
CA LYS E 12 -2.21 39.27 -36.75
C LYS E 12 -2.42 40.73 -37.08
N LYS E 13 -3.44 41.32 -36.45
CA LYS E 13 -3.71 42.74 -36.64
C LYS E 13 -2.74 43.57 -35.80
N PRO E 14 -2.40 44.77 -36.27
CA PRO E 14 -1.53 45.65 -35.48
C PRO E 14 -2.17 46.00 -34.14
N GLY E 15 -1.34 46.06 -33.10
CA GLY E 15 -1.80 46.24 -31.75
C GLY E 15 -2.04 44.96 -30.98
N ALA E 16 -2.16 43.83 -31.68
CA ALA E 16 -2.40 42.55 -31.03
C ALA E 16 -1.08 41.93 -30.58
N SER E 17 -1.18 40.73 -30.02
CA SER E 17 -0.01 39.99 -29.57
C SER E 17 0.00 38.62 -30.23
N VAL E 18 1.19 38.02 -30.31
CA VAL E 18 1.35 36.71 -30.92
C VAL E 18 2.48 35.98 -30.20
N LYS E 19 2.34 34.67 -30.08
CA LYS E 19 3.28 33.82 -29.37
C LYS E 19 3.80 32.75 -30.33
N ILE E 20 5.10 32.79 -30.59
CA ILE E 20 5.76 31.86 -31.52
C ILE E 20 6.47 30.78 -30.71
N SER E 21 6.37 29.54 -31.16
CA SER E 21 7.01 28.41 -30.49
C SER E 21 8.15 27.87 -31.34
N CYS E 22 9.05 27.13 -30.67
CA CYS E 22 10.26 26.61 -31.30
C CYS E 22 10.59 25.29 -30.60
N LYS E 23 10.20 24.18 -31.23
CA LYS E 23 10.41 22.86 -30.66
C LYS E 23 11.71 22.27 -31.17
N THR E 24 12.49 21.69 -30.25
CA THR E 24 13.82 21.21 -30.54
C THR E 24 13.92 19.70 -30.33
N SER E 25 14.91 19.09 -30.97
CA SER E 25 15.18 17.68 -30.83
C SER E 25 16.58 17.41 -31.37
N GLY E 26 17.09 16.21 -31.08
CA GLY E 26 18.39 15.78 -31.56
C GLY E 26 19.57 16.26 -30.75
N TYR E 27 19.35 16.95 -29.64
CA TYR E 27 20.44 17.44 -28.80
C TYR E 27 19.88 17.75 -27.42
N ARG E 28 20.79 17.94 -26.46
CA ARG E 28 20.41 18.31 -25.10
C ARG E 28 19.92 19.75 -25.09
N PHE E 29 18.60 19.93 -25.01
CA PHE E 29 18.00 21.26 -25.04
C PHE E 29 18.50 22.14 -23.90
N ASN E 30 18.84 21.53 -22.76
CA ASN E 30 19.23 22.29 -21.58
C ASN E 30 20.60 22.93 -21.71
N PHE E 31 21.43 22.46 -22.65
CA PHE E 31 22.83 22.86 -22.67
C PHE E 31 23.14 24.03 -23.59
N TYR E 32 22.16 24.61 -24.27
CA TYR E 32 22.44 25.64 -25.25
C TYR E 32 21.41 26.74 -25.19
N HIS E 33 21.88 27.98 -25.28
CA HIS E 33 20.98 29.13 -25.35
C HIS E 33 20.09 29.03 -26.58
N ILE E 34 18.90 29.63 -26.47
CA ILE E 34 17.98 29.76 -27.60
C ILE E 34 17.87 31.24 -27.93
N ASN E 35 18.34 31.62 -29.11
CA ASN E 35 18.29 32.99 -29.57
C ASN E 35 17.06 33.21 -30.45
N TRP E 36 16.62 34.47 -30.51
CA TRP E 36 15.52 34.86 -31.38
C TRP E 36 15.97 36.03 -32.24
N ILE E 37 15.94 35.84 -33.56
CA ILE E 37 16.39 36.84 -34.51
C ILE E 37 15.32 37.01 -35.57
N ARG E 38 15.11 38.25 -36.03
CA ARG E 38 14.12 38.55 -37.05
C ARG E 38 14.79 39.26 -38.21
N GLN E 39 14.10 39.25 -39.35
CA GLN E 39 14.58 39.94 -40.56
C GLN E 39 13.42 40.66 -41.21
N THR E 40 13.51 41.98 -41.31
CA THR E 40 12.52 42.79 -41.99
C THR E 40 13.20 43.56 -43.11
N ALA E 41 12.40 43.99 -44.10
CA ALA E 41 12.95 44.71 -45.23
C ALA E 41 13.47 46.09 -44.83
N GLY E 42 12.89 46.70 -43.79
CA GLY E 42 13.26 48.06 -43.43
C GLY E 42 14.53 48.16 -42.60
N ARG E 43 14.77 47.18 -41.74
CA ARG E 43 15.90 47.22 -40.82
C ARG E 43 16.91 46.10 -41.06
N GLY E 44 16.64 45.19 -41.99
CA GLY E 44 17.49 44.07 -42.23
C GLY E 44 17.41 43.07 -41.11
N PRO E 45 18.43 42.22 -40.98
CA PRO E 45 18.44 41.25 -39.87
C PRO E 45 18.72 41.93 -38.55
N GLU E 46 17.98 41.52 -37.52
CA GLU E 46 18.05 42.16 -36.21
C GLU E 46 17.94 41.11 -35.12
N TRP E 47 18.95 41.04 -34.25
CA TRP E 47 18.94 40.11 -33.13
C TRP E 47 18.07 40.66 -32.01
N MET E 48 17.16 39.84 -31.51
CA MET E 48 16.20 40.25 -30.50
C MET E 48 16.60 39.87 -29.08
N GLY E 49 17.05 38.64 -28.86
CA GLY E 49 17.44 38.21 -27.54
C GLY E 49 17.70 36.73 -27.49
N TRP E 50 18.21 36.28 -26.34
CA TRP E 50 18.35 34.86 -26.07
C TRP E 50 17.94 34.58 -24.63
N ILE E 51 17.69 33.30 -24.35
CA ILE E 51 17.30 32.83 -23.03
C ILE E 51 17.99 31.50 -22.78
N SER E 52 18.37 31.25 -21.53
CA SER E 52 19.04 30.02 -21.15
C SER E 52 18.02 29.03 -20.60
N PRO E 53 17.84 27.85 -21.22
CA PRO E 53 16.93 26.86 -20.65
C PRO E 53 17.39 26.30 -19.32
N TYR E 54 18.68 26.41 -19.01
CA TYR E 54 19.22 25.85 -17.77
C TYR E 54 18.97 26.77 -16.58
N SER E 55 19.34 28.05 -16.71
CA SER E 55 19.25 28.99 -15.60
C SER E 55 18.07 29.94 -15.70
N GLY E 56 17.55 30.18 -16.90
CA GLY E 56 16.48 31.13 -17.09
C GLY E 56 16.94 32.56 -17.31
N ASP E 57 18.24 32.82 -17.27
CA ASP E 57 18.74 34.16 -17.56
C ASP E 57 18.41 34.53 -19.00
N LYS E 58 17.90 35.73 -19.19
CA LYS E 58 17.55 36.24 -20.50
C LYS E 58 18.28 37.55 -20.75
N ASN E 59 18.60 37.81 -22.01
CA ASN E 59 19.23 39.07 -22.40
C ASN E 59 18.55 39.56 -23.66
N LEU E 60 17.80 40.64 -23.54
CA LEU E 60 17.05 41.24 -24.64
C LEU E 60 17.72 42.52 -25.11
N ALA E 61 17.78 42.71 -26.42
CA ALA E 61 18.24 43.97 -26.96
C ALA E 61 17.29 45.08 -26.52
N PRO E 62 17.82 46.30 -26.29
CA PRO E 62 16.96 47.39 -25.80
C PRO E 62 15.78 47.70 -26.69
N ALA E 63 15.89 47.47 -27.99
CA ALA E 63 14.78 47.74 -28.90
C ALA E 63 13.61 46.80 -28.68
N PHE E 64 13.85 45.63 -28.08
CA PHE E 64 12.80 44.65 -27.79
C PHE E 64 12.65 44.36 -26.31
N GLN E 65 13.31 45.13 -25.45
CA GLN E 65 13.30 44.85 -24.02
C GLN E 65 11.92 45.02 -23.42
N ASP E 66 11.07 45.86 -24.02
CA ASP E 66 9.76 46.20 -23.47
C ASP E 66 8.61 45.55 -24.22
N ARG E 67 8.88 44.72 -25.23
CA ARG E 67 7.81 44.13 -26.02
C ARG E 67 7.96 42.64 -26.25
N VAL E 68 9.04 42.02 -25.77
CA VAL E 68 9.30 40.60 -26.00
C VAL E 68 9.37 39.89 -24.66
N ILE E 69 8.70 38.74 -24.56
CA ILE E 69 8.71 37.89 -23.38
C ILE E 69 9.17 36.51 -23.82
N MET E 70 10.27 36.04 -23.25
CA MET E 70 10.85 34.75 -23.61
C MET E 70 10.68 33.76 -22.47
N THR E 71 10.22 32.56 -22.80
CA THR E 71 10.03 31.49 -21.82
C THR E 71 10.47 30.17 -22.44
N THR E 72 10.72 29.19 -21.58
CA THR E 72 11.08 27.84 -22.01
C THR E 72 10.32 26.83 -21.18
N ASP E 73 10.15 25.64 -21.75
CA ASP E 73 9.62 24.50 -21.01
C ASP E 73 10.76 23.66 -20.44
N THR E 74 10.42 22.57 -19.77
CA THR E 74 11.41 21.66 -19.24
C THR E 74 11.68 20.54 -20.25
N GLU E 75 12.95 20.14 -20.34
CA GLU E 75 13.35 19.18 -21.34
C GLU E 75 12.74 17.81 -21.07
N VAL E 76 12.29 17.15 -22.14
CA VAL E 76 11.76 15.79 -22.08
C VAL E 76 12.86 14.84 -22.51
N PRO E 77 13.42 14.04 -21.61
CA PRO E 77 14.56 13.19 -21.99
C PRO E 77 14.18 12.11 -22.98
N VAL E 78 15.08 11.86 -23.93
CA VAL E 78 14.96 10.74 -24.85
C VAL E 78 16.04 9.68 -24.56
N THR E 79 17.30 10.05 -24.68
CA THR E 79 18.43 9.23 -24.25
C THR E 79 19.27 10.02 -23.25
N SER E 80 20.42 9.46 -22.87
CA SER E 80 21.28 10.13 -21.91
C SER E 80 21.92 11.40 -22.49
N PHE E 81 22.10 11.45 -23.81
CA PHE E 81 22.81 12.54 -24.46
C PHE E 81 21.92 13.41 -25.33
N THR E 82 20.64 13.06 -25.50
CA THR E 82 19.73 13.86 -26.30
C THR E 82 18.42 14.04 -25.54
N SER E 83 17.65 15.04 -25.96
CA SER E 83 16.34 15.31 -25.38
C SER E 83 15.55 16.18 -26.36
N THR E 84 14.29 16.42 -26.01
CA THR E 84 13.42 17.31 -26.76
C THR E 84 12.97 18.46 -25.87
N GLY E 85 12.82 19.63 -26.46
CA GLY E 85 12.43 20.82 -25.71
C GLY E 85 11.58 21.77 -26.51
N ALA E 86 11.29 22.93 -25.92
CA ALA E 86 10.45 23.93 -26.58
C ALA E 86 10.73 25.29 -25.95
N ALA E 87 10.92 26.30 -26.79
CA ALA E 87 11.08 27.68 -26.35
C ALA E 87 10.00 28.54 -27.00
N TYR E 88 9.63 29.61 -26.31
CA TYR E 88 8.55 30.47 -26.75
C TYR E 88 8.97 31.93 -26.70
N MET E 89 8.42 32.73 -27.61
CA MET E 89 8.60 34.17 -27.63
C MET E 89 7.26 34.83 -27.86
N GLU E 90 6.86 35.70 -26.94
CA GLU E 90 5.59 36.43 -27.04
C GLU E 90 5.90 37.90 -27.28
N ILE E 91 5.50 38.40 -28.44
CA ILE E 91 5.75 39.79 -28.84
C ILE E 91 4.41 40.51 -28.90
N ARG E 92 4.36 41.70 -28.31
CA ARG E 92 3.13 42.47 -28.17
C ARG E 92 3.32 43.85 -28.78
N ASN E 93 2.19 44.55 -28.94
CA ASN E 93 2.16 45.89 -29.55
C ASN E 93 2.75 45.85 -30.96
N LEU E 94 2.22 44.95 -31.78
CA LEU E 94 2.74 44.76 -33.14
C LEU E 94 2.45 45.97 -34.01
N LYS E 95 3.39 46.29 -34.90
CA LYS E 95 3.25 47.37 -35.85
C LYS E 95 3.51 46.84 -37.25
N PHE E 96 3.22 47.68 -38.25
CA PHE E 96 3.37 47.24 -39.64
C PHE E 96 4.83 46.93 -39.98
N ASP E 97 5.77 47.68 -39.40
CA ASP E 97 7.19 47.44 -39.67
C ASP E 97 7.72 46.21 -38.96
N ASP E 98 6.93 45.56 -38.13
CA ASP E 98 7.29 44.29 -37.51
C ASP E 98 7.00 43.10 -38.41
N THR E 99 6.37 43.32 -39.56
CA THR E 99 6.15 42.24 -40.52
C THR E 99 7.47 41.72 -41.05
N GLY E 100 7.68 40.41 -40.98
CA GLY E 100 8.92 39.83 -41.46
C GLY E 100 9.03 38.37 -41.05
N THR E 101 10.26 37.86 -41.13
CA THR E 101 10.56 36.47 -40.85
C THR E 101 11.32 36.38 -39.52
N TYR E 102 10.90 35.45 -38.67
CA TYR E 102 11.47 35.27 -37.34
C TYR E 102 12.12 33.90 -37.23
N PHE E 103 13.29 33.86 -36.58
CA PHE E 103 14.05 32.63 -36.42
C PHE E 103 14.41 32.40 -34.95
N CYS E 104 14.35 31.14 -34.53
CA CYS E 104 15.00 30.71 -33.30
C CYS E 104 16.28 29.97 -33.67
N ALA E 105 17.28 30.05 -32.79
CA ALA E 105 18.59 29.51 -33.12
C ALA E 105 19.28 28.98 -31.88
N LYS E 106 19.89 27.80 -32.02
CA LYS E 106 20.61 27.15 -30.93
C LYS E 106 22.02 27.73 -30.81
N GLY E 107 22.49 27.85 -29.57
CA GLY E 107 23.81 28.37 -29.32
C GLY E 107 24.92 27.47 -29.84
N LEU E 108 26.15 27.98 -29.75
CA LEU E 108 27.32 27.33 -30.32
C LEU E 108 27.99 26.37 -29.35
N LEU E 109 28.36 26.85 -28.15
CA LEU E 109 29.13 26.04 -27.22
C LEU E 109 28.53 26.13 -25.82
N ARG E 110 28.76 25.08 -25.03
CA ARG E 110 28.32 25.11 -23.63
C ARG E 110 29.18 26.05 -22.81
N ASP E 111 30.42 26.30 -23.23
CA ASP E 111 31.30 27.22 -22.53
C ASP E 111 32.28 27.82 -23.54
N GLY E 112 32.87 28.94 -23.16
CA GLY E 112 33.82 29.63 -24.01
C GLY E 112 33.52 31.11 -24.04
N SER E 113 34.03 31.76 -25.09
CA SER E 113 33.87 33.20 -25.26
C SER E 113 32.69 33.56 -26.16
N SER E 114 31.97 32.57 -26.68
CA SER E 114 30.81 32.80 -27.55
C SER E 114 29.86 31.61 -27.40
N THR E 115 29.30 31.48 -26.20
CA THR E 115 28.44 30.32 -25.91
C THR E 115 27.09 30.44 -26.60
N TRP E 116 26.48 31.64 -26.55
CA TRP E 116 25.14 31.85 -27.06
C TRP E 116 25.08 31.99 -28.57
N LEU E 117 26.22 32.10 -29.25
CA LEU E 117 26.27 32.48 -30.66
C LEU E 117 25.36 31.57 -31.49
N PRO E 118 24.37 32.13 -32.19
CA PRO E 118 23.41 31.30 -32.92
C PRO E 118 24.09 30.45 -33.99
N TYR E 119 23.94 29.13 -33.83
CA TYR E 119 24.62 28.17 -34.70
C TYR E 119 23.65 27.31 -35.50
N LEU E 120 22.65 26.71 -34.86
CA LEU E 120 21.64 25.89 -35.53
C LEU E 120 20.34 26.66 -35.58
N TRP E 121 19.85 26.94 -36.78
CA TRP E 121 18.69 27.78 -36.99
C TRP E 121 17.49 26.94 -37.42
N GLY E 122 16.29 27.44 -37.08
CA GLY E 122 15.07 26.83 -37.54
C GLY E 122 14.72 27.24 -38.96
N GLN E 123 13.58 26.75 -39.43
CA GLN E 123 13.14 27.04 -40.80
C GLN E 123 12.49 28.40 -40.93
N GLY E 124 12.17 29.06 -39.84
CA GLY E 124 11.63 30.40 -39.88
C GLY E 124 10.12 30.43 -39.79
N THR E 125 9.59 31.50 -39.21
CA THR E 125 8.16 31.72 -39.09
C THR E 125 7.82 33.07 -39.69
N LEU E 126 6.88 33.10 -40.63
CA LEU E 126 6.49 34.31 -41.32
C LEU E 126 5.38 35.01 -40.53
N LEU E 127 5.63 36.24 -40.11
CA LEU E 127 4.66 37.04 -39.37
C LEU E 127 4.22 38.21 -40.24
N THR E 128 2.91 38.31 -40.47
CA THR E 128 2.32 39.41 -41.23
C THR E 128 1.47 40.26 -40.30
N VAL E 129 1.74 41.56 -40.28
CA VAL E 129 0.97 42.52 -39.48
C VAL E 129 0.19 43.40 -40.45
N SER E 130 -1.13 43.31 -40.39
CA SER E 130 -1.99 44.05 -41.30
C SER E 130 -3.39 44.15 -40.74
N SER E 131 -4.07 45.24 -41.07
CA SER E 131 -5.47 45.39 -40.74
C SER E 131 -6.39 44.66 -41.71
N ALA E 132 -5.84 44.16 -42.82
CA ALA E 132 -6.64 43.45 -43.81
C ALA E 132 -7.00 42.05 -43.31
N SER E 133 -8.11 41.53 -43.83
CA SER E 133 -8.59 40.22 -43.46
C SER E 133 -7.97 39.15 -44.36
N THR E 134 -8.06 37.90 -43.91
CA THR E 134 -7.53 36.78 -44.67
C THR E 134 -8.40 36.55 -45.90
N LYS E 135 -7.76 36.18 -47.02
CA LYS E 135 -8.45 35.89 -48.25
C LYS E 135 -7.86 34.64 -48.88
N GLY E 136 -8.71 33.67 -49.19
CA GLY E 136 -8.28 32.42 -49.79
C GLY E 136 -8.00 32.54 -51.27
N PRO E 137 -7.19 31.63 -51.79
CA PRO E 137 -6.78 31.69 -53.19
C PRO E 137 -7.80 31.05 -54.13
N SER E 138 -7.64 31.37 -55.41
CA SER E 138 -8.34 30.71 -56.50
C SER E 138 -7.31 29.96 -57.34
N VAL E 139 -7.51 28.66 -57.49
CA VAL E 139 -6.55 27.79 -58.16
C VAL E 139 -7.06 27.45 -59.55
N PHE E 140 -6.20 27.63 -60.55
CA PHE E 140 -6.54 27.35 -61.93
C PHE E 140 -5.49 26.44 -62.55
N PRO E 141 -5.89 25.58 -63.50
CA PRO E 141 -4.91 24.70 -64.14
C PRO E 141 -4.08 25.43 -65.19
N LEU E 142 -2.81 25.07 -65.26
CA LEU E 142 -1.90 25.56 -66.29
C LEU E 142 -1.71 24.43 -67.31
N ALA E 143 -2.40 24.55 -68.44
CA ALA E 143 -2.40 23.49 -69.44
C ALA E 143 -0.98 23.19 -69.92
N PRO E 144 -0.70 21.94 -70.30
CA PRO E 144 0.66 21.57 -70.69
C PRO E 144 1.17 22.41 -71.86
N SER E 145 2.47 22.70 -71.83
CA SER E 145 3.14 23.46 -72.87
C SER E 145 4.44 22.75 -73.24
N SER E 146 4.80 22.87 -74.52
CA SER E 146 5.99 22.20 -75.02
C SER E 146 7.25 22.85 -74.46
N LYS E 147 8.21 22.01 -74.06
CA LYS E 147 9.53 22.46 -73.65
C LYS E 147 10.59 22.12 -74.68
N SER E 148 10.57 20.91 -75.22
CA SER E 148 11.50 20.51 -76.28
C SER E 148 10.82 19.48 -77.15
N THR E 149 10.57 19.84 -78.41
CA THR E 149 9.94 18.88 -79.34
C THR E 149 10.87 17.71 -79.63
N SER E 150 12.15 18.00 -79.89
CA SER E 150 13.11 16.93 -80.15
C SER E 150 13.36 16.09 -78.90
N GLY E 151 13.42 16.74 -77.73
CA GLY E 151 13.60 16.04 -76.48
C GLY E 151 12.37 15.35 -75.94
N GLY E 152 11.18 15.69 -76.44
CA GLY E 152 9.96 15.08 -75.96
C GLY E 152 9.62 15.41 -74.53
N THR E 153 9.76 16.68 -74.13
CA THR E 153 9.50 17.13 -72.78
C THR E 153 8.43 18.21 -72.78
N ALA E 154 7.73 18.33 -71.66
CA ALA E 154 6.64 19.28 -71.53
C ALA E 154 6.58 19.80 -70.11
N ALA E 155 5.80 20.86 -69.92
CA ALA E 155 5.65 21.50 -68.61
C ALA E 155 4.19 21.79 -68.33
N LEU E 156 3.76 21.48 -67.12
CA LEU E 156 2.38 21.72 -66.69
C LEU E 156 2.40 22.16 -65.23
N GLY E 157 1.33 22.80 -64.80
CA GLY E 157 1.27 23.27 -63.43
C GLY E 157 -0.07 23.80 -63.03
N CYS E 158 -0.05 24.61 -61.96
CA CYS E 158 -1.26 25.18 -61.36
C CYS E 158 -0.98 26.63 -60.96
N LEU E 159 -1.97 27.50 -61.18
CA LEU E 159 -1.86 28.92 -60.90
C LEU E 159 -2.65 29.26 -59.65
N VAL E 160 -1.99 29.91 -58.69
CA VAL E 160 -2.60 30.30 -57.43
C VAL E 160 -2.77 31.82 -57.47
N LYS E 161 -4.02 32.28 -57.60
CA LYS E 161 -4.30 33.69 -57.86
C LYS E 161 -5.05 34.32 -56.69
N ASP E 162 -4.63 35.53 -56.32
CA ASP E 162 -5.34 36.36 -55.34
C ASP E 162 -5.54 35.66 -54.01
N TYR E 163 -4.48 35.56 -53.21
CA TYR E 163 -4.58 35.05 -51.85
C TYR E 163 -3.90 36.03 -50.89
N PHE E 164 -4.23 35.87 -49.61
CA PHE E 164 -3.66 36.72 -48.58
C PHE E 164 -3.92 36.12 -47.20
N PRO E 165 -2.88 36.09 -46.34
CA PRO E 165 -1.52 36.51 -46.66
C PRO E 165 -0.62 35.37 -47.10
N GLU E 166 0.68 35.61 -47.18
CA GLU E 166 1.66 34.55 -47.37
C GLU E 166 1.68 33.68 -46.13
N PRO E 167 2.07 32.40 -46.27
CA PRO E 167 2.46 31.72 -47.51
C PRO E 167 1.43 30.72 -48.02
N VAL E 168 1.73 30.13 -49.18
CA VAL E 168 0.96 29.01 -49.73
C VAL E 168 1.96 27.90 -50.08
N THR E 169 1.62 26.67 -49.72
CA THR E 169 2.44 25.52 -50.00
C THR E 169 1.77 24.66 -51.07
N VAL E 170 2.58 24.12 -51.99
CA VAL E 170 2.09 23.30 -53.08
C VAL E 170 2.90 22.01 -53.12
N SER E 171 2.20 20.88 -53.20
CA SER E 171 2.83 19.58 -53.38
C SER E 171 2.16 18.86 -54.53
N TRP E 172 2.77 17.75 -54.96
CA TRP E 172 2.27 16.99 -56.10
C TRP E 172 2.13 15.53 -55.71
N ASN E 173 0.94 14.97 -55.95
CA ASN E 173 0.64 13.57 -55.69
C ASN E 173 0.89 13.21 -54.22
N SER E 174 0.45 14.09 -53.33
CA SER E 174 0.57 13.88 -51.89
C SER E 174 2.03 13.69 -51.48
N GLY E 175 2.92 14.41 -52.15
CA GLY E 175 4.34 14.36 -51.89
C GLY E 175 5.09 13.26 -52.60
N ALA E 176 4.41 12.44 -53.40
CA ALA E 176 5.11 11.38 -54.12
C ALA E 176 5.91 11.93 -55.30
N LEU E 177 5.49 13.07 -55.85
CA LEU E 177 6.17 13.69 -56.98
C LEU E 177 6.98 14.89 -56.47
N THR E 178 8.31 14.73 -56.42
CA THR E 178 9.19 15.82 -56.02
C THR E 178 10.18 16.21 -57.09
N SER E 179 10.50 15.31 -58.01
CA SER E 179 11.47 15.60 -59.06
C SER E 179 10.84 16.47 -60.15
N GLY E 180 11.61 17.45 -60.61
CA GLY E 180 11.16 18.32 -61.68
C GLY E 180 10.19 19.40 -61.26
N VAL E 181 10.03 19.64 -59.96
CA VAL E 181 9.09 20.63 -59.46
C VAL E 181 9.78 21.99 -59.39
N HIS E 182 9.09 23.02 -59.84
CA HIS E 182 9.61 24.39 -59.85
C HIS E 182 8.51 25.32 -59.37
N THR E 183 8.64 25.83 -58.15
CA THR E 183 7.67 26.74 -57.55
C THR E 183 8.24 28.16 -57.57
N PHE E 184 7.43 29.11 -58.07
CA PHE E 184 7.86 30.48 -58.29
C PHE E 184 7.40 31.40 -57.15
N PRO E 185 8.20 32.42 -56.83
CA PRO E 185 7.80 33.37 -55.79
C PRO E 185 6.52 34.12 -56.16
N ALA E 186 5.87 34.65 -55.14
CA ALA E 186 4.59 35.32 -55.32
C ALA E 186 4.78 36.75 -55.82
N VAL E 187 3.74 37.27 -56.44
CA VAL E 187 3.71 38.65 -56.92
C VAL E 187 2.90 39.48 -55.94
N LEU E 188 3.28 40.75 -55.80
CA LEU E 188 2.62 41.67 -54.88
C LEU E 188 1.83 42.68 -55.71
N GLN E 189 0.53 42.41 -55.87
CA GLN E 189 -0.33 43.30 -56.65
C GLN E 189 -0.51 44.63 -55.92
N SER E 190 -1.00 45.61 -56.68
CA SER E 190 -1.28 46.92 -56.09
C SER E 190 -2.43 46.85 -55.09
N SER E 191 -3.26 45.83 -55.17
CA SER E 191 -4.38 45.68 -54.25
C SER E 191 -3.96 45.18 -52.87
N GLY E 192 -2.77 44.61 -52.76
CA GLY E 192 -2.30 44.04 -51.51
C GLY E 192 -2.42 42.53 -51.40
N LEU E 193 -2.88 41.86 -52.44
CA LEU E 193 -3.03 40.41 -52.45
C LEU E 193 -1.92 39.78 -53.27
N TYR E 194 -1.56 38.55 -52.91
CA TYR E 194 -0.47 37.83 -53.55
C TYR E 194 -0.98 36.84 -54.58
N SER E 195 -0.07 36.39 -55.44
CA SER E 195 -0.38 35.40 -56.46
C SER E 195 0.92 34.74 -56.90
N LEU E 196 0.89 33.42 -57.09
CA LEU E 196 2.09 32.70 -57.49
C LEU E 196 1.71 31.59 -58.46
N SER E 197 2.73 30.97 -59.05
CA SER E 197 2.54 29.87 -59.99
C SER E 197 3.52 28.75 -59.66
N SER E 198 3.13 27.53 -60.01
CA SER E 198 3.99 26.36 -59.81
C SER E 198 3.88 25.48 -61.04
N VAL E 199 5.04 25.02 -61.54
CA VAL E 199 5.11 24.25 -62.77
C VAL E 199 6.03 23.06 -62.56
N VAL E 200 5.74 21.96 -63.26
CA VAL E 200 6.54 20.75 -63.21
C VAL E 200 6.83 20.30 -64.64
N THR E 201 8.06 19.85 -64.88
CA THR E 201 8.48 19.39 -66.20
C THR E 201 8.50 17.86 -66.23
N VAL E 202 7.78 17.29 -67.19
CA VAL E 202 7.62 15.84 -67.30
C VAL E 202 7.79 15.42 -68.76
N PRO E 203 8.09 14.15 -68.99
CA PRO E 203 8.10 13.65 -70.37
C PRO E 203 6.70 13.69 -70.97
N SER E 204 6.65 14.02 -72.27
CA SER E 204 5.35 14.13 -72.94
C SER E 204 4.70 12.77 -73.12
N SER E 205 5.49 11.70 -73.17
CA SER E 205 4.93 10.36 -73.35
C SER E 205 4.17 9.88 -72.12
N SER E 206 4.41 10.48 -70.95
CA SER E 206 3.79 10.04 -69.71
C SER E 206 2.39 10.63 -69.61
N LEU E 207 1.43 9.93 -70.22
CA LEU E 207 0.02 10.34 -70.17
C LEU E 207 -0.91 9.22 -69.78
N GLY E 208 -0.49 7.96 -69.91
CA GLY E 208 -1.36 6.84 -69.64
C GLY E 208 -0.99 6.03 -68.43
N THR E 209 0.11 6.41 -67.76
CA THR E 209 0.62 5.64 -66.63
C THR E 209 0.76 6.45 -65.35
N GLN E 210 0.69 7.77 -65.39
CA GLN E 210 0.95 8.59 -64.22
C GLN E 210 -0.15 9.63 -64.04
N THR E 211 -0.61 9.79 -62.80
CA THR E 211 -1.59 10.80 -62.45
C THR E 211 -0.89 12.02 -61.86
N TYR E 212 -1.35 13.22 -62.25
CA TYR E 212 -0.74 14.46 -61.82
C TYR E 212 -1.79 15.29 -61.06
N ILE E 213 -1.59 15.45 -59.76
CA ILE E 213 -2.49 16.18 -58.90
C ILE E 213 -1.68 17.23 -58.14
N CYS E 214 -2.09 18.50 -58.23
CA CYS E 214 -1.47 19.57 -57.46
C CYS E 214 -2.30 19.86 -56.22
N ASN E 215 -1.66 19.81 -55.05
CA ASN E 215 -2.32 20.01 -53.77
C ASN E 215 -1.91 21.38 -53.22
N VAL E 216 -2.88 22.29 -53.14
CA VAL E 216 -2.63 23.66 -52.68
C VAL E 216 -3.15 23.79 -51.26
N ASN E 217 -2.29 24.27 -50.36
CA ASN E 217 -2.64 24.47 -48.96
C ASN E 217 -2.43 25.94 -48.61
N HIS E 218 -3.50 26.59 -48.15
CA HIS E 218 -3.44 27.95 -47.63
C HIS E 218 -3.93 27.88 -46.18
N LYS E 219 -3.01 27.58 -45.27
CA LYS E 219 -3.37 27.40 -43.87
C LYS E 219 -3.94 28.65 -43.19
N PRO E 220 -3.50 29.88 -43.49
CA PRO E 220 -4.15 31.05 -42.86
C PRO E 220 -5.66 31.09 -43.04
N SER E 221 -6.17 30.63 -44.18
CA SER E 221 -7.62 30.55 -44.39
C SER E 221 -8.15 29.14 -44.15
N ASN E 222 -7.28 28.20 -43.78
CA ASN E 222 -7.68 26.81 -43.52
C ASN E 222 -8.39 26.20 -44.72
N THR E 223 -7.80 26.37 -45.89
CA THR E 223 -8.35 25.88 -47.15
C THR E 223 -7.35 24.97 -47.84
N LYS E 224 -7.85 23.85 -48.35
CA LYS E 224 -7.09 22.94 -49.20
C LYS E 224 -7.78 22.81 -50.55
N VAL E 225 -6.98 22.73 -51.62
CA VAL E 225 -7.52 22.59 -52.96
C VAL E 225 -6.73 21.49 -53.67
N ASP E 226 -7.44 20.46 -54.14
CA ASP E 226 -6.84 19.37 -54.90
C ASP E 226 -7.33 19.47 -56.34
N LYS E 227 -6.48 19.98 -57.22
CA LYS E 227 -6.83 20.20 -58.61
C LYS E 227 -6.13 19.18 -59.50
N ARG E 228 -6.90 18.51 -60.35
CA ARG E 228 -6.36 17.59 -61.35
C ARG E 228 -5.98 18.39 -62.60
N VAL E 229 -4.72 18.31 -62.98
CA VAL E 229 -4.22 19.03 -64.15
C VAL E 229 -4.57 18.23 -65.40
N GLU E 230 -5.40 18.80 -66.25
CA GLU E 230 -5.79 18.13 -67.49
C GLU E 230 -4.58 18.02 -68.40
N PRO E 231 -4.19 16.82 -68.84
CA PRO E 231 -2.93 16.65 -69.58
C PRO E 231 -3.02 16.93 -71.07
N LYS E 232 -4.21 17.25 -71.60
CA LYS E 232 -4.36 17.49 -73.02
C LYS E 232 -3.92 18.92 -73.35
N SER E 233 -2.88 19.04 -74.17
CA SER E 233 -2.27 20.33 -74.46
C SER E 233 -2.86 20.95 -75.71
N CYS E 234 -2.75 22.28 -75.79
CA CYS E 234 -3.17 23.05 -76.95
C CYS E 234 -1.99 23.59 -77.75
N ASP E 235 -0.76 23.35 -77.30
CA ASP E 235 0.43 23.81 -78.00
C ASP E 235 0.69 22.95 -79.22
N LYS E 236 0.85 23.61 -80.38
CA LYS E 236 1.07 22.89 -81.63
C LYS E 236 2.40 22.15 -81.62
N GLY E 237 3.47 22.80 -81.14
CA GLY E 237 4.76 22.14 -81.07
C GLY E 237 4.73 20.89 -80.22
N LEU E 238 3.88 20.86 -79.20
CA LEU E 238 3.70 19.65 -78.40
C LEU E 238 2.70 18.70 -79.04
N GLU E 239 1.74 19.23 -79.81
CA GLU E 239 0.80 18.38 -80.53
C GLU E 239 1.50 17.45 -81.50
N VAL E 240 2.61 17.90 -82.09
CA VAL E 240 3.36 17.09 -83.05
C VAL E 240 3.92 15.84 -82.39
N SER F 2 22.16 50.70 -39.35
CA SER F 2 23.08 50.05 -38.42
C SER F 2 24.43 50.75 -38.40
N VAL F 3 25.06 50.79 -37.22
CA VAL F 3 26.36 51.42 -37.08
C VAL F 3 27.53 50.55 -37.51
N LEU F 4 27.28 49.26 -37.79
CA LEU F 4 28.31 48.34 -38.26
C LEU F 4 28.22 48.26 -39.78
N THR F 5 29.21 48.84 -40.45
CA THR F 5 29.17 49.02 -41.90
C THR F 5 29.99 47.95 -42.61
N GLN F 6 29.41 47.37 -43.66
CA GLN F 6 30.12 46.47 -44.56
C GLN F 6 30.19 47.10 -45.94
N SER F 7 31.08 46.55 -46.77
CA SER F 7 31.12 46.96 -48.18
C SER F 7 29.82 46.56 -48.86
N ALA F 8 29.17 47.53 -49.50
CA ALA F 8 27.84 47.29 -50.08
C ALA F 8 27.90 46.22 -51.17
N SER F 9 28.96 46.22 -51.97
CA SER F 9 29.08 45.25 -53.04
C SER F 9 30.55 44.90 -53.24
N VAL F 10 30.80 43.67 -53.65
CA VAL F 10 32.14 43.21 -53.99
C VAL F 10 32.00 42.12 -55.04
N SER F 11 33.04 41.95 -55.86
CA SER F 11 33.00 40.99 -56.95
C SER F 11 34.34 40.28 -57.06
N GLY F 12 34.29 39.01 -57.45
CA GLY F 12 35.47 38.22 -57.68
C GLY F 12 35.22 37.24 -58.80
N SER F 13 36.31 36.80 -59.43
CA SER F 13 36.21 35.90 -60.57
C SER F 13 36.18 34.45 -60.11
N LEU F 14 35.70 33.58 -61.00
CA LEU F 14 35.64 32.15 -60.72
C LEU F 14 37.03 31.60 -60.47
N GLY F 15 37.15 30.76 -59.46
CA GLY F 15 38.44 30.20 -59.08
C GLY F 15 39.37 31.17 -58.37
N GLN F 16 38.93 32.40 -58.11
CA GLN F 16 39.74 33.42 -57.48
C GLN F 16 39.29 33.59 -56.03
N SER F 17 39.76 34.67 -55.39
CA SER F 17 39.39 34.99 -54.02
C SER F 17 38.71 36.35 -53.98
N VAL F 18 38.07 36.64 -52.85
CA VAL F 18 37.36 37.90 -52.65
C VAL F 18 37.33 38.19 -51.16
N THR F 19 37.35 39.48 -50.80
CA THR F 19 37.43 39.91 -49.42
C THR F 19 36.29 40.88 -49.11
N ILE F 20 35.60 40.64 -47.99
CA ILE F 20 34.53 41.50 -47.51
C ILE F 20 35.02 42.21 -46.26
N SER F 21 34.70 43.51 -46.15
CA SER F 21 35.13 44.31 -45.02
C SER F 21 33.98 44.51 -44.04
N CYS F 22 34.35 44.88 -42.81
CA CYS F 22 33.38 45.03 -41.73
C CYS F 22 34.01 45.97 -40.70
N THR F 23 33.52 47.21 -40.64
CA THR F 23 34.09 48.20 -39.73
C THR F 23 32.99 49.09 -39.18
N GLY F 24 33.35 49.91 -38.19
CA GLY F 24 32.42 50.82 -37.57
C GLY F 24 33.09 51.61 -36.46
N PRO F 25 32.29 52.36 -35.69
CA PRO F 25 32.86 53.13 -34.58
C PRO F 25 33.51 52.24 -33.54
N ASN F 26 34.37 52.86 -32.72
CA ASN F 26 35.03 52.13 -31.64
C ASN F 26 34.04 51.60 -30.61
N SER F 27 32.84 52.19 -30.53
CA SER F 27 31.82 51.70 -29.62
C SER F 27 31.32 50.31 -30.01
N VAL F 28 31.53 49.89 -31.25
CA VAL F 28 31.16 48.56 -31.70
C VAL F 28 32.34 47.76 -32.23
N CYS F 29 33.51 48.36 -32.42
CA CYS F 29 34.53 47.65 -33.18
C CYS F 29 35.79 47.17 -32.46
N CYS F 30 36.71 46.72 -33.30
CA CYS F 30 37.31 45.39 -33.26
C CYS F 30 38.17 44.88 -32.09
N SER F 31 38.98 45.73 -31.46
CA SER F 31 39.99 45.24 -30.51
C SER F 31 39.34 44.41 -29.40
N HIS F 32 38.30 44.94 -28.76
CA HIS F 32 37.69 44.31 -27.60
C HIS F 32 36.41 43.56 -27.94
N LYS F 33 36.13 43.32 -29.22
CA LYS F 33 34.92 42.61 -29.63
C LYS F 33 35.27 41.52 -30.62
N SER F 34 34.72 40.32 -30.38
CA SER F 34 34.86 39.25 -31.35
C SER F 34 33.95 39.50 -32.54
N ILE F 35 34.35 38.99 -33.70
CA ILE F 35 33.62 39.18 -34.95
C ILE F 35 33.29 37.81 -35.52
N SER F 36 32.04 37.65 -35.98
CA SER F 36 31.59 36.43 -36.61
C SER F 36 31.01 36.76 -37.98
N TRP F 37 31.00 35.75 -38.85
CA TRP F 37 30.50 35.92 -40.22
C TRP F 37 29.43 34.88 -40.51
N TYR F 38 28.42 35.29 -41.27
CA TYR F 38 27.29 34.43 -41.62
C TYR F 38 27.00 34.55 -43.11
N GLN F 39 26.67 33.42 -43.72
CA GLN F 39 26.13 33.38 -45.07
C GLN F 39 24.62 33.28 -44.99
N TRP F 40 23.92 34.21 -45.63
CA TRP F 40 22.48 34.38 -45.44
C TRP F 40 21.79 34.57 -46.80
N PRO F 41 21.46 33.48 -47.47
CA PRO F 41 20.68 33.58 -48.71
C PRO F 41 19.28 34.09 -48.42
N PRO F 42 18.74 34.97 -49.27
CA PRO F 42 17.40 35.50 -49.03
C PRO F 42 16.35 34.39 -49.04
N GLY F 43 15.42 34.48 -48.10
CA GLY F 43 14.35 33.50 -47.99
C GLY F 43 14.72 32.19 -47.36
N ARG F 44 15.93 32.06 -46.82
CA ARG F 44 16.38 30.82 -46.21
C ARG F 44 17.09 31.12 -44.90
N ALA F 45 17.33 30.06 -44.12
CA ALA F 45 18.03 30.19 -42.85
C ALA F 45 19.54 30.34 -43.09
N PRO F 46 20.21 31.17 -42.30
CA PRO F 46 21.64 31.42 -42.53
C PRO F 46 22.51 30.26 -42.07
N THR F 47 23.80 30.38 -42.36
CA THR F 47 24.80 29.39 -41.98
C THR F 47 26.00 30.11 -41.41
N LEU F 48 26.44 29.68 -40.22
CA LEU F 48 27.62 30.26 -39.60
C LEU F 48 28.87 29.71 -40.26
N ILE F 49 29.72 30.60 -40.75
CA ILE F 49 30.98 30.21 -41.38
C ILE F 49 32.18 30.50 -40.49
N ILE F 50 32.13 31.60 -39.73
CA ILE F 50 33.29 32.12 -39.02
C ILE F 50 32.86 32.68 -37.67
N TYR F 51 33.59 32.34 -36.61
CA TYR F 51 33.34 32.91 -35.29
C TYR F 51 34.66 33.24 -34.61
N GLU F 52 34.63 34.23 -33.73
CA GLU F 52 35.83 34.65 -33.04
C GLU F 52 36.94 35.04 -34.01
N ASP F 53 36.60 35.78 -35.07
CA ASP F 53 37.62 36.10 -36.06
C ASP F 53 38.06 34.78 -36.70
N ASN F 54 39.31 34.41 -36.57
CA ASN F 54 39.93 33.49 -37.50
C ASN F 54 39.18 32.16 -37.52
N GLU F 55 38.71 31.74 -36.35
CA GLU F 55 38.32 30.37 -36.07
C GLU F 55 37.00 30.08 -36.79
N ARG F 56 37.03 29.12 -37.70
CA ARG F 56 35.86 28.80 -38.50
C ARG F 56 35.01 27.73 -37.83
N ALA F 57 33.70 27.77 -38.11
CA ALA F 57 32.72 26.86 -37.55
C ALA F 57 32.98 25.42 -38.03
N PRO F 58 32.42 24.43 -37.32
CA PRO F 58 32.66 23.03 -37.72
C PRO F 58 32.18 22.74 -39.13
N GLY F 59 32.95 21.91 -39.84
CA GLY F 59 32.62 21.49 -41.18
C GLY F 59 32.84 22.52 -42.27
N ILE F 60 33.21 23.76 -41.91
CA ILE F 60 33.41 24.81 -42.89
C ILE F 60 34.67 24.52 -43.70
N SER F 61 34.58 24.72 -45.00
CA SER F 61 35.71 24.45 -45.89
C SER F 61 36.88 25.38 -45.58
N PRO F 62 38.12 24.92 -45.80
CA PRO F 62 39.29 25.79 -45.61
C PRO F 62 39.36 26.94 -46.60
N ARG F 63 38.46 27.01 -47.58
CA ARG F 63 38.43 28.16 -48.48
C ARG F 63 38.11 29.45 -47.75
N PHE F 64 37.44 29.37 -46.60
CA PHE F 64 37.03 30.54 -45.85
C PHE F 64 38.07 30.86 -44.78
N SER F 65 38.40 32.15 -44.65
CA SER F 65 39.36 32.60 -43.66
C SER F 65 38.93 33.96 -43.13
N GLY F 66 39.28 34.23 -41.89
CA GLY F 66 38.95 35.49 -41.25
C GLY F 66 40.21 36.20 -40.77
N TYR F 67 40.12 37.52 -40.69
CA TYR F 67 41.22 38.35 -40.22
C TYR F 67 40.65 39.65 -39.67
N LYS F 68 41.12 40.05 -38.49
CA LYS F 68 40.62 41.25 -37.82
C LYS F 68 41.80 42.15 -37.49
N SER F 69 41.75 43.39 -37.96
CA SER F 69 42.73 44.40 -37.61
C SER F 69 42.17 45.29 -36.49
N TYR F 70 42.97 46.26 -36.08
CA TYR F 70 42.53 47.16 -35.01
C TYR F 70 41.37 48.04 -35.45
N TRP F 71 41.28 48.35 -36.75
CA TRP F 71 40.26 49.26 -37.24
C TRP F 71 39.14 48.58 -38.03
N SER F 72 39.39 47.37 -38.55
CA SER F 72 38.36 46.71 -39.35
C SER F 72 38.63 45.20 -39.36
N ALA F 73 37.59 44.46 -39.72
CA ALA F 73 37.67 43.00 -39.88
C ALA F 73 37.41 42.63 -41.34
N TYR F 74 37.89 41.45 -41.71
CA TYR F 74 37.80 41.01 -43.10
C TYR F 74 37.43 39.53 -43.16
N LEU F 75 36.73 39.16 -44.24
CA LEU F 75 36.38 37.78 -44.54
C LEU F 75 36.80 37.46 -45.96
N THR F 76 37.60 36.42 -46.13
CA THR F 76 38.16 36.04 -47.43
C THR F 76 37.58 34.71 -47.87
N ILE F 77 37.01 34.69 -49.08
CA ILE F 77 36.46 33.48 -49.68
C ILE F 77 37.34 33.14 -50.87
N SER F 78 38.03 32.00 -50.80
CA SER F 78 38.91 31.54 -51.85
C SER F 78 38.23 30.47 -52.69
N ASP F 79 38.71 30.31 -53.93
CA ASP F 79 38.22 29.32 -54.87
C ASP F 79 36.70 29.42 -55.01
N LEU F 80 36.26 30.58 -55.51
CA LEU F 80 34.84 30.93 -55.53
C LEU F 80 34.04 29.92 -56.35
N ARG F 81 32.85 29.61 -55.86
CA ARG F 81 31.93 28.66 -56.47
C ARG F 81 30.63 29.38 -56.81
N PRO F 82 29.76 28.77 -57.63
CA PRO F 82 28.44 29.41 -57.87
C PRO F 82 27.62 29.60 -56.61
N GLU F 83 27.70 28.67 -55.66
CA GLU F 83 26.90 28.80 -54.45
C GLU F 83 27.43 29.88 -53.52
N ASP F 84 28.67 30.32 -53.71
CA ASP F 84 29.21 31.40 -52.89
C ASP F 84 28.63 32.76 -53.27
N GLU F 85 27.92 32.86 -54.39
CA GLU F 85 27.34 34.11 -54.85
C GLU F 85 26.04 34.35 -54.07
N THR F 86 26.14 35.12 -52.98
CA THR F 86 24.98 35.44 -52.15
C THR F 86 25.28 36.60 -51.23
N THR F 87 24.49 36.76 -50.17
CA THR F 87 24.62 37.85 -49.22
C THR F 87 25.32 37.36 -47.96
N TYR F 88 26.20 38.21 -47.40
CA TYR F 88 26.98 37.87 -46.22
C TYR F 88 26.85 38.98 -45.19
N TYR F 89 26.79 38.59 -43.90
CA TYR F 89 26.70 39.52 -42.79
C TYR F 89 27.78 39.22 -41.77
N CYS F 90 28.32 40.27 -41.16
CA CYS F 90 29.19 40.14 -39.99
C CYS F 90 28.42 40.54 -38.74
N CYS F 91 28.91 40.06 -37.59
CA CYS F 91 28.34 40.43 -36.29
C CYS F 91 29.46 40.73 -35.30
N SER F 92 29.24 41.75 -34.49
CA SER F 92 30.14 42.12 -33.41
C SER F 92 29.50 41.73 -32.08
N TYR F 93 30.26 41.07 -31.22
CA TYR F 93 29.69 40.52 -30.00
C TYR F 93 30.78 40.34 -28.95
N THR F 94 30.34 40.24 -27.70
CA THR F 94 31.19 39.77 -26.61
C THR F 94 30.48 38.60 -25.93
N HIS F 95 31.00 38.15 -24.79
CA HIS F 95 30.45 36.93 -24.18
C HIS F 95 29.07 37.17 -23.57
N ASN F 96 28.84 38.35 -22.99
CA ASN F 96 27.58 38.63 -22.29
C ASN F 96 26.62 39.49 -23.10
N SER F 97 27.00 39.94 -24.30
CA SER F 97 26.20 40.87 -25.08
C SER F 97 25.88 40.26 -26.43
N GLY F 98 24.60 40.32 -26.80
CA GLY F 98 24.12 39.70 -28.02
C GLY F 98 24.69 40.27 -29.30
N CYS F 99 24.27 39.71 -30.44
CA CYS F 99 24.86 40.07 -31.72
C CYS F 99 24.45 41.47 -32.16
N VAL F 100 25.37 42.16 -32.83
CA VAL F 100 25.09 43.39 -33.56
C VAL F 100 25.42 43.10 -35.02
N PHE F 101 24.39 43.01 -35.86
CA PHE F 101 24.58 42.62 -37.25
C PHE F 101 25.05 43.80 -38.09
N GLY F 102 25.81 43.48 -39.15
CA GLY F 102 26.29 44.47 -40.08
C GLY F 102 25.25 44.84 -41.12
N THR F 103 25.66 45.74 -42.02
CA THR F 103 24.75 46.25 -43.04
C THR F 103 24.58 45.29 -44.21
N GLY F 104 25.48 44.34 -44.38
CA GLY F 104 25.31 43.32 -45.40
C GLY F 104 26.18 43.56 -46.62
N THR F 105 26.55 42.47 -47.28
CA THR F 105 27.37 42.52 -48.48
C THR F 105 26.88 41.46 -49.45
N LYS F 106 26.62 41.88 -50.69
CA LYS F 106 26.22 40.97 -51.75
C LYS F 106 27.43 40.67 -52.64
N VAL F 107 27.74 39.38 -52.79
CA VAL F 107 28.92 38.93 -53.52
C VAL F 107 28.50 38.46 -54.90
N SER F 108 29.18 38.97 -55.92
CA SER F 108 28.96 38.55 -57.30
C SER F 108 30.19 37.81 -57.80
N VAL F 109 29.98 36.67 -58.45
CA VAL F 109 31.06 35.83 -58.96
C VAL F 109 31.13 36.03 -60.47
N LEU F 110 32.19 36.67 -60.94
CA LEU F 110 32.36 36.91 -62.35
C LEU F 110 33.01 35.71 -63.03
N GLY F 111 33.00 35.73 -64.36
CA GLY F 111 33.64 34.67 -65.10
C GLY F 111 32.83 33.40 -65.22
N GLN F 112 31.54 33.46 -64.91
CA GLN F 112 30.69 32.29 -65.02
C GLN F 112 30.12 32.17 -66.43
N SER F 113 29.77 30.94 -66.79
CA SER F 113 29.18 30.68 -68.09
C SER F 113 27.76 31.22 -68.18
N LYS F 114 27.36 31.60 -69.39
CA LYS F 114 26.03 32.14 -69.62
C LYS F 114 25.00 31.03 -69.65
N ALA F 115 23.81 31.33 -69.13
CA ALA F 115 22.67 30.41 -69.14
C ALA F 115 21.53 31.06 -69.91
N ASN F 116 20.97 30.34 -70.87
CA ASN F 116 19.95 30.90 -71.74
C ASN F 116 18.62 30.98 -71.00
N PRO F 117 17.85 32.05 -71.22
CA PRO F 117 16.58 32.20 -70.49
C PRO F 117 15.51 31.27 -71.03
N SER F 118 14.68 30.76 -70.12
CA SER F 118 13.51 29.95 -70.43
C SER F 118 12.27 30.81 -70.20
N VAL F 119 11.46 30.99 -71.24
CA VAL F 119 10.30 31.86 -71.19
C VAL F 119 9.06 31.05 -71.52
N THR F 120 8.02 31.20 -70.70
CA THR F 120 6.75 30.53 -70.92
C THR F 120 5.62 31.49 -70.58
N LEU F 121 4.64 31.60 -71.48
CA LEU F 121 3.53 32.52 -71.32
C LEU F 121 2.22 31.74 -71.30
N PHE F 122 1.39 31.98 -70.27
CA PHE F 122 0.11 31.31 -70.13
C PHE F 122 -1.05 32.30 -70.28
N PRO F 123 -2.11 31.90 -70.97
CA PRO F 123 -3.29 32.77 -71.11
C PRO F 123 -4.20 32.64 -69.91
N PRO F 124 -5.24 33.46 -69.81
CA PRO F 124 -6.21 33.27 -68.72
C PRO F 124 -7.09 32.06 -68.97
N SER F 125 -7.47 31.39 -67.90
CA SER F 125 -8.30 30.21 -68.01
C SER F 125 -9.74 30.59 -68.32
N SER F 126 -10.49 29.64 -68.89
CA SER F 126 -11.90 29.88 -69.17
C SER F 126 -12.69 30.07 -67.87
N GLU F 127 -12.28 29.38 -66.81
CA GLU F 127 -12.89 29.61 -65.50
C GLU F 127 -12.63 31.02 -65.02
N GLU F 128 -11.47 31.59 -65.39
CA GLU F 128 -11.12 32.94 -65.00
C GLU F 128 -11.85 33.98 -65.85
N LEU F 129 -11.98 33.71 -67.16
CA LEU F 129 -12.76 34.60 -68.02
C LEU F 129 -14.22 34.68 -67.60
N GLN F 130 -14.72 33.67 -66.90
CA GLN F 130 -16.09 33.68 -66.40
C GLN F 130 -16.27 34.66 -65.24
N ALA F 131 -15.20 34.98 -64.52
CA ALA F 131 -15.27 35.59 -63.19
C ALA F 131 -15.91 36.99 -63.02
N ASN F 132 -15.66 37.97 -63.89
CA ASN F 132 -14.89 37.88 -65.12
C ASN F 132 -13.64 38.76 -65.10
N LYS F 133 -12.47 38.12 -65.07
CA LYS F 133 -11.19 38.82 -65.14
C LYS F 133 -10.30 38.10 -66.15
N ALA F 134 -9.10 38.64 -66.35
CA ALA F 134 -8.16 38.06 -67.31
C ALA F 134 -6.75 38.40 -66.88
N THR F 135 -5.92 37.38 -66.67
CA THR F 135 -4.54 37.57 -66.24
C THR F 135 -3.62 36.71 -67.11
N LEU F 136 -2.67 37.36 -67.78
CA LEU F 136 -1.62 36.67 -68.49
C LEU F 136 -0.43 36.48 -67.56
N VAL F 137 0.18 35.30 -67.62
CA VAL F 137 1.26 34.92 -66.73
C VAL F 137 2.49 34.58 -67.56
N CYS F 138 3.58 35.31 -67.34
CA CYS F 138 4.83 35.11 -68.07
C CYS F 138 5.88 34.66 -67.05
N LEU F 139 6.32 33.40 -67.17
CA LEU F 139 7.25 32.79 -66.23
C LEU F 139 8.62 32.69 -66.89
N ILE F 140 9.66 33.08 -66.14
CA ILE F 140 11.03 33.13 -66.64
C ILE F 140 11.92 32.39 -65.66
N SER F 141 12.81 31.54 -66.18
CA SER F 141 13.64 30.70 -65.32
C SER F 141 14.98 30.40 -65.99
N ASP F 142 15.95 30.03 -65.15
CA ASP F 142 17.23 29.49 -65.59
C ASP F 142 18.01 30.49 -66.44
N PHE F 143 18.03 31.76 -66.00
CA PHE F 143 18.80 32.79 -66.68
C PHE F 143 19.91 33.30 -65.78
N TYR F 144 21.00 33.72 -66.41
CA TYR F 144 22.15 34.27 -65.69
C TYR F 144 22.91 35.23 -66.61
N PRO F 145 23.32 36.40 -66.09
CA PRO F 145 23.18 36.93 -64.73
C PRO F 145 21.74 37.22 -64.30
N GLY F 146 21.56 37.52 -63.02
CA GLY F 146 20.23 37.67 -62.46
C GLY F 146 19.63 39.06 -62.59
N ALA F 147 19.24 39.44 -63.81
CA ALA F 147 18.60 40.72 -64.05
C ALA F 147 17.79 40.62 -65.34
N VAL F 148 16.53 41.06 -65.28
CA VAL F 148 15.64 41.01 -66.44
C VAL F 148 14.90 42.33 -66.56
N THR F 149 14.37 42.55 -67.76
CA THR F 149 13.38 43.60 -68.02
C THR F 149 12.27 42.99 -68.85
N VAL F 150 11.02 43.21 -68.44
CA VAL F 150 9.86 42.58 -69.06
C VAL F 150 8.97 43.67 -69.64
N ALA F 151 8.47 43.43 -70.85
CA ALA F 151 7.55 44.35 -71.52
C ALA F 151 6.37 43.57 -72.08
N TRP F 152 5.18 44.14 -71.96
CA TRP F 152 3.96 43.54 -72.48
C TRP F 152 3.45 44.35 -73.66
N LYS F 153 2.75 43.66 -74.58
CA LYS F 153 2.25 44.31 -75.77
C LYS F 153 0.84 43.82 -76.09
N ALA F 154 -0.02 44.75 -76.48
CA ALA F 154 -1.39 44.45 -76.90
C ALA F 154 -1.50 44.73 -78.39
N ASP F 155 -1.60 43.67 -79.19
CA ASP F 155 -1.59 43.77 -80.66
C ASP F 155 -0.33 44.49 -81.12
N SER F 156 0.82 43.95 -80.71
CA SER F 156 2.13 44.45 -81.05
C SER F 156 2.41 45.85 -80.52
N SER F 157 1.54 46.37 -79.66
CA SER F 157 1.71 47.71 -79.14
C SER F 157 1.76 47.70 -77.61
N PRO F 158 2.57 48.57 -77.00
CA PRO F 158 2.82 48.48 -75.56
C PRO F 158 1.55 48.50 -74.72
N VAL F 159 1.65 47.92 -73.53
CA VAL F 159 0.63 47.99 -72.49
C VAL F 159 1.25 48.63 -71.25
N LYS F 160 0.42 49.36 -70.50
CA LYS F 160 0.89 50.03 -69.30
C LYS F 160 -0.06 49.95 -68.12
N ALA F 161 -1.27 49.44 -68.28
CA ALA F 161 -2.25 49.35 -67.19
C ALA F 161 -2.36 47.90 -66.75
N GLY F 162 -2.14 47.66 -65.46
CA GLY F 162 -2.26 46.32 -64.92
C GLY F 162 -1.02 45.46 -65.04
N VAL F 163 0.15 46.07 -65.22
CA VAL F 163 1.40 45.33 -65.33
C VAL F 163 2.06 45.25 -63.96
N GLU F 164 2.38 44.03 -63.53
CA GLU F 164 3.07 43.80 -62.27
C GLU F 164 4.15 42.76 -62.49
N THR F 165 5.38 43.08 -62.10
CA THR F 165 6.52 42.20 -62.31
C THR F 165 7.27 42.00 -61.00
N THR F 166 7.65 40.76 -60.73
CA THR F 166 8.38 40.43 -59.51
C THR F 166 9.87 40.72 -59.66
N THR F 167 10.56 40.76 -58.53
CA THR F 167 12.00 40.82 -58.53
C THR F 167 12.59 39.47 -58.95
N PRO F 168 13.82 39.45 -59.45
CA PRO F 168 14.44 38.15 -59.76
C PRO F 168 14.76 37.37 -58.49
N SER F 169 14.64 36.05 -58.59
CA SER F 169 14.88 35.16 -57.47
C SER F 169 15.80 34.03 -57.90
N LYS F 170 16.61 33.55 -56.96
CA LYS F 170 17.62 32.54 -57.24
C LYS F 170 17.03 31.14 -57.13
N GLN F 171 17.29 30.31 -58.13
CA GLN F 171 16.87 28.92 -58.12
C GLN F 171 17.83 28.07 -57.29
N SER F 172 17.40 26.86 -56.96
CA SER F 172 18.24 25.96 -56.18
C SER F 172 19.51 25.58 -56.94
N ASN F 173 19.46 25.62 -58.27
CA ASN F 173 20.60 25.28 -59.10
C ASN F 173 21.49 26.48 -59.40
N ASN F 174 21.38 27.55 -58.61
CA ASN F 174 22.18 28.76 -58.69
C ASN F 174 21.95 29.55 -59.98
N LYS F 175 20.93 29.19 -60.76
CA LYS F 175 20.42 30.05 -61.81
C LYS F 175 19.35 30.96 -61.20
N TYR F 176 18.75 31.82 -62.00
CA TYR F 176 17.80 32.80 -61.49
C TYR F 176 16.43 32.63 -62.15
N ALA F 177 15.42 33.18 -61.50
CA ALA F 177 14.04 33.07 -61.96
C ALA F 177 13.28 34.34 -61.64
N ALA F 178 12.22 34.59 -62.40
CA ALA F 178 11.36 35.74 -62.20
C ALA F 178 10.03 35.49 -62.89
N SER F 179 9.05 36.36 -62.61
CA SER F 179 7.72 36.20 -63.17
C SER F 179 7.07 37.58 -63.32
N SER F 180 6.11 37.65 -64.25
CA SER F 180 5.39 38.88 -64.52
C SER F 180 3.93 38.56 -64.81
N TYR F 181 3.03 39.44 -64.37
CA TYR F 181 1.60 39.23 -64.53
C TYR F 181 0.98 40.46 -65.17
N LEU F 182 0.04 40.23 -66.09
CA LEU F 182 -0.69 41.31 -66.77
C LEU F 182 -2.18 41.12 -66.50
N SER F 183 -2.77 42.04 -65.75
CA SER F 183 -4.20 41.99 -65.46
C SER F 183 -4.97 42.78 -66.52
N LEU F 184 -6.07 42.19 -66.99
CA LEU F 184 -6.87 42.79 -68.03
C LEU F 184 -8.35 42.59 -67.73
N THR F 185 -9.18 43.38 -68.39
CA THR F 185 -10.61 43.15 -68.44
C THR F 185 -10.94 42.24 -69.62
N PRO F 186 -12.04 41.49 -69.56
CA PRO F 186 -12.35 40.55 -70.66
C PRO F 186 -12.55 41.23 -72.01
N GLU F 187 -12.90 42.51 -72.03
CA GLU F 187 -13.08 43.20 -73.31
C GLU F 187 -11.75 43.44 -74.00
N GLN F 188 -10.76 43.97 -73.25
CA GLN F 188 -9.42 44.14 -73.82
C GLN F 188 -8.85 42.84 -74.34
N TRP F 189 -9.09 41.74 -73.61
CA TRP F 189 -8.60 40.43 -74.02
C TRP F 189 -9.24 40.01 -75.35
N LYS F 190 -10.55 40.16 -75.47
CA LYS F 190 -11.24 39.69 -76.66
C LYS F 190 -11.13 40.65 -77.83
N SER F 191 -10.80 41.92 -77.60
CA SER F 191 -10.81 42.93 -78.64
C SER F 191 -9.49 43.03 -79.41
N HIS F 192 -8.54 42.13 -79.14
CA HIS F 192 -7.24 42.19 -79.78
C HIS F 192 -6.94 40.87 -80.48
N ARG F 193 -6.04 40.93 -81.46
CA ARG F 193 -5.65 39.74 -82.19
C ARG F 193 -4.63 38.90 -81.43
N SER F 194 -3.80 39.53 -80.59
CA SER F 194 -2.79 38.79 -79.85
C SER F 194 -2.24 39.66 -78.73
N TYR F 195 -1.65 39.01 -77.74
CA TYR F 195 -0.88 39.65 -76.68
C TYR F 195 0.51 39.02 -76.64
N SER F 196 1.50 39.79 -76.17
CA SER F 196 2.88 39.32 -76.22
C SER F 196 3.61 39.67 -74.93
N CYS F 197 4.49 38.78 -74.50
CA CYS F 197 5.41 39.00 -73.39
C CYS F 197 6.82 39.01 -73.95
N GLN F 198 7.52 40.13 -73.76
CA GLN F 198 8.88 40.29 -74.28
C GLN F 198 9.85 40.39 -73.10
N VAL F 199 10.79 39.45 -73.04
CA VAL F 199 11.81 39.41 -72.00
C VAL F 199 13.12 39.85 -72.63
N THR F 200 13.71 40.93 -72.09
CA THR F 200 14.89 41.55 -72.66
C THR F 200 16.09 41.31 -71.76
N HIS F 201 17.18 40.84 -72.35
CA HIS F 201 18.47 40.70 -71.67
C HIS F 201 19.53 41.40 -72.50
N GLU F 202 20.55 41.92 -71.84
CA GLU F 202 21.61 42.67 -72.50
C GLU F 202 22.26 41.89 -73.64
N GLY F 203 22.15 40.57 -73.65
CA GLY F 203 22.72 39.78 -74.70
C GLY F 203 21.74 39.28 -75.74
N SER F 204 20.48 39.14 -75.36
CA SER F 204 19.47 38.60 -76.27
C SER F 204 18.07 38.91 -75.73
N THR F 205 17.19 39.30 -76.64
CA THR F 205 15.80 39.56 -76.32
C THR F 205 14.93 38.45 -76.89
N VAL F 206 14.09 37.86 -76.04
CA VAL F 206 13.20 36.77 -76.42
C VAL F 206 11.77 37.28 -76.37
N GLU F 207 10.94 36.83 -77.31
CA GLU F 207 9.55 37.21 -77.38
C GLU F 207 8.67 35.96 -77.40
N LYS F 208 7.65 35.95 -76.55
CA LYS F 208 6.63 34.91 -76.54
C LYS F 208 5.26 35.55 -76.71
N THR F 209 4.43 34.94 -77.56
CA THR F 209 3.17 35.53 -77.96
C THR F 209 2.02 34.56 -77.77
N VAL F 210 0.90 35.06 -77.23
CA VAL F 210 -0.34 34.31 -77.17
C VAL F 210 -1.41 35.10 -77.90
N ALA F 211 -2.46 34.40 -78.32
CA ALA F 211 -3.55 35.06 -79.01
C ALA F 211 -4.88 34.58 -78.44
N PRO F 212 -5.84 35.48 -78.25
CA PRO F 212 -7.15 35.04 -77.74
C PRO F 212 -7.91 34.19 -78.71
N THR F 213 -7.54 34.21 -80.00
CA THR F 213 -8.29 33.47 -81.00
C THR F 213 -8.20 31.97 -80.74
N GLU F 214 -7.00 31.47 -80.47
CA GLU F 214 -6.81 30.04 -80.27
C GLU F 214 -6.54 29.72 -78.80
#